data_9OSR
#
_entry.id   9OSR
#
_cell.length_a   1.00
_cell.length_b   1.00
_cell.length_c   1.00
_cell.angle_alpha   90.00
_cell.angle_beta   90.00
_cell.angle_gamma   90.00
#
_symmetry.space_group_name_H-M   'P 1'
#
loop_
_entity.id
_entity.type
_entity.pdbx_description
1 polymer Neuraminidase
2 polymer 'Variable domain of the heavy chain of Fab hb420'
3 polymer 'Variable domain of the light chain of Fab HB420'
#
loop_
_entity_poly.entity_id
_entity_poly.type
_entity_poly.pdbx_seq_one_letter_code
_entity_poly.pdbx_strand_id
1 'polypeptide(L)'
;AEYRNWSKPQCNITGFAPFSKDNSIRLSAGGDIWVTREPYVSCDPDKCYQFALGQGTTLNNGHSNDTVHDRTPYRTLLMN
ELGVPFHLGTKQVCIAWSSSSCHDGKAWLHVCVTGDDENATASFIYNGRLVDSIGSWSKKILRTQESECVCINGTCTVVM
TDGSASGKADTKILFIEEGKIVHTSPLSGSAQHVEECSCYPRYPGVRCVCRDNWKGSNRPIVDINVKDYSIVSSYVCSGL
VGDTPRKNDSSSSSHCLDPNNEEGGHGVKGWAFDDGNDVWMGRTISEKLRSGYETFKVIEGWSKPNSKLQINRQVIVDRG
NRSGYSGIFSVEGKSCINRCFYVELIRGRKQETEVLWTSNSIVVFCGTSGTYGTGSWPDGADINLMPI
;
A,B,C,D
2 'polypeptide(L)'
;EVQLVESGAEVKKPGSSVKVSCMASGGSFGSYGFSWVRQAPGQGLEWMGGIIPLFDTPNYAQKFQGRVTITADASTSTVY
MELSSLRSEDTAVYYCARDSLPYGDQNYYYGMHVWGQGTTVTVSS
;
J,H,K,I
3 'polypeptide(L)'
;QSALTQPASLSGSPGQSITISCSGSSSDIGDYNYVSWYQQHPGKAPKLIIYDVTNRPSGVSDRLSGSKSGTTASLTISGL
QAEDEADYYCSSYGGNYNLVFGGGTKLTVL
;
N,L,R,M
#
# COMPACT_ATOMS: atom_id res chain seq x y z
N GLU A 2 -27.66 19.37 14.37
CA GLU A 2 -28.85 18.98 15.12
C GLU A 2 -28.74 17.53 15.60
N TYR A 3 -29.37 17.24 16.74
CA TYR A 3 -29.30 15.93 17.35
C TYR A 3 -30.25 14.95 16.68
N ARG A 4 -29.97 13.66 16.87
CA ARG A 4 -30.83 12.61 16.35
C ARG A 4 -31.86 12.21 17.41
N ASN A 5 -33.12 12.13 16.99
CA ASN A 5 -34.21 11.75 17.88
C ASN A 5 -34.73 10.34 17.66
N TRP A 6 -34.54 9.78 16.45
CA TRP A 6 -35.05 8.45 16.10
C TRP A 6 -36.55 8.36 16.33
N SER A 7 -37.27 9.42 15.98
CA SER A 7 -38.68 9.57 16.32
C SER A 7 -39.57 9.30 15.11
N LYS A 8 -39.18 8.32 14.30
CA LYS A 8 -39.98 7.84 13.18
C LYS A 8 -40.42 6.41 13.47
N PRO A 9 -41.52 5.97 12.88
CA PRO A 9 -41.96 4.58 13.10
C PRO A 9 -40.99 3.58 12.48
N GLN A 10 -41.04 2.36 12.99
CA GLN A 10 -40.18 1.31 12.47
C GLN A 10 -40.66 0.86 11.10
N CYS A 11 -39.71 0.55 10.22
CA CYS A 11 -40.02 0.17 8.85
C CYS A 11 -40.72 -1.19 8.83
N ASN A 12 -41.50 -1.43 7.78
CA ASN A 12 -42.10 -2.73 7.53
C ASN A 12 -41.01 -3.68 7.04
N ILE A 13 -40.85 -4.80 7.74
CA ILE A 13 -39.76 -5.73 7.49
C ILE A 13 -40.36 -7.09 7.14
N THR A 14 -40.16 -7.52 5.90
CA THR A 14 -40.50 -8.87 5.47
C THR A 14 -39.29 -9.79 5.39
N GLY A 15 -38.11 -9.28 5.72
CA GLY A 15 -36.89 -10.06 5.62
C GLY A 15 -35.68 -9.13 5.60
N PHE A 16 -34.58 -9.65 5.08
CA PHE A 16 -33.32 -8.93 5.02
C PHE A 16 -32.67 -9.14 3.67
N ALA A 17 -31.93 -8.14 3.21
CA ALA A 17 -31.29 -8.13 1.91
C ALA A 17 -29.81 -7.82 2.04
N PRO A 18 -28.98 -8.36 1.15
CA PRO A 18 -27.54 -8.11 1.24
C PRO A 18 -27.20 -6.63 1.07
N PHE A 19 -26.28 -6.16 1.88
CA PHE A 19 -25.94 -4.74 1.84
C PHE A 19 -24.44 -4.49 1.68
N SER A 20 -23.59 -5.27 2.34
CA SER A 20 -22.16 -5.01 2.26
C SER A 20 -21.38 -6.25 2.63
N LYS A 21 -20.17 -6.35 2.08
CA LYS A 21 -19.23 -7.41 2.42
C LYS A 21 -17.82 -6.88 2.34
N ASP A 22 -16.98 -7.26 3.30
CA ASP A 22 -15.57 -6.90 3.32
C ASP A 22 -14.77 -8.20 3.24
N ASN A 23 -14.15 -8.46 2.09
CA ASN A 23 -13.40 -9.68 1.88
C ASN A 23 -12.00 -9.54 2.47
N SER A 24 -11.91 -9.25 3.76
CA SER A 24 -10.63 -8.90 4.37
C SER A 24 -9.66 -10.07 4.36
N ILE A 25 -10.13 -11.27 4.70
CA ILE A 25 -9.25 -12.43 4.82
C ILE A 25 -8.77 -12.87 3.43
N ARG A 26 -9.65 -12.79 2.43
CA ARG A 26 -9.25 -13.07 1.06
C ARG A 26 -8.21 -12.06 0.58
N LEU A 27 -8.40 -10.79 0.94
CA LEU A 27 -7.48 -9.75 0.50
C LEU A 27 -6.17 -9.77 1.27
N SER A 28 -6.17 -10.28 2.50
CA SER A 28 -4.99 -10.25 3.37
C SER A 28 -3.92 -11.25 2.95
N ALA A 29 -4.24 -12.21 2.09
CA ALA A 29 -3.22 -13.14 1.63
C ALA A 29 -2.23 -12.46 0.68
N GLY A 30 -2.71 -11.50 -0.10
CA GLY A 30 -1.85 -10.74 -0.98
C GLY A 30 -1.90 -9.25 -0.69
N GLY A 31 -2.00 -8.88 0.59
CA GLY A 31 -2.08 -7.48 0.96
C GLY A 31 -1.82 -7.28 2.43
N ASP A 32 -1.70 -6.01 2.81
CA ASP A 32 -1.46 -5.63 4.20
C ASP A 32 -2.79 -5.21 4.82
N ILE A 33 -3.42 -6.15 5.52
CA ILE A 33 -4.72 -5.94 6.14
C ILE A 33 -4.59 -6.20 7.63
N TRP A 34 -5.26 -5.37 8.44
CA TRP A 34 -5.21 -5.51 9.89
C TRP A 34 -5.81 -6.84 10.33
N VAL A 35 -5.28 -7.37 11.43
CA VAL A 35 -5.90 -8.52 12.10
C VAL A 35 -6.89 -7.97 13.11
N THR A 36 -8.17 -8.32 12.92
CA THR A 36 -9.25 -7.71 13.69
C THR A 36 -10.17 -8.77 14.24
N ARG A 37 -10.89 -8.39 15.29
CA ARG A 37 -11.99 -9.17 15.82
C ARG A 37 -12.99 -8.23 16.46
N GLU A 38 -14.23 -8.71 16.61
CA GLU A 38 -15.35 -7.99 17.19
C GLU A 38 -15.63 -6.66 16.49
N PRO A 39 -16.12 -6.67 15.24
CA PRO A 39 -16.42 -5.41 14.57
C PRO A 39 -17.85 -4.97 14.81
N TYR A 40 -18.21 -3.80 14.29
CA TYR A 40 -19.60 -3.37 14.27
C TYR A 40 -19.75 -2.29 13.22
N VAL A 41 -21.00 -1.95 12.92
CA VAL A 41 -21.31 -0.93 11.92
C VAL A 41 -22.19 0.12 12.59
N SER A 42 -21.74 1.37 12.59
CA SER A 42 -22.54 2.49 13.08
C SER A 42 -22.64 3.52 11.97
N CYS A 43 -23.82 4.10 11.81
CA CYS A 43 -24.09 4.99 10.69
C CYS A 43 -24.31 6.40 11.19
N ASP A 44 -23.52 7.34 10.67
CA ASP A 44 -23.80 8.75 10.84
C ASP A 44 -24.90 9.15 9.85
N PRO A 45 -25.45 10.38 9.96
CA PRO A 45 -26.54 10.76 9.04
C PRO A 45 -26.19 10.69 7.55
N ASP A 46 -24.91 10.73 7.21
CA ASP A 46 -24.52 10.69 5.81
C ASP A 46 -24.30 9.26 5.31
N LYS A 47 -23.47 8.49 6.01
CA LYS A 47 -23.03 7.19 5.52
C LYS A 47 -22.98 6.21 6.69
N CYS A 48 -22.28 5.09 6.49
CA CYS A 48 -22.09 4.09 7.52
C CYS A 48 -20.61 3.75 7.65
N TYR A 49 -20.19 3.44 8.87
CA TYR A 49 -18.79 3.20 9.19
C TYR A 49 -18.65 1.85 9.88
N GLN A 50 -17.55 1.16 9.56
CA GLN A 50 -17.22 -0.11 10.18
C GLN A 50 -16.08 0.10 11.18
N PHE A 51 -16.21 -0.57 12.33
CA PHE A 51 -15.29 -0.43 13.45
C PHE A 51 -14.78 -1.81 13.83
N ALA A 52 -13.51 -1.88 14.20
CA ALA A 52 -12.94 -3.17 14.57
C ALA A 52 -11.96 -2.99 15.71
N LEU A 53 -11.69 -4.06 16.43
CA LEU A 53 -10.70 -4.05 17.51
C LEU A 53 -9.45 -4.74 16.98
N GLY A 54 -8.58 -3.97 16.33
CA GLY A 54 -7.38 -4.53 15.77
C GLY A 54 -6.34 -4.84 16.82
N GLN A 55 -5.44 -5.76 16.46
CA GLN A 55 -4.44 -6.31 17.37
C GLN A 55 -3.09 -5.62 17.19
N GLY A 56 -3.05 -4.49 16.51
CA GLY A 56 -1.79 -3.78 16.30
C GLY A 56 -0.82 -4.52 15.41
N THR A 57 -1.33 -5.25 14.43
CA THR A 57 -0.47 -5.99 13.50
C THR A 57 -1.27 -6.30 12.25
N THR A 58 -0.54 -6.59 11.17
CA THR A 58 -1.14 -7.07 9.93
C THR A 58 -1.13 -8.60 9.91
N LEU A 59 -1.77 -9.17 8.91
CA LEU A 59 -1.88 -10.63 8.83
C LEU A 59 -0.62 -11.27 8.26
N ASN A 60 -0.02 -10.70 7.23
CA ASN A 60 1.25 -11.19 6.70
C ASN A 60 2.39 -10.56 7.50
N ASN A 61 2.48 -10.99 8.75
CA ASN A 61 3.39 -10.39 9.71
C ASN A 61 3.80 -11.44 10.73
N GLY A 62 4.93 -11.19 11.39
CA GLY A 62 5.39 -12.07 12.44
C GLY A 62 4.65 -11.90 13.74
N HIS A 63 3.97 -10.78 13.93
CA HIS A 63 3.23 -10.50 15.15
C HIS A 63 1.81 -11.04 15.11
N SER A 64 1.44 -11.77 14.04
CA SER A 64 0.16 -12.45 14.00
C SER A 64 0.17 -13.74 14.80
N ASN A 65 1.33 -14.20 15.24
CA ASN A 65 1.41 -15.40 16.07
C ASN A 65 0.77 -15.15 17.43
N ASP A 66 -0.04 -16.12 17.86
CA ASP A 66 -0.74 -16.07 19.15
C ASP A 66 -1.61 -14.82 19.28
N THR A 67 -2.52 -14.67 18.32
CA THR A 67 -3.42 -13.53 18.25
C THR A 67 -4.77 -13.85 18.93
N VAL A 68 -4.94 -15.09 19.37
CA VAL A 68 -6.23 -15.54 19.92
C VAL A 68 -6.57 -14.78 21.21
N HIS A 69 -5.56 -14.18 21.85
CA HIS A 69 -5.80 -13.35 23.02
C HIS A 69 -6.61 -12.10 22.63
N ASP A 70 -7.50 -11.68 23.54
CA ASP A 70 -8.41 -10.58 23.25
C ASP A 70 -8.21 -9.36 24.13
N ARG A 71 -7.29 -9.40 25.10
CA ARG A 71 -7.03 -8.27 25.99
C ARG A 71 -5.53 -8.01 25.96
N THR A 72 -5.12 -7.10 25.08
CA THR A 72 -3.72 -6.82 24.79
C THR A 72 -3.55 -5.32 24.79
N PRO A 73 -2.40 -4.80 25.29
CA PRO A 73 -2.18 -3.36 25.27
C PRO A 73 -2.12 -2.74 23.88
N TYR A 74 -1.92 -3.53 22.83
CA TYR A 74 -1.76 -3.00 21.48
C TYR A 74 -3.05 -3.02 20.69
N ARG A 75 -4.16 -3.46 21.28
CA ARG A 75 -5.44 -3.45 20.60
C ARG A 75 -5.97 -2.02 20.47
N THR A 76 -6.40 -1.65 19.26
CA THR A 76 -6.90 -0.31 19.02
C THR A 76 -8.21 -0.39 18.23
N LEU A 77 -9.04 0.62 18.40
CA LEU A 77 -10.29 0.73 17.65
C LEU A 77 -10.01 1.34 16.29
N LEU A 78 -10.41 0.63 15.24
CA LEU A 78 -10.18 1.01 13.85
C LEU A 78 -11.49 1.47 13.23
N MET A 79 -11.47 2.66 12.64
CA MET A 79 -12.59 3.21 11.89
C MET A 79 -12.32 3.11 10.41
N ASN A 80 -13.38 2.83 9.64
CA ASN A 80 -13.29 2.93 8.19
C ASN A 80 -14.68 3.18 7.65
N GLU A 81 -14.73 3.68 6.41
CA GLU A 81 -16.00 3.71 5.70
C GLU A 81 -16.44 2.28 5.41
N LEU A 82 -17.75 2.05 5.44
CA LEU A 82 -18.26 0.71 5.24
C LEU A 82 -17.97 0.24 3.82
N GLY A 83 -17.28 -0.90 3.70
CA GLY A 83 -16.83 -1.43 2.44
C GLY A 83 -15.34 -1.26 2.21
N VAL A 84 -14.73 -0.27 2.85
CA VAL A 84 -13.28 -0.08 2.73
C VAL A 84 -12.59 -1.07 3.66
N PRO A 85 -11.68 -1.90 3.15
CA PRO A 85 -10.98 -2.85 4.01
C PRO A 85 -10.05 -2.14 4.98
N PHE A 86 -9.68 -2.87 6.04
CA PHE A 86 -8.81 -2.33 7.07
C PHE A 86 -7.36 -2.45 6.61
N HIS A 87 -6.94 -1.50 5.78
CA HIS A 87 -5.59 -1.45 5.25
C HIS A 87 -4.73 -0.53 6.13
N LEU A 88 -3.52 -0.22 5.66
CA LEU A 88 -2.57 0.55 6.44
C LEU A 88 -2.94 2.02 6.57
N GLY A 89 -3.94 2.50 5.85
CA GLY A 89 -4.34 3.88 5.91
C GLY A 89 -5.55 4.13 6.79
N THR A 90 -5.88 3.17 7.63
CA THR A 90 -7.01 3.33 8.54
C THR A 90 -6.62 4.20 9.73
N LYS A 91 -7.64 4.61 10.48
CA LYS A 91 -7.46 5.47 11.64
C LYS A 91 -7.70 4.68 12.93
N GLN A 92 -6.74 4.75 13.84
CA GLN A 92 -6.87 4.17 15.18
C GLN A 92 -7.38 5.27 16.11
N VAL A 93 -8.69 5.30 16.34
CA VAL A 93 -9.30 6.39 17.10
C VAL A 93 -9.00 6.33 18.59
N CYS A 94 -8.78 5.15 19.15
CA CYS A 94 -8.51 5.00 20.58
C CYS A 94 -7.85 3.65 20.81
N ILE A 95 -7.29 3.48 22.01
CA ILE A 95 -6.77 2.19 22.45
C ILE A 95 -7.90 1.49 23.19
N ALA A 96 -8.22 0.27 22.77
CA ALA A 96 -9.33 -0.46 23.38
C ALA A 96 -9.23 -1.94 23.04
N TRP A 97 -9.45 -2.78 24.06
CA TRP A 97 -9.84 -4.16 23.82
C TRP A 97 -11.34 -4.36 24.03
N SER A 98 -12.08 -3.27 24.24
CA SER A 98 -13.53 -3.25 24.31
C SER A 98 -13.98 -1.84 23.96
N SER A 99 -14.92 -1.71 23.03
CA SER A 99 -15.21 -0.39 22.50
C SER A 99 -16.67 -0.30 22.08
N SER A 100 -17.18 0.93 22.05
CA SER A 100 -18.54 1.21 21.60
C SER A 100 -18.56 2.58 20.94
N SER A 101 -19.15 2.67 19.76
CA SER A 101 -19.17 3.92 19.00
C SER A 101 -20.62 4.38 18.81
N CYS A 102 -20.82 5.70 18.83
CA CYS A 102 -22.15 6.30 18.80
C CYS A 102 -22.05 7.55 17.93
N HIS A 103 -23.12 7.84 17.19
CA HIS A 103 -23.23 9.17 16.59
C HIS A 103 -24.52 9.83 17.01
N ASP A 104 -24.41 11.02 17.59
CA ASP A 104 -25.55 11.76 18.12
C ASP A 104 -26.13 12.78 17.15
N GLY A 105 -25.61 12.84 15.92
CA GLY A 105 -26.03 13.81 14.93
C GLY A 105 -25.07 14.97 14.76
N LYS A 106 -24.21 15.20 15.75
CA LYS A 106 -23.22 16.26 15.66
C LYS A 106 -21.80 15.73 15.59
N ALA A 107 -21.46 14.69 16.34
CA ALA A 107 -20.11 14.18 16.39
C ALA A 107 -20.15 12.72 16.79
N TRP A 108 -18.97 12.13 16.95
CA TRP A 108 -18.83 10.73 17.34
C TRP A 108 -18.49 10.62 18.82
N LEU A 109 -18.95 9.55 19.44
CA LEU A 109 -18.61 9.21 20.82
C LEU A 109 -18.05 7.80 20.86
N HIS A 110 -16.87 7.66 21.43
CA HIS A 110 -16.20 6.36 21.55
C HIS A 110 -15.95 6.06 23.01
N VAL A 111 -16.44 4.91 23.46
CA VAL A 111 -16.14 4.37 24.78
C VAL A 111 -15.10 3.29 24.58
N CYS A 112 -13.91 3.47 25.17
CA CYS A 112 -12.77 2.61 24.88
C CYS A 112 -12.16 2.15 26.19
N VAL A 113 -12.03 0.85 26.40
CA VAL A 113 -11.54 0.30 27.65
C VAL A 113 -10.17 -0.32 27.43
N THR A 114 -9.20 0.09 28.24
CA THR A 114 -7.86 -0.48 28.24
C THR A 114 -7.37 -0.66 29.67
N GLY A 115 -6.09 -0.98 29.80
CA GLY A 115 -5.48 -1.16 31.10
C GLY A 115 -5.42 -2.62 31.50
N ASP A 116 -5.17 -2.87 32.79
CA ASP A 116 -5.12 -4.23 33.30
C ASP A 116 -6.53 -4.74 33.55
N ASP A 117 -6.64 -6.06 33.71
CA ASP A 117 -7.93 -6.66 34.02
C ASP A 117 -8.42 -6.23 35.40
N GLU A 118 -7.52 -6.18 36.39
CA GLU A 118 -7.89 -5.78 37.73
C GLU A 118 -8.14 -4.28 37.84
N ASN A 119 -7.52 -3.48 36.97
CA ASN A 119 -7.67 -2.03 37.03
C ASN A 119 -7.75 -1.54 35.59
N ALA A 120 -8.97 -1.26 35.13
CA ALA A 120 -9.21 -0.89 33.75
C ALA A 120 -9.73 0.55 33.67
N THR A 121 -9.43 1.20 32.56
CA THR A 121 -9.85 2.56 32.30
C THR A 121 -10.75 2.61 31.06
N ALA A 122 -11.93 3.20 31.22
CA ALA A 122 -12.86 3.42 30.13
C ALA A 122 -12.85 4.92 29.81
N SER A 123 -12.34 5.26 28.64
CA SER A 123 -12.24 6.64 28.17
C SER A 123 -13.42 6.95 27.25
N PHE A 124 -14.05 8.09 27.49
CA PHE A 124 -15.16 8.59 26.69
C PHE A 124 -14.65 9.75 25.87
N ILE A 125 -14.59 9.56 24.55
CA ILE A 125 -14.01 10.50 23.60
C ILE A 125 -15.12 11.04 22.73
N TYR A 126 -15.26 12.36 22.69
CA TYR A 126 -16.31 13.01 21.91
C TYR A 126 -15.73 14.10 21.05
N ASN A 127 -16.10 14.11 19.77
CA ASN A 127 -15.68 15.13 18.80
C ASN A 127 -14.16 15.20 18.68
N GLY A 128 -13.49 14.05 18.70
CA GLY A 128 -12.06 14.00 18.49
C GLY A 128 -11.21 14.32 19.70
N ARG A 129 -11.81 14.56 20.86
CA ARG A 129 -11.05 14.86 22.07
C ARG A 129 -11.59 14.03 23.22
N LEU A 130 -10.72 13.72 24.17
CA LEU A 130 -11.10 12.95 25.35
C LEU A 130 -11.88 13.84 26.29
N VAL A 131 -13.08 13.42 26.67
CA VAL A 131 -13.97 14.27 27.46
C VAL A 131 -14.15 13.68 28.85
N ASP A 132 -14.09 12.36 28.97
CA ASP A 132 -14.29 11.78 30.30
C ASP A 132 -13.51 10.48 30.43
N SER A 133 -13.40 10.02 31.67
CA SER A 133 -12.78 8.74 31.96
C SER A 133 -13.35 8.18 33.25
N ILE A 134 -13.50 6.86 33.29
CA ILE A 134 -13.97 6.15 34.48
C ILE A 134 -13.07 4.93 34.68
N GLY A 135 -13.08 4.43 35.91
CA GLY A 135 -12.36 3.23 36.26
C GLY A 135 -13.28 2.07 36.58
N SER A 136 -12.67 0.92 36.82
CA SER A 136 -13.42 -0.26 37.20
C SER A 136 -14.01 -0.08 38.59
N TRP A 137 -15.29 -0.44 38.73
CA TRP A 137 -15.96 -0.38 40.02
C TRP A 137 -16.00 -1.72 40.75
N SER A 138 -15.70 -2.83 40.06
CA SER A 138 -15.64 -4.13 40.69
C SER A 138 -14.26 -4.77 40.63
N LYS A 139 -13.29 -4.11 39.97
CA LYS A 139 -11.92 -4.60 39.81
C LYS A 139 -11.85 -5.94 39.09
N LYS A 140 -12.83 -6.24 38.25
CA LYS A 140 -12.78 -7.31 37.29
C LYS A 140 -12.62 -6.70 35.90
N ILE A 141 -12.70 -7.54 34.87
CA ILE A 141 -12.55 -7.05 33.49
C ILE A 141 -13.73 -6.14 33.17
N LEU A 142 -13.46 -4.84 33.03
CA LEU A 142 -14.47 -3.87 32.68
C LEU A 142 -14.76 -3.97 31.19
N ARG A 143 -15.94 -4.45 30.83
CA ARG A 143 -16.31 -4.63 29.44
C ARG A 143 -17.39 -3.64 29.04
N THR A 144 -17.68 -3.61 27.74
CA THR A 144 -18.72 -2.75 27.20
C THR A 144 -19.39 -3.49 26.04
N GLN A 145 -20.49 -2.93 25.56
CA GLN A 145 -21.11 -3.43 24.34
C GLN A 145 -20.13 -3.30 23.19
N GLU A 146 -19.74 -4.42 22.60
CA GLU A 146 -18.82 -4.40 21.47
C GLU A 146 -19.59 -4.18 20.17
N SER A 147 -20.41 -3.13 20.20
CA SER A 147 -21.23 -2.71 19.08
C SER A 147 -21.56 -1.23 19.27
N GLU A 148 -22.50 -0.72 18.48
CA GLU A 148 -22.95 0.65 18.63
C GLU A 148 -24.04 0.71 19.71
N CYS A 149 -24.25 1.90 20.25
CA CYS A 149 -25.44 2.16 21.03
C CYS A 149 -26.04 3.50 20.63
N VAL A 150 -27.12 3.89 21.29
CA VAL A 150 -28.04 4.88 20.76
C VAL A 150 -27.88 6.20 21.50
N CYS A 151 -27.90 7.30 20.75
CA CYS A 151 -27.97 8.64 21.30
C CYS A 151 -29.30 9.26 20.88
N ILE A 152 -30.14 9.56 21.86
CA ILE A 152 -31.41 10.22 21.63
C ILE A 152 -31.33 11.61 22.27
N ASN A 153 -31.54 12.63 21.45
CA ASN A 153 -31.57 14.03 21.88
C ASN A 153 -30.28 14.42 22.62
N GLY A 154 -29.16 13.87 22.16
CA GLY A 154 -27.88 14.16 22.74
C GLY A 154 -27.48 13.30 23.93
N THR A 155 -28.35 12.40 24.38
CA THR A 155 -28.05 11.53 25.51
C THR A 155 -27.77 10.12 24.98
N CYS A 156 -26.59 9.60 25.30
CA CYS A 156 -26.13 8.30 24.81
C CYS A 156 -26.09 7.31 25.95
N THR A 157 -26.61 6.10 25.72
CA THR A 157 -26.72 5.08 26.75
C THR A 157 -25.78 3.94 26.41
N VAL A 158 -24.75 3.72 27.23
CA VAL A 158 -23.81 2.64 27.04
C VAL A 158 -23.94 1.66 28.21
N VAL A 159 -24.05 0.38 27.89
CA VAL A 159 -24.17 -0.65 28.91
C VAL A 159 -22.79 -1.25 29.13
N MET A 160 -22.29 -1.14 30.36
CA MET A 160 -21.00 -1.69 30.75
C MET A 160 -21.21 -2.74 31.83
N THR A 161 -20.33 -3.73 31.85
CA THR A 161 -20.43 -4.81 32.82
C THR A 161 -19.08 -5.04 33.47
N ASP A 162 -19.07 -5.22 34.78
CA ASP A 162 -17.86 -5.49 35.54
C ASP A 162 -18.16 -6.62 36.51
N GLY A 163 -17.39 -7.70 36.43
CA GLY A 163 -17.62 -8.81 37.32
C GLY A 163 -17.31 -10.12 36.63
N SER A 164 -17.79 -11.19 37.25
CA SER A 164 -17.56 -12.53 36.74
C SER A 164 -18.40 -12.78 35.49
N ALA A 165 -17.85 -13.62 34.61
CA ALA A 165 -18.56 -14.08 33.43
C ALA A 165 -19.24 -15.43 33.67
N SER A 166 -19.19 -15.93 34.91
CA SER A 166 -19.86 -17.16 35.29
C SER A 166 -20.56 -17.00 36.63
N GLY A 167 -20.92 -15.76 36.98
CA GLY A 167 -21.56 -15.48 38.24
C GLY A 167 -22.19 -14.10 38.19
N LYS A 168 -22.56 -13.61 39.36
CA LYS A 168 -23.17 -12.29 39.46
C LYS A 168 -22.16 -11.20 39.10
N ALA A 169 -22.59 -10.27 38.25
CA ALA A 169 -21.74 -9.18 37.81
C ALA A 169 -22.53 -7.87 37.88
N ASP A 170 -21.82 -6.79 38.18
CA ASP A 170 -22.42 -5.46 38.28
C ASP A 170 -22.51 -4.87 36.88
N THR A 171 -23.74 -4.71 36.39
CA THR A 171 -23.99 -4.11 35.09
C THR A 171 -24.59 -2.73 35.29
N LYS A 172 -24.00 -1.73 34.64
CA LYS A 172 -24.40 -0.34 34.79
C LYS A 172 -24.64 0.29 33.43
N ILE A 173 -25.72 1.07 33.34
CA ILE A 173 -26.05 1.83 32.15
C ILE A 173 -25.64 3.27 32.38
N LEU A 174 -24.75 3.77 31.53
CA LEU A 174 -24.18 5.11 31.65
C LEU A 174 -24.83 6.01 30.62
N PHE A 175 -25.35 7.14 31.08
CA PHE A 175 -25.94 8.17 30.25
C PHE A 175 -24.93 9.31 30.12
N ILE A 176 -24.54 9.60 28.88
CA ILE A 176 -23.46 10.51 28.56
C ILE A 176 -23.99 11.59 27.62
N GLU A 177 -23.70 12.85 27.93
CA GLU A 177 -24.08 13.98 27.09
C GLU A 177 -22.83 14.70 26.63
N GLU A 178 -22.56 14.65 25.33
CA GLU A 178 -21.42 15.30 24.71
C GLU A 178 -20.10 14.86 25.34
N GLY A 179 -19.97 13.56 25.57
CA GLY A 179 -18.75 13.01 26.14
C GLY A 179 -18.66 13.06 27.64
N LYS A 180 -19.63 13.66 28.32
CA LYS A 180 -19.62 13.79 29.77
C LYS A 180 -20.69 12.89 30.37
N ILE A 181 -20.29 12.05 31.31
CA ILE A 181 -21.23 11.16 31.99
C ILE A 181 -22.17 12.00 32.85
N VAL A 182 -23.43 12.10 32.43
CA VAL A 182 -24.42 12.84 33.22
C VAL A 182 -25.17 11.95 34.19
N HIS A 183 -25.22 10.64 33.96
CA HIS A 183 -25.90 9.79 34.93
C HIS A 183 -25.38 8.37 34.82
N THR A 184 -25.53 7.61 35.90
CA THR A 184 -25.25 6.18 35.91
C THR A 184 -26.41 5.48 36.61
N SER A 185 -26.71 4.28 36.15
CA SER A 185 -27.86 3.56 36.66
C SER A 185 -27.59 2.07 36.77
N PRO A 186 -27.74 1.48 37.94
CA PRO A 186 -27.55 0.03 38.07
C PRO A 186 -28.62 -0.73 37.31
N LEU A 187 -28.25 -1.92 36.83
CA LEU A 187 -29.20 -2.78 36.14
C LEU A 187 -30.29 -3.23 37.10
N SER A 188 -31.54 -3.12 36.65
CA SER A 188 -32.70 -3.51 37.46
C SER A 188 -33.62 -4.38 36.61
N GLY A 189 -34.19 -5.39 37.24
CA GLY A 189 -35.07 -6.30 36.54
C GLY A 189 -34.84 -7.75 36.89
N SER A 190 -35.18 -8.65 35.98
CA SER A 190 -35.06 -10.08 36.21
C SER A 190 -33.89 -10.71 35.47
N ALA A 191 -33.15 -9.94 34.69
CA ALA A 191 -31.96 -10.46 34.03
C ALA A 191 -30.85 -10.66 35.06
N GLN A 192 -30.20 -11.82 35.01
CA GLN A 192 -29.21 -12.18 36.01
C GLN A 192 -27.77 -12.06 35.52
N HIS A 193 -27.54 -12.05 34.20
CA HIS A 193 -26.20 -11.86 33.68
C HIS A 193 -26.33 -11.12 32.34
N VAL A 194 -25.90 -9.87 32.32
CA VAL A 194 -25.94 -9.05 31.11
C VAL A 194 -24.50 -8.78 30.68
N GLU A 195 -24.14 -9.32 29.52
CA GLU A 195 -22.89 -9.06 28.82
C GLU A 195 -23.18 -8.15 27.64
N GLU A 196 -22.19 -8.01 26.75
CA GLU A 196 -22.27 -7.08 25.63
C GLU A 196 -23.58 -7.21 24.86
N CYS A 197 -24.20 -6.06 24.58
CA CYS A 197 -25.55 -5.99 24.05
C CYS A 197 -25.56 -5.40 22.65
N SER A 198 -26.66 -5.64 21.95
CA SER A 198 -27.01 -4.95 20.72
C SER A 198 -28.21 -4.06 21.03
N CYS A 199 -28.02 -2.75 20.87
CA CYS A 199 -29.02 -1.77 21.29
C CYS A 199 -29.59 -1.05 20.08
N TYR A 200 -30.89 -0.77 20.12
CA TYR A 200 -31.55 -0.03 19.07
C TYR A 200 -32.56 0.93 19.67
N PRO A 201 -32.79 2.07 19.02
CA PRO A 201 -33.80 3.02 19.52
C PRO A 201 -35.21 2.48 19.34
N ARG A 202 -36.02 2.60 20.39
CA ARG A 202 -37.44 2.33 20.35
C ARG A 202 -38.06 3.52 21.08
N TYR A 203 -38.39 4.56 20.32
CA TYR A 203 -38.68 5.87 20.88
C TYR A 203 -39.83 5.79 21.87
N PRO A 204 -39.74 6.46 23.04
CA PRO A 204 -38.69 7.40 23.47
C PRO A 204 -37.48 6.77 24.16
N GLY A 205 -37.35 5.45 24.19
CA GLY A 205 -36.25 4.83 24.90
C GLY A 205 -35.34 3.97 24.05
N VAL A 206 -34.55 3.12 24.71
CA VAL A 206 -33.59 2.24 24.03
C VAL A 206 -33.87 0.81 24.45
N ARG A 207 -33.87 -0.11 23.48
CA ARG A 207 -34.05 -1.52 23.77
C ARG A 207 -32.80 -2.29 23.37
N CYS A 208 -32.28 -3.09 24.29
CA CYS A 208 -31.04 -3.82 24.07
C CYS A 208 -31.27 -5.30 24.28
N VAL A 209 -30.72 -6.11 23.39
CA VAL A 209 -30.74 -7.56 23.53
C VAL A 209 -29.30 -8.03 23.72
N CYS A 210 -29.07 -8.75 24.82
CA CYS A 210 -27.72 -9.05 25.28
C CYS A 210 -27.51 -10.56 25.27
N ARG A 211 -26.36 -10.98 25.79
CA ARG A 211 -26.01 -12.39 25.95
C ARG A 211 -25.87 -12.71 27.43
N ASP A 212 -26.18 -13.95 27.78
CA ASP A 212 -26.07 -14.45 29.14
C ASP A 212 -24.98 -15.53 29.17
N ASN A 213 -24.01 -15.34 30.06
CA ASN A 213 -22.85 -16.23 30.13
C ASN A 213 -22.82 -17.06 31.41
N TRP A 214 -23.88 -17.07 32.20
CA TRP A 214 -23.89 -17.77 33.47
C TRP A 214 -24.86 -18.94 33.47
N LYS A 215 -26.15 -18.70 33.26
CA LYS A 215 -27.13 -19.77 33.36
C LYS A 215 -28.28 -19.63 32.37
N GLY A 216 -28.10 -18.86 31.31
CA GLY A 216 -29.18 -18.62 30.37
C GLY A 216 -28.69 -18.61 28.95
N SER A 217 -29.58 -19.00 28.04
CA SER A 217 -29.31 -18.98 26.62
C SER A 217 -30.44 -18.33 25.83
N ASN A 218 -31.22 -17.47 26.46
CA ASN A 218 -32.43 -16.92 25.86
C ASN A 218 -32.41 -15.40 25.84
N ARG A 219 -31.23 -14.81 25.68
CA ARG A 219 -31.04 -13.42 25.26
C ARG A 219 -31.78 -12.39 26.10
N PRO A 220 -31.28 -12.05 27.29
CA PRO A 220 -31.98 -11.08 28.15
C PRO A 220 -32.16 -9.72 27.48
N ILE A 221 -33.31 -9.09 27.75
CA ILE A 221 -33.68 -7.80 27.19
C ILE A 221 -33.57 -6.74 28.27
N VAL A 222 -32.97 -5.60 27.93
CA VAL A 222 -32.86 -4.46 28.82
C VAL A 222 -33.54 -3.28 28.15
N ASP A 223 -34.55 -2.72 28.80
CA ASP A 223 -35.22 -1.52 28.31
C ASP A 223 -34.80 -0.33 29.17
N ILE A 224 -34.38 0.73 28.50
CA ILE A 224 -33.79 1.92 29.13
C ILE A 224 -34.66 3.11 28.79
N ASN A 225 -35.13 3.79 29.83
CA ASN A 225 -35.87 5.05 29.72
C ASN A 225 -34.87 6.17 29.99
N VAL A 226 -34.61 6.97 28.96
CA VAL A 226 -33.54 7.97 29.02
C VAL A 226 -34.01 9.24 29.72
N LYS A 227 -35.32 9.46 29.78
CA LYS A 227 -35.83 10.69 30.38
C LYS A 227 -35.63 10.69 31.90
N ASP A 228 -35.98 9.59 32.55
CA ASP A 228 -35.84 9.48 34.00
C ASP A 228 -34.80 8.46 34.42
N TYR A 229 -34.01 7.94 33.47
CA TYR A 229 -32.90 7.03 33.73
C TYR A 229 -33.39 5.75 34.44
N SER A 230 -34.35 5.09 33.81
CA SER A 230 -34.96 3.91 34.39
C SER A 230 -34.57 2.66 33.60
N ILE A 231 -34.34 1.56 34.32
CA ILE A 231 -33.90 0.31 33.71
C ILE A 231 -34.86 -0.79 34.10
N VAL A 232 -35.35 -1.54 33.11
CA VAL A 232 -36.10 -2.76 33.38
C VAL A 232 -35.48 -3.88 32.54
N SER A 233 -35.66 -5.11 33.01
CA SER A 233 -35.00 -6.26 32.39
C SER A 233 -35.95 -7.44 32.34
N SER A 234 -35.75 -8.27 31.32
CA SER A 234 -36.57 -9.46 31.09
C SER A 234 -35.76 -10.40 30.20
N TYR A 235 -36.43 -11.38 29.61
CA TYR A 235 -35.84 -12.26 28.61
C TYR A 235 -36.75 -12.29 27.39
N VAL A 236 -36.32 -13.02 26.37
CA VAL A 236 -37.10 -13.19 25.15
C VAL A 236 -38.08 -14.35 25.36
N CYS A 237 -39.36 -14.08 25.13
CA CYS A 237 -40.39 -15.09 25.35
C CYS A 237 -40.37 -16.21 24.31
N SER A 238 -39.68 -16.00 23.20
CA SER A 238 -39.70 -16.99 22.11
C SER A 238 -38.91 -18.24 22.50
N GLY A 239 -39.51 -19.40 22.26
CA GLY A 239 -38.88 -20.67 22.58
C GLY A 239 -37.63 -20.95 21.78
N LEU A 240 -37.59 -20.48 20.52
CA LEU A 240 -36.41 -20.64 19.68
C LEU A 240 -35.35 -19.68 20.18
N VAL A 241 -34.47 -20.18 21.04
CA VAL A 241 -33.47 -19.36 21.70
C VAL A 241 -32.37 -18.98 20.72
N GLY A 242 -31.61 -17.93 21.04
CA GLY A 242 -30.67 -17.37 20.09
C GLY A 242 -29.20 -17.51 20.44
N ASP A 243 -28.89 -17.88 21.68
CA ASP A 243 -27.51 -18.09 22.06
C ASP A 243 -26.95 -19.32 21.38
N THR A 244 -25.66 -19.26 21.02
CA THR A 244 -25.04 -20.35 20.27
C THR A 244 -25.01 -21.65 21.07
N PRO A 245 -24.56 -21.67 22.35
CA PRO A 245 -24.70 -22.93 23.13
C PRO A 245 -26.15 -23.11 23.56
N ARG A 246 -26.82 -24.06 22.93
CA ARG A 246 -28.23 -24.33 23.17
C ARG A 246 -28.52 -25.76 22.76
N LYS A 247 -29.67 -26.29 23.21
CA LYS A 247 -30.11 -27.59 22.75
C LYS A 247 -30.94 -27.44 21.48
N ASN A 248 -31.46 -28.57 21.01
CA ASN A 248 -32.22 -28.59 19.77
C ASN A 248 -33.55 -27.85 19.93
N ASP A 249 -34.21 -27.60 18.80
CA ASP A 249 -35.43 -26.81 18.80
C ASP A 249 -36.56 -27.49 19.55
N SER A 250 -36.55 -28.82 19.62
CA SER A 250 -37.58 -29.55 20.34
C SER A 250 -37.48 -29.41 21.85
N SER A 251 -36.27 -29.41 22.39
CA SER A 251 -36.07 -29.36 23.83
C SER A 251 -35.70 -27.98 24.33
N SER A 252 -35.53 -27.00 23.46
CA SER A 252 -35.27 -25.63 23.88
C SER A 252 -36.51 -25.05 24.53
N SER A 253 -36.30 -24.10 25.43
CA SER A 253 -37.40 -23.46 26.14
C SER A 253 -36.98 -22.06 26.56
N SER A 254 -37.94 -21.15 26.61
CA SER A 254 -37.67 -19.79 27.06
C SER A 254 -38.95 -19.16 27.57
N HIS A 255 -39.03 -18.99 28.89
CA HIS A 255 -40.00 -18.11 29.52
C HIS A 255 -39.28 -16.82 29.87
N CYS A 256 -39.99 -15.70 29.70
CA CYS A 256 -39.35 -14.39 29.70
C CYS A 256 -39.33 -13.74 31.07
N LEU A 257 -39.21 -14.56 32.12
CA LEU A 257 -38.98 -14.04 33.46
C LEU A 257 -37.59 -14.41 33.95
N ASP A 258 -37.17 -15.66 33.72
CA ASP A 258 -35.96 -16.19 34.31
C ASP A 258 -35.11 -16.84 33.23
N PRO A 259 -33.80 -16.96 33.45
CA PRO A 259 -32.98 -17.79 32.55
C PRO A 259 -33.42 -19.24 32.60
N ASN A 260 -33.30 -19.92 31.46
CA ASN A 260 -33.87 -21.26 31.33
C ASN A 260 -33.04 -22.34 31.97
N ASN A 261 -31.83 -22.03 32.46
CA ASN A 261 -30.89 -23.01 33.00
C ASN A 261 -30.66 -24.15 32.02
N GLU A 262 -30.53 -23.78 30.74
CA GLU A 262 -30.65 -24.72 29.63
C GLU A 262 -29.39 -24.56 28.76
N GLU A 263 -28.32 -25.24 29.17
CA GLU A 263 -27.00 -25.09 28.58
C GLU A 263 -26.60 -23.62 28.47
N GLY A 264 -26.60 -22.95 29.63
CA GLY A 264 -26.25 -21.55 29.69
C GLY A 264 -24.83 -21.32 29.25
N GLY A 265 -23.87 -21.67 30.11
CA GLY A 265 -22.48 -21.78 29.69
C GLY A 265 -21.93 -20.53 29.04
N HIS A 266 -21.23 -20.74 27.92
CA HIS A 266 -20.70 -19.65 27.12
C HIS A 266 -21.81 -19.01 26.31
N GLY A 267 -21.47 -18.00 25.52
CA GLY A 267 -22.46 -17.36 24.67
C GLY A 267 -21.84 -16.69 23.47
N VAL A 268 -22.68 -16.08 22.63
CA VAL A 268 -22.21 -15.29 21.51
C VAL A 268 -23.00 -13.99 21.48
N LYS A 269 -22.43 -12.97 20.84
CA LYS A 269 -23.17 -11.74 20.63
C LYS A 269 -24.20 -11.94 19.53
N GLY A 270 -25.46 -11.70 19.86
CA GLY A 270 -26.55 -11.87 18.92
C GLY A 270 -27.48 -10.68 18.93
N TRP A 271 -28.59 -10.82 18.19
CA TRP A 271 -29.52 -9.71 18.07
C TRP A 271 -30.93 -10.25 17.85
N ALA A 272 -31.89 -9.51 18.41
CA ALA A 272 -33.30 -9.71 18.18
C ALA A 272 -34.00 -8.38 18.38
N PHE A 273 -35.03 -8.11 17.58
CA PHE A 273 -35.86 -6.93 17.75
C PHE A 273 -37.31 -7.28 17.53
N ASP A 274 -38.19 -6.38 17.93
CA ASP A 274 -39.62 -6.63 17.98
C ASP A 274 -40.33 -5.94 16.82
N ASP A 275 -41.19 -6.69 16.14
CA ASP A 275 -42.12 -6.14 15.15
C ASP A 275 -43.51 -6.52 15.66
N GLY A 276 -44.17 -5.58 16.32
CA GLY A 276 -45.42 -5.87 17.00
C GLY A 276 -45.22 -6.90 18.09
N ASN A 277 -45.98 -7.98 18.03
CA ASN A 277 -45.80 -9.09 18.95
C ASN A 277 -44.80 -10.12 18.44
N ASP A 278 -44.34 -10.00 17.19
CA ASP A 278 -43.40 -10.96 16.63
C ASP A 278 -41.97 -10.49 16.87
N VAL A 279 -41.02 -11.41 16.73
CA VAL A 279 -39.61 -11.08 16.94
C VAL A 279 -38.80 -11.49 15.73
N TRP A 280 -38.00 -10.57 15.21
CA TRP A 280 -37.00 -10.87 14.19
C TRP A 280 -35.66 -11.08 14.88
N MET A 281 -35.10 -12.27 14.75
CA MET A 281 -33.90 -12.60 15.49
C MET A 281 -32.88 -13.29 14.57
N GLY A 282 -31.63 -13.22 14.98
CA GLY A 282 -30.56 -13.91 14.27
C GLY A 282 -29.79 -14.81 15.21
N ARG A 283 -29.42 -15.98 14.71
CA ARG A 283 -28.65 -16.95 15.50
C ARG A 283 -27.77 -17.74 14.56
N THR A 284 -26.94 -18.62 15.12
CA THR A 284 -26.10 -19.51 14.34
C THR A 284 -26.83 -20.79 14.02
N ILE A 285 -26.52 -21.38 12.86
CA ILE A 285 -27.16 -22.63 12.47
C ILE A 285 -26.78 -23.75 13.43
N SER A 286 -25.50 -23.86 13.77
CA SER A 286 -25.07 -24.90 14.69
C SER A 286 -25.53 -24.58 16.11
N GLU A 287 -25.51 -25.61 16.94
CA GLU A 287 -26.00 -25.51 18.32
C GLU A 287 -24.89 -25.58 19.35
N LYS A 288 -23.65 -25.84 18.94
CA LYS A 288 -22.54 -25.93 19.89
C LYS A 288 -21.37 -25.10 19.42
N LEU A 289 -21.26 -24.90 18.11
CA LEU A 289 -20.20 -24.11 17.51
C LEU A 289 -20.79 -22.91 16.78
N ARG A 290 -19.94 -21.93 16.50
CA ARG A 290 -20.35 -20.74 15.78
C ARG A 290 -20.15 -20.90 14.28
N SER A 291 -20.79 -21.93 13.73
CA SER A 291 -20.75 -22.22 12.32
C SER A 291 -22.14 -22.06 11.73
N GLY A 292 -22.24 -21.26 10.68
CA GLY A 292 -23.52 -20.97 10.07
C GLY A 292 -24.23 -19.82 10.76
N TYR A 293 -25.17 -19.21 10.03
CA TYR A 293 -25.97 -18.13 10.59
C TYR A 293 -27.27 -18.02 9.82
N GLU A 294 -28.38 -18.01 10.55
CA GLU A 294 -29.71 -17.83 9.99
C GLU A 294 -30.46 -16.76 10.76
N THR A 295 -31.38 -16.09 10.07
CA THR A 295 -32.28 -15.13 10.67
C THR A 295 -33.71 -15.55 10.40
N PHE A 296 -34.59 -15.34 11.37
CA PHE A 296 -35.98 -15.72 11.18
C PHE A 296 -36.89 -14.87 12.06
N LYS A 297 -38.18 -14.93 11.76
CA LYS A 297 -39.22 -14.22 12.47
C LYS A 297 -40.08 -15.23 13.21
N VAL A 298 -40.18 -15.07 14.52
CA VAL A 298 -41.03 -15.91 15.35
C VAL A 298 -42.32 -15.15 15.62
N ILE A 299 -43.45 -15.78 15.30
CA ILE A 299 -44.75 -15.16 15.48
C ILE A 299 -45.15 -15.24 16.95
N GLU A 300 -45.58 -14.09 17.49
CA GLU A 300 -45.94 -13.95 18.91
C GLU A 300 -44.76 -14.32 19.81
N GLY A 301 -43.55 -14.00 19.35
CA GLY A 301 -42.33 -14.30 20.06
C GLY A 301 -41.89 -13.23 21.03
N TRP A 302 -42.47 -12.04 20.98
CA TRP A 302 -42.20 -10.99 21.95
C TRP A 302 -43.27 -10.91 23.03
N SER A 303 -44.40 -11.61 22.87
CA SER A 303 -45.49 -11.56 23.82
C SER A 303 -45.80 -12.92 24.43
N LYS A 304 -45.93 -13.97 23.63
CA LYS A 304 -46.31 -15.28 24.13
C LYS A 304 -45.08 -16.04 24.59
N PRO A 305 -45.01 -16.49 25.85
CA PRO A 305 -43.88 -17.28 26.30
C PRO A 305 -43.79 -18.61 25.57
N ASN A 306 -42.56 -19.02 25.25
CA ASN A 306 -42.25 -20.30 24.64
C ASN A 306 -42.99 -20.49 23.31
N SER A 307 -42.75 -19.55 22.40
CA SER A 307 -43.33 -19.59 21.06
C SER A 307 -42.31 -20.16 20.09
N LYS A 308 -42.72 -21.18 19.34
CA LYS A 308 -41.83 -21.89 18.42
C LYS A 308 -42.43 -21.93 17.02
N LEU A 309 -43.13 -20.87 16.63
CA LEU A 309 -43.69 -20.76 15.30
C LEU A 309 -42.77 -19.89 14.45
N GLN A 310 -42.18 -20.47 13.42
CA GLN A 310 -41.13 -19.82 12.64
C GLN A 310 -41.60 -19.58 11.22
N ILE A 311 -41.38 -18.35 10.74
CA ILE A 311 -41.66 -17.99 9.35
C ILE A 311 -40.49 -17.15 8.83
N ASN A 312 -40.35 -17.12 7.51
CA ASN A 312 -39.42 -16.26 6.79
C ASN A 312 -37.97 -16.51 7.23
N ARG A 313 -37.51 -17.73 6.96
CA ARG A 313 -36.14 -18.10 7.30
C ARG A 313 -35.19 -17.77 6.15
N GLN A 314 -34.10 -17.09 6.49
CA GLN A 314 -33.05 -16.78 5.54
C GLN A 314 -31.74 -17.38 6.02
N VAL A 315 -31.02 -18.05 5.14
CA VAL A 315 -29.70 -18.59 5.45
C VAL A 315 -28.69 -17.53 5.05
N ILE A 316 -28.17 -16.80 6.03
CA ILE A 316 -27.15 -15.79 5.77
C ILE A 316 -25.80 -16.42 5.51
N VAL A 317 -25.37 -17.33 6.39
CA VAL A 317 -24.10 -18.04 6.21
C VAL A 317 -24.40 -19.53 6.32
N ASP A 318 -23.87 -20.30 5.36
CA ASP A 318 -24.17 -21.72 5.26
C ASP A 318 -23.62 -22.48 6.47
N ARG A 319 -24.19 -23.67 6.70
CA ARG A 319 -23.87 -24.45 7.89
C ARG A 319 -22.41 -24.86 7.93
N GLY A 320 -21.81 -25.11 6.77
CA GLY A 320 -20.43 -25.54 6.70
C GLY A 320 -19.40 -24.43 6.75
N ASN A 321 -19.80 -23.21 7.09
CA ASN A 321 -18.90 -22.07 7.12
C ASN A 321 -18.94 -21.41 8.48
N ARG A 322 -17.79 -20.89 8.92
CA ARG A 322 -17.67 -20.32 10.24
C ARG A 322 -18.40 -18.98 10.33
N SER A 323 -18.99 -18.72 11.50
CA SER A 323 -19.58 -17.43 11.81
C SER A 323 -19.03 -16.93 13.13
N GLY A 324 -19.61 -15.88 13.68
CA GLY A 324 -19.13 -15.32 14.92
C GLY A 324 -20.13 -14.42 15.60
N TYR A 325 -19.67 -13.29 16.10
CA TYR A 325 -20.54 -12.28 16.70
C TYR A 325 -21.54 -11.77 15.67
N SER A 326 -22.65 -11.24 16.17
CA SER A 326 -23.65 -10.59 15.34
C SER A 326 -24.23 -9.41 16.09
N GLY A 327 -24.65 -8.40 15.34
CA GLY A 327 -25.16 -7.21 15.99
C GLY A 327 -26.11 -6.38 15.15
N ILE A 328 -26.84 -5.47 15.80
CA ILE A 328 -27.86 -4.67 15.15
C ILE A 328 -27.41 -3.22 15.08
N PHE A 329 -27.93 -2.50 14.09
CA PHE A 329 -27.77 -1.06 14.01
C PHE A 329 -28.92 -0.48 13.18
N SER A 330 -29.34 0.72 13.55
CA SER A 330 -30.51 1.35 12.96
C SER A 330 -30.08 2.44 11.98
N VAL A 331 -30.75 2.50 10.84
CA VAL A 331 -30.51 3.50 9.82
C VAL A 331 -31.78 4.30 9.63
N GLU A 332 -31.66 5.63 9.70
CA GLU A 332 -32.81 6.52 9.53
C GLU A 332 -33.08 6.69 8.04
N GLY A 333 -34.27 6.29 7.61
CA GLY A 333 -34.70 6.46 6.24
C GLY A 333 -35.43 7.78 6.03
N LYS A 334 -36.12 7.86 4.89
CA LYS A 334 -36.92 9.05 4.60
C LYS A 334 -38.13 9.16 5.52
N SER A 335 -38.76 8.04 5.86
CA SER A 335 -39.95 8.07 6.70
C SER A 335 -39.99 7.00 7.78
N CYS A 336 -39.02 6.08 7.82
CA CYS A 336 -39.04 5.04 8.85
C CYS A 336 -37.62 4.61 9.18
N ILE A 337 -37.46 4.10 10.40
CA ILE A 337 -36.19 3.56 10.86
C ILE A 337 -36.07 2.11 10.41
N ASN A 338 -34.95 1.77 9.77
CA ASN A 338 -34.71 0.43 9.27
C ASN A 338 -33.66 -0.26 10.14
N ARG A 339 -33.87 -1.56 10.37
CA ARG A 339 -32.97 -2.37 11.15
C ARG A 339 -32.01 -3.11 10.23
N CYS A 340 -30.74 -3.13 10.59
CA CYS A 340 -29.73 -3.84 9.82
C CYS A 340 -28.86 -4.62 10.80
N PHE A 341 -28.25 -5.69 10.32
CA PHE A 341 -27.40 -6.50 11.18
C PHE A 341 -26.11 -6.87 10.49
N TYR A 342 -25.04 -6.92 11.28
CA TYR A 342 -23.74 -7.36 10.85
C TYR A 342 -23.46 -8.74 11.44
N VAL A 343 -22.75 -9.56 10.66
CA VAL A 343 -22.35 -10.90 11.08
C VAL A 343 -20.84 -11.01 10.98
N GLU A 344 -20.21 -11.41 12.08
CA GLU A 344 -18.79 -11.70 12.10
C GLU A 344 -18.53 -13.04 11.44
N LEU A 345 -17.43 -13.14 10.70
CA LEU A 345 -16.99 -14.38 10.06
C LEU A 345 -15.57 -14.62 10.55
N ILE A 346 -15.41 -15.49 11.54
CA ILE A 346 -14.13 -15.70 12.20
C ILE A 346 -13.35 -16.75 11.40
N ARG A 347 -12.13 -16.41 11.02
CA ARG A 347 -11.22 -17.34 10.37
C ARG A 347 -9.89 -17.32 11.12
N GLY A 348 -9.41 -18.50 11.50
CA GLY A 348 -8.15 -18.54 12.20
C GLY A 348 -8.02 -19.68 13.19
N ARG A 349 -7.25 -19.45 14.26
CA ARG A 349 -6.83 -20.55 15.11
C ARG A 349 -7.90 -20.89 16.15
N LYS A 350 -7.64 -21.99 16.85
CA LYS A 350 -8.46 -22.73 17.81
C LYS A 350 -9.57 -23.51 17.10
N GLN A 351 -9.78 -23.32 15.81
CA GLN A 351 -10.62 -24.23 15.03
C GLN A 351 -9.88 -24.68 13.78
N GLU A 352 -9.11 -23.77 13.19
CA GLU A 352 -8.27 -24.07 12.04
C GLU A 352 -6.82 -23.88 12.43
N THR A 353 -6.09 -24.99 12.51
CA THR A 353 -4.75 -25.01 13.08
C THR A 353 -3.66 -24.94 12.02
N GLU A 354 -4.03 -24.77 10.75
CA GLU A 354 -3.06 -24.63 9.68
C GLU A 354 -2.49 -23.22 9.59
N VAL A 355 -3.04 -22.27 10.34
CA VAL A 355 -2.47 -20.93 10.44
C VAL A 355 -2.22 -20.63 11.91
N LEU A 356 -1.64 -19.47 12.20
CA LEU A 356 -1.29 -19.09 13.57
C LEU A 356 -2.08 -17.91 14.09
N TRP A 357 -2.76 -17.16 13.22
CA TRP A 357 -3.45 -15.94 13.58
C TRP A 357 -4.93 -16.23 13.80
N THR A 358 -5.66 -15.19 14.20
CA THR A 358 -7.11 -15.28 14.33
C THR A 358 -7.67 -13.93 13.89
N SER A 359 -8.30 -13.89 12.72
CA SER A 359 -8.85 -12.66 12.18
C SER A 359 -10.25 -12.92 11.67
N ASN A 360 -10.83 -11.97 10.95
CA ASN A 360 -12.26 -12.07 10.64
C ASN A 360 -12.64 -11.18 9.47
N SER A 361 -13.89 -11.38 9.01
CA SER A 361 -14.53 -10.49 8.07
C SER A 361 -15.93 -10.19 8.58
N ILE A 362 -16.66 -9.34 7.85
CA ILE A 362 -18.02 -8.95 8.20
C ILE A 362 -18.90 -9.08 6.98
N VAL A 363 -20.15 -9.50 7.19
CA VAL A 363 -21.18 -9.42 6.17
C VAL A 363 -22.37 -8.67 6.76
N VAL A 364 -22.84 -7.64 6.04
CA VAL A 364 -23.82 -6.71 6.56
C VAL A 364 -25.09 -6.81 5.72
N PHE A 365 -26.22 -7.04 6.37
CA PHE A 365 -27.53 -7.14 5.76
C PHE A 365 -28.44 -6.06 6.32
N CYS A 366 -29.45 -5.68 5.55
CA CYS A 366 -30.40 -4.65 5.96
C CYS A 366 -31.82 -5.13 5.68
N GLY A 367 -32.77 -4.61 6.48
CA GLY A 367 -34.16 -4.99 6.29
C GLY A 367 -34.78 -4.34 5.08
N THR A 368 -35.74 -5.05 4.50
CA THR A 368 -36.41 -4.58 3.30
C THR A 368 -37.89 -4.90 3.39
N SER A 369 -38.72 -4.04 2.82
CA SER A 369 -40.15 -4.30 2.75
C SER A 369 -40.53 -5.02 1.46
N GLY A 370 -39.57 -5.32 0.60
CA GLY A 370 -39.82 -5.93 -0.68
C GLY A 370 -39.44 -7.40 -0.72
N THR A 371 -39.33 -7.92 -1.93
CA THR A 371 -39.02 -9.32 -2.17
C THR A 371 -37.51 -9.52 -2.24
N TYR A 372 -37.05 -10.69 -1.81
CA TYR A 372 -35.63 -11.03 -1.85
C TYR A 372 -35.53 -12.45 -2.38
N GLY A 373 -34.32 -13.01 -2.32
CA GLY A 373 -34.10 -14.38 -2.74
C GLY A 373 -33.29 -15.17 -1.74
N THR A 374 -32.65 -16.25 -2.19
CA THR A 374 -31.80 -17.06 -1.33
C THR A 374 -30.34 -16.85 -1.71
N GLY A 375 -29.45 -17.28 -0.82
CA GLY A 375 -28.04 -17.14 -1.07
C GLY A 375 -27.23 -17.59 0.13
N SER A 376 -25.92 -17.48 -0.01
CA SER A 376 -25.00 -17.76 1.08
C SER A 376 -23.73 -16.96 0.83
N TRP A 377 -23.31 -16.20 1.83
CA TRP A 377 -22.15 -15.31 1.71
C TRP A 377 -21.17 -15.60 2.83
N PRO A 378 -20.38 -16.66 2.69
CA PRO A 378 -19.33 -16.94 3.66
C PRO A 378 -18.10 -16.10 3.35
N ASP A 379 -17.09 -16.22 4.22
CA ASP A 379 -15.83 -15.53 3.97
C ASP A 379 -15.15 -16.04 2.71
N GLY A 380 -15.12 -17.36 2.52
CA GLY A 380 -14.61 -17.95 1.30
C GLY A 380 -13.14 -17.70 1.03
N ALA A 381 -12.32 -17.82 2.06
CA ALA A 381 -10.88 -17.72 1.93
C ALA A 381 -10.26 -19.11 2.07
N ASP A 382 -9.43 -19.48 1.12
CA ASP A 382 -8.74 -20.77 1.19
C ASP A 382 -7.65 -20.70 2.24
N ILE A 383 -7.87 -21.43 3.34
CA ILE A 383 -6.94 -21.37 4.47
C ILE A 383 -5.59 -22.01 4.13
N ASN A 384 -5.53 -22.84 3.09
CA ASN A 384 -4.26 -23.40 2.64
C ASN A 384 -3.48 -22.44 1.76
N LEU A 385 -4.06 -21.29 1.42
CA LEU A 385 -3.45 -20.32 0.53
C LEU A 385 -3.03 -19.06 1.26
N MET A 386 -2.90 -19.12 2.59
CA MET A 386 -2.65 -17.94 3.40
C MET A 386 -1.39 -18.12 4.23
N PRO A 387 -0.74 -17.01 4.65
CA PRO A 387 0.36 -17.03 5.62
C PRO A 387 -0.01 -17.77 6.90
N GLU B 2 -12.28 33.58 14.79
CA GLU B 2 -11.61 32.49 14.10
C GLU B 2 -10.27 32.15 14.75
N TYR B 3 -9.58 33.19 15.25
CA TYR B 3 -8.33 32.97 15.94
C TYR B 3 -8.57 32.29 17.29
N ARG B 4 -7.54 31.62 17.79
CA ARG B 4 -7.60 30.95 19.08
C ARG B 4 -7.01 31.85 20.14
N ASN B 5 -7.76 32.02 21.24
CA ASN B 5 -7.30 32.84 22.35
C ASN B 5 -6.93 32.05 23.60
N TRP B 6 -7.47 30.84 23.75
CA TRP B 6 -7.26 30.00 24.93
C TRP B 6 -7.67 30.74 26.21
N SER B 7 -8.76 31.51 26.12
CA SER B 7 -9.21 32.33 27.24
C SER B 7 -9.95 31.51 28.30
N LYS B 8 -10.27 30.26 28.01
CA LYS B 8 -10.96 29.40 28.97
C LYS B 8 -10.01 28.97 30.08
N PRO B 9 -10.55 28.61 31.25
CA PRO B 9 -9.69 28.17 32.35
C PRO B 9 -9.02 26.83 32.06
N GLN B 10 -8.24 26.38 33.02
CA GLN B 10 -7.61 25.08 32.92
C GLN B 10 -8.49 24.02 33.58
N CYS B 11 -8.57 22.85 32.94
CA CYS B 11 -9.44 21.78 33.41
C CYS B 11 -8.90 21.19 34.72
N ASN B 12 -9.83 20.71 35.55
CA ASN B 12 -9.45 19.97 36.74
C ASN B 12 -8.86 18.63 36.33
N ILE B 13 -7.65 18.36 36.82
CA ILE B 13 -6.88 17.20 36.38
C ILE B 13 -6.55 16.36 37.61
N THR B 14 -7.10 15.15 37.66
CA THR B 14 -6.77 14.17 38.68
C THR B 14 -5.84 13.08 38.17
N GLY B 15 -5.45 13.14 36.91
CA GLY B 15 -4.61 12.14 36.31
C GLY B 15 -4.70 12.23 34.81
N PHE B 16 -4.30 11.13 34.15
CA PHE B 16 -4.30 11.05 32.70
C PHE B 16 -4.89 9.72 32.26
N ALA B 17 -5.52 9.72 31.09
CA ALA B 17 -6.22 8.57 30.55
C ALA B 17 -5.72 8.27 29.15
N PRO B 18 -5.74 7.00 28.74
CA PRO B 18 -5.24 6.66 27.40
C PRO B 18 -6.09 7.28 26.31
N PHE B 19 -5.41 7.86 25.32
CA PHE B 19 -6.08 8.54 24.22
C PHE B 19 -5.79 7.89 22.87
N SER B 20 -4.53 7.69 22.53
CA SER B 20 -4.20 7.18 21.21
C SER B 20 -2.90 6.38 21.25
N LYS B 21 -2.77 5.47 20.28
CA LYS B 21 -1.56 4.69 20.11
C LYS B 21 -1.37 4.39 18.64
N ASP B 22 -0.12 4.44 18.19
CA ASP B 22 0.25 4.12 16.82
C ASP B 22 1.27 2.98 16.86
N ASN B 23 0.85 1.79 16.44
CA ASN B 23 1.71 0.60 16.48
C ASN B 23 2.61 0.56 15.24
N SER B 24 3.40 1.61 15.07
CA SER B 24 4.16 1.79 13.84
C SER B 24 5.22 0.71 13.65
N ILE B 25 5.94 0.36 14.72
CA ILE B 25 7.02 -0.62 14.61
C ILE B 25 6.45 -2.02 14.36
N ARG B 26 5.34 -2.33 15.03
CA ARG B 26 4.68 -3.61 14.81
C ARG B 26 4.16 -3.72 13.38
N LEU B 27 3.62 -2.63 12.84
CA LEU B 27 3.05 -2.66 11.50
C LEU B 27 4.13 -2.65 10.42
N SER B 28 5.29 -2.06 10.70
CA SER B 28 6.32 -1.92 9.69
C SER B 28 7.00 -3.22 9.34
N ALA B 29 6.84 -4.26 10.15
CA ALA B 29 7.39 -5.56 9.80
C ALA B 29 6.58 -6.25 8.70
N GLY B 30 5.34 -5.85 8.50
CA GLY B 30 4.52 -6.39 7.44
C GLY B 30 3.84 -5.32 6.60
N GLY B 31 4.52 -4.20 6.40
CA GLY B 31 3.95 -3.12 5.63
C GLY B 31 5.00 -2.06 5.36
N ASP B 32 4.57 -1.02 4.64
CA ASP B 32 5.43 0.09 4.26
C ASP B 32 5.13 1.26 5.20
N ILE B 33 6.01 1.45 6.19
CA ILE B 33 5.86 2.50 7.18
C ILE B 33 7.14 3.32 7.20
N TRP B 34 6.99 4.64 7.30
CA TRP B 34 8.13 5.55 7.32
C TRP B 34 9.02 5.27 8.52
N VAL B 35 10.30 5.60 8.38
CA VAL B 35 11.23 5.62 9.50
C VAL B 35 11.26 7.04 10.04
N THR B 36 10.83 7.19 11.30
CA THR B 36 10.63 8.51 11.89
C THR B 36 11.31 8.60 13.23
N ARG B 37 11.56 9.84 13.66
CA ARG B 37 11.97 10.15 15.02
C ARG B 37 11.52 11.56 15.36
N GLU B 38 11.47 11.85 16.65
CA GLU B 38 11.04 13.12 17.22
C GLU B 38 9.65 13.54 16.73
N PRO B 39 8.60 12.83 17.13
CA PRO B 39 7.25 13.21 16.73
C PRO B 39 6.58 14.11 17.76
N TYR B 40 5.44 14.67 17.37
CA TYR B 40 4.64 15.46 18.29
C TYR B 40 3.18 15.46 17.81
N VAL B 41 2.30 15.99 18.65
CA VAL B 41 0.88 16.05 18.35
C VAL B 41 0.41 17.49 18.50
N SER B 42 -0.27 18.01 17.49
CA SER B 42 -0.88 19.32 17.56
C SER B 42 -2.32 19.23 17.07
N CYS B 43 -3.23 19.91 17.75
CA CYS B 43 -4.65 19.78 17.49
C CYS B 43 -5.22 21.06 16.90
N ASP B 44 -5.81 20.96 15.72
CA ASP B 44 -6.62 22.03 15.17
C ASP B 44 -7.99 22.01 15.86
N PRO B 45 -8.79 23.09 15.71
CA PRO B 45 -10.11 23.13 16.38
C PRO B 45 -11.02 21.94 16.14
N ASP B 46 -10.77 21.14 15.10
CA ASP B 46 -11.62 19.99 14.77
C ASP B 46 -11.06 18.69 15.33
N LYS B 47 -9.79 18.40 15.06
CA LYS B 47 -9.21 17.10 15.38
C LYS B 47 -7.77 17.30 15.86
N CYS B 48 -7.00 16.22 15.88
CA CYS B 48 -5.60 16.25 16.27
C CYS B 48 -4.75 15.56 15.22
N TYR B 49 -3.54 16.07 15.03
CA TYR B 49 -2.63 15.60 14.00
C TYR B 49 -1.30 15.20 14.62
N GLN B 50 -0.71 14.14 14.06
CA GLN B 50 0.61 13.66 14.46
C GLN B 50 1.64 14.10 13.42
N PHE B 51 2.79 14.53 13.90
CA PHE B 51 3.87 15.06 13.07
C PHE B 51 5.14 14.30 13.40
N ALA B 52 5.92 14.02 12.37
CA ALA B 52 7.15 13.26 12.61
C ALA B 52 8.26 13.76 11.72
N LEU B 53 9.48 13.80 12.27
CA LEU B 53 10.66 14.14 11.48
C LEU B 53 11.15 12.86 10.83
N GLY B 54 10.52 12.50 9.73
CA GLY B 54 10.81 11.21 9.11
C GLY B 54 11.91 11.33 8.07
N GLN B 55 12.90 10.46 8.20
CA GLN B 55 13.93 10.32 7.19
C GLN B 55 13.33 9.69 5.94
N GLY B 56 13.91 10.02 4.79
CA GLY B 56 13.32 9.64 3.52
C GLY B 56 13.44 8.16 3.20
N THR B 57 12.87 7.30 4.05
CA THR B 57 12.95 5.87 3.84
C THR B 57 11.86 5.17 4.64
N THR B 58 11.49 3.99 4.17
CA THR B 58 10.64 3.06 4.91
C THR B 58 11.51 2.12 5.72
N LEU B 59 10.87 1.32 6.58
CA LEU B 59 11.62 0.44 7.47
C LEU B 59 12.09 -0.84 6.78
N ASN B 60 11.31 -1.36 5.83
CA ASN B 60 11.68 -2.54 5.07
C ASN B 60 12.52 -2.17 3.86
N ASN B 61 13.19 -1.03 3.91
CA ASN B 61 14.01 -0.52 2.82
C ASN B 61 15.49 -0.78 3.11
N GLY B 62 16.30 -0.68 2.05
CA GLY B 62 17.74 -0.76 2.23
C GLY B 62 18.36 0.53 2.74
N HIS B 63 17.62 1.64 2.68
CA HIS B 63 18.09 2.93 3.15
C HIS B 63 17.86 3.13 4.64
N SER B 64 17.32 2.13 5.32
CA SER B 64 17.18 2.18 6.78
C SER B 64 18.50 1.97 7.50
N ASN B 65 19.54 1.54 6.80
CA ASN B 65 20.86 1.40 7.40
C ASN B 65 21.42 2.77 7.77
N ASP B 66 22.09 2.84 8.93
CA ASP B 66 22.71 4.07 9.44
C ASP B 66 21.68 5.20 9.59
N THR B 67 20.55 4.88 10.21
CA THR B 67 19.48 5.86 10.38
C THR B 67 19.73 6.76 11.60
N VAL B 68 20.65 6.35 12.47
CA VAL B 68 20.83 6.98 13.79
C VAL B 68 21.17 8.47 13.70
N HIS B 69 21.65 8.92 12.53
CA HIS B 69 21.91 10.33 12.33
C HIS B 69 20.61 11.14 12.38
N ASP B 70 20.69 12.34 12.94
CA ASP B 70 19.51 13.16 13.12
C ASP B 70 19.44 14.41 12.25
N ARG B 71 20.52 14.78 11.57
CA ARG B 71 20.55 15.95 10.70
C ARG B 71 20.94 15.47 9.30
N THR B 72 19.94 15.08 8.53
CA THR B 72 20.11 14.49 7.21
C THR B 72 19.31 15.31 6.20
N PRO B 73 19.86 15.61 5.02
CA PRO B 73 19.14 16.44 4.04
C PRO B 73 17.84 15.84 3.52
N TYR B 74 17.66 14.53 3.68
CA TYR B 74 16.46 13.87 3.21
C TYR B 74 15.36 13.80 4.26
N ARG B 75 15.60 14.36 5.45
CA ARG B 75 14.58 14.37 6.48
C ARG B 75 13.48 15.37 6.13
N THR B 76 12.22 14.94 6.30
CA THR B 76 11.08 15.78 6.00
C THR B 76 10.07 15.64 7.13
N LEU B 77 9.26 16.68 7.31
CA LEU B 77 8.19 16.66 8.30
C LEU B 77 6.95 16.00 7.71
N LEU B 78 6.43 15.01 8.43
CA LEU B 78 5.31 14.19 7.99
C LEU B 78 4.09 14.54 8.83
N MET B 79 2.99 14.87 8.16
CA MET B 79 1.70 15.10 8.80
C MET B 79 0.80 13.88 8.63
N ASN B 80 -0.01 13.61 9.65
CA ASN B 80 -1.06 12.63 9.53
C ASN B 80 -2.14 12.92 10.56
N GLU B 81 -3.31 12.34 10.35
CA GLU B 81 -4.34 12.35 11.38
C GLU B 81 -3.88 11.50 12.54
N LEU B 82 -4.23 11.90 13.76
CA LEU B 82 -3.79 11.16 14.94
C LEU B 82 -4.47 9.80 14.97
N GLY B 83 -3.65 8.74 14.87
CA GLY B 83 -4.13 7.37 14.78
C GLY B 83 -3.75 6.70 13.48
N VAL B 84 -3.60 7.47 12.41
CA VAL B 84 -3.20 6.95 11.11
C VAL B 84 -1.69 6.75 11.10
N PRO B 85 -1.20 5.54 10.82
CA PRO B 85 0.25 5.31 10.75
C PRO B 85 0.87 6.05 9.58
N PHE B 86 2.18 6.23 9.65
CA PHE B 86 2.93 6.94 8.61
C PHE B 86 3.20 5.97 7.45
N HIS B 87 2.21 5.82 6.59
CA HIS B 87 2.30 4.96 5.42
C HIS B 87 2.73 5.78 4.21
N LEU B 88 2.67 5.17 3.03
CA LEU B 88 3.19 5.82 1.82
C LEU B 88 2.29 6.96 1.36
N GLY B 89 1.09 7.08 1.90
CA GLY B 89 0.19 8.15 1.53
C GLY B 89 0.29 9.42 2.35
N THR B 90 1.31 9.53 3.21
CA THR B 90 1.44 10.69 4.06
C THR B 90 1.91 11.91 3.27
N LYS B 91 1.83 13.06 3.92
CA LYS B 91 2.23 14.33 3.33
C LYS B 91 3.55 14.79 3.93
N GLN B 92 4.52 15.10 3.07
CA GLN B 92 5.77 15.71 3.50
C GLN B 92 5.59 17.22 3.35
N VAL B 93 5.35 17.90 4.47
CA VAL B 93 4.99 19.32 4.39
C VAL B 93 6.22 20.20 4.17
N CYS B 94 7.39 19.80 4.64
CA CYS B 94 8.57 20.64 4.53
C CYS B 94 9.82 19.77 4.74
N ILE B 95 10.96 20.34 4.37
CA ILE B 95 12.27 19.72 4.60
C ILE B 95 12.78 20.21 5.94
N ALA B 96 13.01 19.29 6.88
CA ALA B 96 13.42 19.69 8.22
C ALA B 96 14.06 18.51 8.95
N TRP B 97 15.16 18.77 9.64
CA TRP B 97 15.60 17.91 10.72
C TRP B 97 15.21 18.46 12.08
N SER B 98 14.51 19.59 12.11
CA SER B 98 13.86 20.11 13.31
C SER B 98 12.68 20.96 12.86
N SER B 99 11.55 20.81 13.55
CA SER B 99 10.32 21.43 13.10
C SER B 99 9.41 21.72 14.28
N SER B 100 8.48 22.65 14.06
CA SER B 100 7.50 23.02 15.08
C SER B 100 6.22 23.46 14.37
N SER B 101 5.11 22.82 14.68
CA SER B 101 3.84 23.09 14.00
C SER B 101 2.79 23.56 14.98
N CYS B 102 1.94 24.48 14.53
CA CYS B 102 0.84 24.97 15.34
C CYS B 102 -0.31 25.42 14.46
N HIS B 103 -1.47 25.60 15.07
CA HIS B 103 -2.67 26.06 14.38
C HIS B 103 -3.22 27.26 15.14
N ASP B 104 -3.44 28.37 14.42
CA ASP B 104 -3.95 29.58 15.04
C ASP B 104 -5.47 29.68 15.00
N GLY B 105 -6.16 28.64 14.55
CA GLY B 105 -7.59 28.68 14.34
C GLY B 105 -7.99 28.99 12.91
N LYS B 106 -7.05 29.40 12.07
CA LYS B 106 -7.29 29.68 10.67
C LYS B 106 -6.51 28.76 9.73
N ALA B 107 -5.22 28.57 9.99
CA ALA B 107 -4.38 27.75 9.13
C ALA B 107 -3.25 27.17 9.98
N TRP B 108 -2.35 26.45 9.30
CA TRP B 108 -1.22 25.81 9.96
C TRP B 108 0.06 26.63 9.75
N LEU B 109 0.87 26.70 10.80
CA LEU B 109 2.20 27.28 10.74
C LEU B 109 3.22 26.20 11.03
N HIS B 110 4.17 26.01 10.12
CA HIS B 110 5.26 25.06 10.27
C HIS B 110 6.59 25.79 10.21
N VAL B 111 7.39 25.65 11.25
CA VAL B 111 8.76 26.16 11.28
C VAL B 111 9.67 24.97 11.01
N CYS B 112 10.46 25.05 9.94
CA CYS B 112 11.23 23.91 9.48
C CYS B 112 12.66 24.33 9.23
N VAL B 113 13.63 23.69 9.89
CA VAL B 113 15.04 24.04 9.77
C VAL B 113 15.75 22.95 8.99
N THR B 114 16.49 23.35 7.97
CA THR B 114 17.22 22.40 7.14
C THR B 114 18.47 23.08 6.58
N GLY B 115 19.38 22.26 6.04
CA GLY B 115 20.62 22.76 5.51
C GLY B 115 21.83 22.16 6.19
N ASP B 116 22.92 22.92 6.27
CA ASP B 116 24.11 22.48 6.96
C ASP B 116 24.09 22.95 8.41
N ASP B 117 24.97 22.34 9.21
CA ASP B 117 25.11 22.77 10.59
C ASP B 117 25.73 24.16 10.69
N GLU B 118 26.68 24.46 9.80
CA GLU B 118 27.31 25.78 9.80
C GLU B 118 26.31 26.86 9.39
N ASN B 119 25.53 26.61 8.35
CA ASN B 119 24.55 27.55 7.83
C ASN B 119 23.23 26.81 7.65
N ALA B 120 22.22 27.19 8.41
CA ALA B 120 20.92 26.53 8.38
C ALA B 120 19.83 27.55 8.08
N THR B 121 18.77 27.08 7.41
CA THR B 121 17.64 27.91 7.04
C THR B 121 16.40 27.42 7.74
N ALA B 122 15.71 28.33 8.43
CA ALA B 122 14.43 28.06 9.07
C ALA B 122 13.35 28.73 8.23
N SER B 123 12.54 27.93 7.56
CA SER B 123 11.43 28.42 6.76
C SER B 123 10.14 28.37 7.57
N PHE B 124 9.24 29.30 7.26
CA PHE B 124 7.98 29.45 7.97
C PHE B 124 6.85 29.30 6.96
N ILE B 125 6.21 28.13 6.95
CA ILE B 125 5.16 27.80 6.01
C ILE B 125 3.83 28.10 6.69
N TYR B 126 3.04 28.99 6.10
CA TYR B 126 1.72 29.32 6.63
C TYR B 126 0.69 29.19 5.52
N ASN B 127 -0.39 28.46 5.80
CA ASN B 127 -1.49 28.23 4.88
C ASN B 127 -1.01 27.60 3.57
N GLY B 128 -0.05 26.69 3.66
CA GLY B 128 0.43 25.98 2.49
C GLY B 128 1.43 26.72 1.63
N ARG B 129 1.92 27.88 2.07
CA ARG B 129 2.89 28.64 1.30
C ARG B 129 3.96 29.19 2.22
N LEU B 130 5.15 29.41 1.66
CA LEU B 130 6.28 29.95 2.39
C LEU B 130 6.11 31.46 2.52
N VAL B 131 6.20 31.96 3.75
CA VAL B 131 5.99 33.38 4.04
C VAL B 131 7.28 34.07 4.46
N ASP B 132 8.09 33.40 5.28
CA ASP B 132 9.31 34.02 5.78
C ASP B 132 10.39 32.97 5.93
N SER B 133 11.64 33.44 6.01
CA SER B 133 12.78 32.57 6.23
C SER B 133 13.81 33.33 7.06
N ILE B 134 14.49 32.60 7.94
CA ILE B 134 15.57 33.14 8.75
C ILE B 134 16.77 32.21 8.62
N GLY B 135 17.95 32.76 8.92
CA GLY B 135 19.18 32.00 8.91
C GLY B 135 19.74 31.89 10.32
N SER B 136 20.81 31.13 10.44
CA SER B 136 21.52 30.98 11.71
C SER B 136 22.17 32.31 12.10
N TRP B 137 22.01 32.68 13.37
CA TRP B 137 22.63 33.89 13.89
C TRP B 137 23.92 33.62 14.64
N SER B 138 24.14 32.38 15.08
CA SER B 138 25.38 32.00 15.72
C SER B 138 26.20 31.01 14.91
N LYS B 139 25.70 30.59 13.74
CA LYS B 139 26.33 29.67 12.81
C LYS B 139 26.54 28.27 13.37
N LYS B 140 25.91 27.96 14.51
CA LYS B 140 25.86 26.59 15.00
C LYS B 140 24.59 25.93 14.49
N ILE B 141 24.26 24.76 15.05
CA ILE B 141 23.05 24.05 14.66
C ILE B 141 21.83 24.83 15.14
N LEU B 142 21.05 25.36 14.20
CA LEU B 142 19.83 26.09 14.52
C LEU B 142 18.72 25.09 14.77
N ARG B 143 18.24 25.03 16.01
CA ARG B 143 17.25 24.04 16.42
C ARG B 143 15.93 24.73 16.74
N THR B 144 14.98 23.94 17.23
CA THR B 144 13.62 24.42 17.51
C THR B 144 13.02 23.51 18.57
N GLN B 145 11.75 23.78 18.91
CA GLN B 145 11.10 23.10 20.03
C GLN B 145 10.98 21.60 19.79
N GLU B 146 10.81 21.20 18.53
CA GLU B 146 10.43 19.83 18.16
C GLU B 146 9.13 19.41 18.82
N SER B 147 8.24 20.37 19.01
CA SER B 147 6.91 20.16 19.58
C SER B 147 5.98 21.19 18.93
N GLU B 148 4.83 21.39 19.55
CA GLU B 148 3.88 22.35 18.98
C GLU B 148 4.17 23.76 19.49
N CYS B 149 3.99 24.74 18.63
CA CYS B 149 4.02 26.13 19.05
C CYS B 149 2.64 26.54 19.56
N VAL B 150 2.58 27.74 20.14
CA VAL B 150 1.36 28.25 20.75
C VAL B 150 0.99 29.55 20.05
N CYS B 151 -0.25 29.63 19.57
CA CYS B 151 -0.76 30.82 18.89
C CYS B 151 -1.89 31.40 19.72
N ILE B 152 -1.75 32.66 20.12
CA ILE B 152 -2.78 33.41 20.82
C ILE B 152 -3.13 34.63 20.00
N ASN B 153 -4.41 34.77 19.65
CA ASN B 153 -4.94 35.91 18.89
C ASN B 153 -4.19 36.13 17.59
N GLY B 154 -3.78 35.04 16.94
CA GLY B 154 -3.07 35.12 15.69
C GLY B 154 -1.57 35.32 15.79
N THR B 155 -1.04 35.49 17.00
CA THR B 155 0.39 35.62 17.20
C THR B 155 0.94 34.31 17.73
N CYS B 156 1.86 33.70 16.99
CA CYS B 156 2.42 32.40 17.31
C CYS B 156 3.83 32.58 17.84
N THR B 157 4.15 31.83 18.88
CA THR B 157 5.42 31.93 19.59
C THR B 157 6.25 30.68 19.34
N VAL B 158 7.49 30.86 18.89
CA VAL B 158 8.39 29.74 18.70
C VAL B 158 9.69 30.04 19.43
N VAL B 159 10.35 28.98 19.90
CA VAL B 159 11.61 29.09 20.62
C VAL B 159 12.68 28.41 19.79
N MET B 160 13.71 29.16 19.40
CA MET B 160 14.78 28.65 18.57
C MET B 160 16.12 28.89 19.26
N THR B 161 16.90 27.84 19.42
CA THR B 161 18.22 27.92 20.04
C THR B 161 19.29 27.69 19.00
N ASP B 162 20.34 28.51 19.05
CA ASP B 162 21.48 28.40 18.15
C ASP B 162 22.74 28.56 18.99
N GLY B 163 23.56 27.53 19.05
CA GLY B 163 24.74 27.56 19.88
C GLY B 163 25.15 26.15 20.28
N SER B 164 25.93 26.07 21.34
CA SER B 164 26.46 24.81 21.83
C SER B 164 25.49 24.14 22.79
N ALA B 165 25.53 22.80 22.81
CA ALA B 165 24.76 22.02 23.76
C ALA B 165 25.54 21.72 25.03
N SER B 166 26.81 22.11 25.11
CA SER B 166 27.63 21.95 26.29
C SER B 166 28.20 23.30 26.74
N GLY B 167 27.46 24.36 26.52
CA GLY B 167 27.93 25.69 26.85
C GLY B 167 26.86 26.71 26.60
N LYS B 168 27.25 27.98 26.68
CA LYS B 168 26.30 29.07 26.48
C LYS B 168 25.82 29.10 25.03
N ALA B 169 24.50 29.19 24.86
CA ALA B 169 23.89 29.22 23.54
C ALA B 169 22.92 30.38 23.44
N ASP B 170 22.74 30.87 22.22
CA ASP B 170 21.85 32.01 21.96
C ASP B 170 20.45 31.48 21.70
N THR B 171 19.54 31.68 22.66
CA THR B 171 18.16 31.25 22.54
C THR B 171 17.29 32.47 22.29
N LYS B 172 16.44 32.39 21.27
CA LYS B 172 15.58 33.49 20.87
C LYS B 172 14.14 33.02 20.81
N ILE B 173 13.23 33.98 20.97
CA ILE B 173 11.80 33.76 20.93
C ILE B 173 11.27 34.56 19.76
N LEU B 174 10.66 33.88 18.79
CA LEU B 174 10.14 34.54 17.61
C LEU B 174 8.63 34.63 17.70
N PHE B 175 8.11 35.84 17.48
CA PHE B 175 6.68 36.12 17.44
C PHE B 175 6.31 36.35 15.98
N ILE B 176 5.39 35.51 15.49
CA ILE B 176 5.07 35.41 14.06
C ILE B 176 3.57 35.57 13.89
N GLU B 177 3.15 36.43 12.98
CA GLU B 177 1.75 36.58 12.63
C GLU B 177 1.54 36.22 11.17
N GLU B 178 0.77 35.16 10.94
CA GLU B 178 0.43 34.67 9.60
C GLU B 178 1.68 34.37 8.77
N GLY B 179 2.65 33.71 9.39
CA GLY B 179 3.84 33.29 8.69
C GLY B 179 4.97 34.29 8.62
N LYS B 180 4.75 35.51 9.09
CA LYS B 180 5.74 36.57 9.01
C LYS B 180 6.24 36.90 10.42
N ILE B 181 7.57 36.88 10.58
CA ILE B 181 8.18 37.19 11.87
C ILE B 181 7.97 38.67 12.15
N VAL B 182 7.20 38.98 13.19
CA VAL B 182 7.01 40.37 13.56
C VAL B 182 7.90 40.78 14.73
N HIS B 183 8.37 39.84 15.54
CA HIS B 183 9.26 40.25 16.62
C HIS B 183 10.24 39.15 16.96
N THR B 184 11.40 39.56 17.47
CA THR B 184 12.45 38.68 17.96
C THR B 184 12.85 39.14 19.36
N SER B 185 12.90 38.21 20.30
CA SER B 185 13.21 38.55 21.69
C SER B 185 14.27 37.62 22.24
N PRO B 186 15.41 38.16 22.70
CA PRO B 186 16.41 37.29 23.34
C PRO B 186 15.90 36.73 24.65
N LEU B 187 16.40 35.54 24.99
CA LEU B 187 16.03 34.92 26.26
C LEU B 187 16.62 35.71 27.42
N SER B 188 15.79 35.98 28.42
CA SER B 188 16.21 36.74 29.59
C SER B 188 15.73 36.04 30.84
N GLY B 189 16.56 36.06 31.89
CA GLY B 189 16.22 35.43 33.14
C GLY B 189 17.36 34.65 33.75
N SER B 190 17.05 33.57 34.46
CA SER B 190 18.06 32.79 35.16
C SER B 190 18.42 31.49 34.46
N ALA B 191 17.63 31.07 33.47
CA ALA B 191 17.95 29.86 32.72
C ALA B 191 19.21 30.06 31.89
N GLN B 192 20.08 29.06 31.92
CA GLN B 192 21.36 29.15 31.23
C GLN B 192 21.48 28.24 30.03
N HIS B 193 20.55 27.29 29.85
CA HIS B 193 20.51 26.47 28.65
C HIS B 193 19.08 26.04 28.39
N VAL B 194 18.56 26.44 27.24
CA VAL B 194 17.18 26.17 26.85
C VAL B 194 17.19 25.43 25.52
N GLU B 195 16.49 24.29 25.47
CA GLU B 195 16.45 23.45 24.30
C GLU B 195 15.17 22.64 24.30
N GLU B 196 14.58 22.44 23.13
CA GLU B 196 13.45 21.54 22.90
C GLU B 196 12.32 21.78 23.91
N CYS B 197 11.74 22.98 23.85
CA CYS B 197 10.73 23.37 24.82
C CYS B 197 9.38 22.75 24.50
N SER B 198 8.65 22.41 25.55
CA SER B 198 7.23 22.04 25.45
C SER B 198 6.42 23.22 25.96
N CYS B 199 5.61 23.81 25.10
CA CYS B 199 4.96 25.08 25.37
C CYS B 199 3.45 24.88 25.41
N TYR B 200 2.80 25.54 26.37
CA TYR B 200 1.35 25.52 26.49
C TYR B 200 0.83 26.92 26.79
N PRO B 201 -0.38 27.25 26.35
CA PRO B 201 -0.92 28.59 26.60
C PRO B 201 -1.46 28.72 28.01
N ARG B 202 -0.92 29.69 28.75
CA ARG B 202 -1.42 30.06 30.07
C ARG B 202 -1.83 31.52 29.93
N TYR B 203 -3.11 31.75 29.67
CA TYR B 203 -3.59 33.06 29.24
C TYR B 203 -3.25 34.14 30.27
N PRO B 204 -2.76 35.30 29.83
CA PRO B 204 -2.60 35.78 28.44
C PRO B 204 -1.29 35.37 27.74
N GLY B 205 -0.38 34.65 28.40
CA GLY B 205 0.91 34.34 27.84
C GLY B 205 1.12 32.88 27.55
N VAL B 206 2.38 32.50 27.35
CA VAL B 206 2.77 31.14 27.02
C VAL B 206 3.80 30.67 28.04
N ARG B 207 3.65 29.44 28.51
CA ARG B 207 4.61 28.86 29.44
C ARG B 207 5.26 27.63 28.82
N CYS B 208 6.58 27.60 28.86
CA CYS B 208 7.36 26.53 28.22
C CYS B 208 8.25 25.88 29.25
N VAL B 209 8.33 24.55 29.20
CA VAL B 209 9.25 23.77 30.02
C VAL B 209 10.19 23.03 29.08
N CYS B 210 11.49 23.27 29.25
CA CYS B 210 12.48 22.94 28.24
C CYS B 210 13.49 21.93 28.79
N ARG B 211 14.53 21.69 27.99
CA ARG B 211 15.58 20.74 28.28
C ARG B 211 16.89 21.50 28.47
N ASP B 212 17.57 21.23 29.58
CA ASP B 212 18.90 21.77 29.82
C ASP B 212 19.94 20.71 29.53
N ASN B 213 20.89 21.03 28.65
CA ASN B 213 21.91 20.09 28.21
C ASN B 213 23.29 20.41 28.75
N TRP B 214 23.42 21.43 29.60
CA TRP B 214 24.75 21.91 30.02
C TRP B 214 25.02 21.61 31.48
N LYS B 215 24.19 22.11 32.40
CA LYS B 215 24.50 21.97 33.83
C LYS B 215 23.29 21.62 34.68
N GLY B 216 22.14 21.35 34.08
CA GLY B 216 20.94 21.19 34.88
C GLY B 216 20.17 19.92 34.65
N SER B 217 19.86 19.21 35.75
CA SER B 217 18.93 18.10 35.70
C SER B 217 17.50 18.53 35.94
N ASN B 218 17.28 19.72 36.48
CA ASN B 218 15.95 20.28 36.57
C ASN B 218 15.60 21.02 35.29
N ARG B 219 14.31 21.23 35.07
CA ARG B 219 13.93 21.73 33.77
C ARG B 219 13.74 23.24 33.79
N PRO B 220 14.25 23.94 32.78
CA PRO B 220 14.00 25.38 32.69
C PRO B 220 12.55 25.70 32.37
N ILE B 221 12.10 26.85 32.86
CA ILE B 221 10.78 27.40 32.57
C ILE B 221 10.98 28.75 31.91
N VAL B 222 10.30 28.95 30.78
CA VAL B 222 10.31 30.21 30.05
C VAL B 222 8.89 30.72 30.01
N ASP B 223 8.65 31.88 30.61
CA ASP B 223 7.36 32.54 30.53
C ASP B 223 7.46 33.67 29.51
N ILE B 224 6.52 33.68 28.57
CA ILE B 224 6.54 34.56 27.40
C ILE B 224 5.27 35.39 27.39
N ASN B 225 5.43 36.71 27.41
CA ASN B 225 4.32 37.65 27.32
C ASN B 225 4.28 38.16 25.88
N VAL B 226 3.22 37.80 25.16
CA VAL B 226 3.10 38.09 23.73
C VAL B 226 2.60 39.49 23.44
N LYS B 227 2.15 40.23 24.46
CA LYS B 227 1.68 41.58 24.24
C LYS B 227 2.85 42.56 24.11
N ASP B 228 3.74 42.58 25.10
CA ASP B 228 4.92 43.42 25.08
C ASP B 228 6.18 42.66 24.66
N TYR B 229 6.03 41.39 24.27
CA TYR B 229 7.13 40.54 23.81
C TYR B 229 8.24 40.44 24.86
N SER B 230 7.85 40.06 26.07
CA SER B 230 8.79 40.02 27.19
C SER B 230 9.01 38.58 27.65
N ILE B 231 10.25 38.29 28.03
CA ILE B 231 10.66 36.93 28.35
C ILE B 231 11.22 36.91 29.76
N VAL B 232 10.77 35.95 30.58
CA VAL B 232 11.42 35.66 31.85
C VAL B 232 11.65 34.16 31.93
N SER B 233 12.60 33.75 32.76
CA SER B 233 12.93 32.34 32.87
C SER B 233 13.40 32.00 34.27
N SER B 234 13.20 30.74 34.63
CA SER B 234 13.53 30.20 35.94
C SER B 234 13.68 28.69 35.79
N TYR B 235 13.65 27.98 36.92
CA TYR B 235 13.68 26.52 36.91
C TYR B 235 12.52 25.95 37.71
N VAL B 236 12.17 24.69 37.43
CA VAL B 236 11.11 24.02 38.16
C VAL B 236 11.54 23.80 39.60
N CYS B 237 10.67 24.16 40.54
CA CYS B 237 10.95 24.08 41.97
C CYS B 237 10.60 22.71 42.55
N SER B 238 10.56 21.68 41.73
CA SER B 238 10.06 20.39 42.20
C SER B 238 11.02 19.73 43.18
N GLY B 239 12.23 19.39 42.72
CA GLY B 239 13.12 18.55 43.48
C GLY B 239 13.17 17.12 42.98
N LEU B 240 12.03 16.58 42.56
CA LEU B 240 11.99 15.35 41.76
C LEU B 240 12.17 15.78 40.30
N VAL B 241 13.44 15.88 39.89
CA VAL B 241 13.76 16.44 38.59
C VAL B 241 13.29 15.50 37.48
N GLY B 242 13.06 16.08 36.30
CA GLY B 242 12.43 15.36 35.22
C GLY B 242 13.33 14.95 34.07
N ASP B 243 14.58 15.41 34.07
CA ASP B 243 15.50 15.04 33.01
C ASP B 243 15.94 13.59 33.18
N THR B 244 16.15 12.90 32.06
CA THR B 244 16.51 11.48 32.09
C THR B 244 17.84 11.25 32.79
N PRO B 245 18.95 11.97 32.47
CA PRO B 245 20.15 11.84 33.30
C PRO B 245 19.97 12.62 34.60
N ARG B 246 19.77 11.91 35.70
CA ARG B 246 19.50 12.54 36.97
C ARG B 246 19.96 11.63 38.10
N LYS B 247 20.09 12.23 39.29
CA LYS B 247 20.37 11.47 40.49
C LYS B 247 19.10 10.81 41.00
N ASN B 248 19.25 9.96 42.01
CA ASN B 248 18.10 9.31 42.60
C ASN B 248 17.25 10.31 43.38
N ASP B 249 16.08 9.84 43.84
CA ASP B 249 15.15 10.72 44.53
C ASP B 249 15.71 11.26 45.85
N SER B 250 16.65 10.55 46.46
CA SER B 250 17.21 11.01 47.72
C SER B 250 18.21 12.15 47.52
N SER B 251 18.93 12.17 46.39
CA SER B 251 19.99 13.14 46.16
C SER B 251 19.61 14.26 45.21
N SER B 252 18.49 14.16 44.51
CA SER B 252 18.10 15.20 43.58
C SER B 252 17.68 16.46 44.32
N SER B 253 17.78 17.60 43.65
CA SER B 253 17.43 18.88 44.26
C SER B 253 17.14 19.91 43.17
N SER B 254 16.41 20.95 43.57
CA SER B 254 16.12 22.08 42.71
C SER B 254 15.78 23.27 43.59
N HIS B 255 16.18 24.47 43.15
CA HIS B 255 15.97 25.67 43.97
C HIS B 255 15.52 26.87 43.15
N CYS B 256 14.86 26.65 42.02
CA CYS B 256 14.12 27.63 41.21
C CYS B 256 15.00 28.67 40.51
N LEU B 257 16.31 28.73 40.80
CA LEU B 257 17.10 29.81 40.24
C LEU B 257 18.20 29.30 39.32
N ASP B 258 19.04 28.39 39.83
CA ASP B 258 20.22 27.92 39.12
C ASP B 258 20.07 26.45 38.76
N PRO B 259 20.77 25.98 37.73
CA PRO B 259 20.88 24.54 37.52
C PRO B 259 21.55 23.87 38.71
N ASN B 260 21.11 22.65 39.02
CA ASN B 260 21.54 21.99 40.26
C ASN B 260 22.92 21.38 40.15
N ASN B 261 23.49 21.28 38.94
CA ASN B 261 24.79 20.66 38.70
C ASN B 261 24.82 19.23 39.22
N GLU B 262 23.77 18.47 38.90
CA GLU B 262 23.59 17.09 39.38
C GLU B 262 23.34 16.21 38.16
N GLU B 263 24.43 15.71 37.56
CA GLU B 263 24.38 14.83 36.38
C GLU B 263 23.63 15.46 35.23
N GLY B 264 23.65 16.79 35.14
CA GLY B 264 22.95 17.48 34.09
C GLY B 264 23.84 17.80 32.90
N GLY B 265 24.43 16.78 32.30
CA GLY B 265 25.28 16.99 31.14
C GLY B 265 24.58 16.68 29.84
N HIS B 266 23.37 16.14 29.94
CA HIS B 266 22.58 15.76 28.79
C HIS B 266 21.11 15.91 29.19
N GLY B 267 20.22 15.35 28.40
CA GLY B 267 18.82 15.42 28.76
C GLY B 267 17.88 14.73 27.78
N VAL B 268 16.58 14.83 28.06
CA VAL B 268 15.55 14.32 27.18
C VAL B 268 14.51 15.43 27.06
N LYS B 269 13.72 15.38 26.00
CA LYS B 269 12.60 16.31 25.88
C LYS B 269 11.48 15.88 26.81
N GLY B 270 11.10 16.77 27.72
CA GLY B 270 10.06 16.45 28.67
C GLY B 270 9.02 17.54 28.79
N TRP B 271 8.20 17.47 29.84
CA TRP B 271 7.12 18.43 30.02
C TRP B 271 6.77 18.51 31.50
N ALA B 272 6.15 19.63 31.86
CA ALA B 272 5.61 19.86 33.19
C ALA B 272 4.66 21.04 33.10
N PHE B 273 3.56 20.99 33.84
CA PHE B 273 2.65 22.12 33.89
C PHE B 273 2.12 22.31 35.30
N ASP B 274 1.57 23.49 35.56
CA ASP B 274 1.15 23.89 36.89
C ASP B 274 -0.35 23.71 37.06
N ASP B 275 -0.75 23.30 38.26
CA ASP B 275 -2.14 23.18 38.66
C ASP B 275 -2.38 23.98 39.92
N GLY B 276 -1.88 25.22 39.93
CA GLY B 276 -1.86 26.03 41.12
C GLY B 276 -0.46 26.09 41.69
N ASN B 277 -0.27 25.56 42.90
CA ASN B 277 1.07 25.42 43.46
C ASN B 277 1.68 24.07 43.15
N ASP B 278 0.87 23.08 42.78
CA ASP B 278 1.33 21.75 42.43
C ASP B 278 1.78 21.72 40.98
N VAL B 279 2.55 20.70 40.63
CA VAL B 279 3.04 20.52 39.26
C VAL B 279 2.75 19.10 38.80
N TRP B 280 2.12 18.98 37.64
CA TRP B 280 2.01 17.69 36.96
C TRP B 280 3.21 17.52 36.05
N MET B 281 3.91 16.39 36.20
CA MET B 281 5.19 16.19 35.54
C MET B 281 5.34 14.73 35.12
N GLY B 282 5.81 14.53 33.90
CA GLY B 282 6.13 13.19 33.42
C GLY B 282 7.60 13.02 33.10
N ARG B 283 8.21 11.98 33.64
CA ARG B 283 9.63 11.70 33.42
C ARG B 283 9.79 10.22 33.09
N THR B 284 11.03 9.80 32.88
CA THR B 284 11.34 8.40 32.68
C THR B 284 11.61 7.72 34.03
N ILE B 285 11.31 6.43 34.09
CA ILE B 285 11.52 5.67 35.33
C ILE B 285 13.01 5.51 35.61
N SER B 286 13.77 5.16 34.58
CA SER B 286 15.21 4.98 34.76
C SER B 286 15.90 6.31 34.98
N GLU B 287 16.97 6.28 35.78
CA GLU B 287 17.71 7.48 36.14
C GLU B 287 18.86 7.77 35.20
N LYS B 288 19.20 6.87 34.28
CA LYS B 288 20.30 7.07 33.36
C LYS B 288 19.95 6.77 31.91
N LEU B 289 18.98 5.89 31.65
CA LEU B 289 18.57 5.55 30.31
C LEU B 289 17.12 5.99 30.08
N ARG B 290 16.75 6.06 28.81
CA ARG B 290 15.38 6.45 28.44
C ARG B 290 14.48 5.22 28.34
N SER B 291 14.43 4.48 29.44
CA SER B 291 13.61 3.28 29.54
C SER B 291 12.55 3.51 30.61
N GLY B 292 11.29 3.28 30.25
CA GLY B 292 10.19 3.52 31.16
C GLY B 292 9.72 4.97 31.14
N TYR B 293 8.49 5.17 31.59
CA TYR B 293 7.93 6.51 31.67
C TYR B 293 6.79 6.52 32.68
N GLU B 294 6.89 7.42 33.66
CA GLU B 294 5.86 7.64 34.65
C GLU B 294 5.46 9.11 34.65
N THR B 295 4.25 9.38 35.15
CA THR B 295 3.76 10.73 35.38
C THR B 295 3.21 10.81 36.79
N PHE B 296 3.35 11.98 37.40
CA PHE B 296 2.86 12.17 38.76
C PHE B 296 2.60 13.64 39.01
N LYS B 297 2.15 13.93 40.23
CA LYS B 297 1.82 15.28 40.67
C LYS B 297 2.62 15.57 41.94
N VAL B 298 3.33 16.66 41.95
CA VAL B 298 4.11 17.09 43.10
C VAL B 298 3.38 18.22 43.79
N ILE B 299 3.11 18.04 45.08
CA ILE B 299 2.41 19.01 45.90
C ILE B 299 3.37 20.15 46.22
N GLU B 300 2.89 21.38 46.01
CA GLU B 300 3.67 22.61 46.22
C GLU B 300 4.95 22.59 45.38
N GLY B 301 4.87 22.00 44.19
CA GLY B 301 6.01 21.84 43.33
C GLY B 301 6.32 23.02 42.43
N TRP B 302 5.32 23.87 42.16
CA TRP B 302 5.55 25.09 41.40
C TRP B 302 5.83 26.30 42.28
N SER B 303 5.70 26.16 43.60
CA SER B 303 5.91 27.26 44.52
C SER B 303 7.03 27.02 45.52
N LYS B 304 7.02 25.87 46.20
CA LYS B 304 8.00 25.59 47.24
C LYS B 304 9.25 24.97 46.62
N PRO B 305 10.43 25.55 46.84
CA PRO B 305 11.66 24.94 46.30
C PRO B 305 11.95 23.59 46.93
N ASN B 306 12.30 22.62 46.09
CA ASN B 306 12.72 21.28 46.51
C ASN B 306 11.65 20.59 47.36
N SER B 307 10.50 20.35 46.72
CA SER B 307 9.36 19.70 47.36
C SER B 307 9.23 18.29 46.82
N LYS B 308 9.58 17.30 47.63
CA LYS B 308 9.61 15.90 47.20
C LYS B 308 8.37 15.13 47.64
N LEU B 309 7.21 15.80 47.65
CA LEU B 309 5.95 15.15 47.99
C LEU B 309 5.25 14.72 46.71
N GLN B 310 4.99 13.43 46.56
CA GLN B 310 4.48 12.85 45.33
C GLN B 310 3.11 12.22 45.58
N ILE B 311 2.17 12.49 44.68
CA ILE B 311 0.86 11.85 44.69
C ILE B 311 0.46 11.56 43.26
N ASN B 312 -0.46 10.60 43.11
CA ASN B 312 -1.11 10.27 41.85
C ASN B 312 -0.10 9.84 40.78
N ARG B 313 0.61 8.76 41.07
CA ARG B 313 1.60 8.22 40.15
C ARG B 313 0.94 7.25 39.17
N GLN B 314 1.23 7.45 37.89
CA GLN B 314 0.75 6.56 36.83
C GLN B 314 1.96 6.03 36.07
N VAL B 315 2.00 4.72 35.86
CA VAL B 315 3.03 4.12 35.03
C VAL B 315 2.53 4.08 33.60
N ILE B 316 3.06 4.97 32.77
CA ILE B 316 2.67 5.00 31.36
C ILE B 316 3.37 3.90 30.57
N VAL B 317 4.68 3.79 30.71
CA VAL B 317 5.47 2.71 30.10
C VAL B 317 6.29 2.07 31.21
N ASP B 318 6.25 0.74 31.27
CA ASP B 318 6.99 0.03 32.31
C ASP B 318 8.50 0.18 32.09
N ARG B 319 9.25 -0.01 33.18
CA ARG B 319 10.68 0.25 33.16
C ARG B 319 11.48 -0.73 32.31
N GLY B 320 10.89 -1.85 31.93
CA GLY B 320 11.57 -2.81 31.09
C GLY B 320 11.40 -2.55 29.60
N ASN B 321 10.82 -1.40 29.28
CA ASN B 321 10.54 -1.04 27.90
C ASN B 321 11.09 0.34 27.60
N ARG B 322 11.56 0.53 26.38
CA ARG B 322 12.20 1.78 26.00
C ARG B 322 11.18 2.91 25.87
N SER B 323 11.66 4.12 26.12
CA SER B 323 10.88 5.34 25.93
C SER B 323 11.77 6.35 25.21
N GLY B 324 11.30 7.59 25.13
CA GLY B 324 12.04 8.62 24.44
C GLY B 324 11.59 10.01 24.78
N TYR B 325 11.47 10.85 23.76
CA TYR B 325 10.96 12.21 23.93
C TYR B 325 9.54 12.20 24.46
N SER B 326 9.20 13.23 25.22
CA SER B 326 7.84 13.45 25.66
C SER B 326 7.51 14.92 25.50
N GLY B 327 6.23 15.20 25.30
CA GLY B 327 5.83 16.58 25.06
C GLY B 327 4.39 16.80 25.40
N ILE B 328 4.04 18.08 25.50
CA ILE B 328 2.70 18.51 25.91
C ILE B 328 1.98 19.13 24.72
N PHE B 329 0.65 19.09 24.75
CA PHE B 329 -0.19 19.84 23.84
C PHE B 329 -1.55 20.06 24.48
N SER B 330 -2.16 21.19 24.19
CA SER B 330 -3.40 21.61 24.81
C SER B 330 -4.57 21.44 23.84
N VAL B 331 -5.71 21.01 24.37
CA VAL B 331 -6.92 20.80 23.59
C VAL B 331 -8.01 21.68 24.18
N GLU B 332 -8.68 22.46 23.33
CA GLU B 332 -9.77 23.30 23.80
C GLU B 332 -11.01 22.48 24.03
N GLY B 333 -11.50 22.46 25.27
CA GLY B 333 -12.76 21.82 25.60
C GLY B 333 -13.92 22.78 25.42
N LYS B 334 -15.08 22.35 25.93
CA LYS B 334 -16.26 23.20 25.88
C LYS B 334 -16.31 24.19 27.05
N SER B 335 -15.58 23.92 28.13
CA SER B 335 -15.48 24.88 29.23
C SER B 335 -14.04 25.26 29.55
N CYS B 336 -13.12 24.31 29.42
CA CYS B 336 -11.76 24.52 29.90
C CYS B 336 -10.74 23.91 28.95
N ILE B 337 -9.50 24.39 29.05
CA ILE B 337 -8.41 23.82 28.28
C ILE B 337 -7.90 22.57 29.00
N ASN B 338 -7.75 21.48 28.24
CA ASN B 338 -7.23 20.23 28.76
C ASN B 338 -5.80 20.03 28.31
N ARG B 339 -4.98 19.44 29.17
CA ARG B 339 -3.59 19.15 28.86
C ARG B 339 -3.45 17.69 28.46
N CYS B 340 -2.59 17.42 27.49
CA CYS B 340 -2.34 16.06 27.04
C CYS B 340 -0.86 15.93 26.74
N PHE B 341 -0.34 14.71 26.82
CA PHE B 341 1.08 14.50 26.56
C PHE B 341 1.29 13.29 25.65
N TYR B 342 2.31 13.40 24.81
CA TYR B 342 2.76 12.34 23.93
C TYR B 342 4.09 11.81 24.44
N VAL B 343 4.31 10.51 24.26
CA VAL B 343 5.54 9.84 24.66
C VAL B 343 6.09 9.09 23.45
N GLU B 344 7.35 9.36 23.14
CA GLU B 344 8.08 8.60 22.13
C GLU B 344 8.46 7.24 22.69
N LEU B 345 8.41 6.22 21.83
CA LEU B 345 8.90 4.89 22.16
C LEU B 345 9.92 4.55 21.08
N ILE B 346 11.21 4.64 21.41
CA ILE B 346 12.25 4.45 20.42
C ILE B 346 12.60 2.97 20.32
N ARG B 347 12.58 2.44 19.11
CA ARG B 347 13.02 1.08 18.84
C ARG B 347 14.07 1.14 17.74
N GLY B 348 15.22 0.54 17.97
CA GLY B 348 16.23 0.53 16.96
C GLY B 348 17.62 0.55 17.57
N ARG B 349 18.57 1.08 16.80
CA ARG B 349 19.98 0.88 17.08
C ARG B 349 20.49 1.82 18.15
N LYS B 350 21.76 1.59 18.53
CA LYS B 350 22.54 2.16 19.63
C LYS B 350 22.11 1.59 20.97
N GLN B 351 21.00 0.85 21.04
CA GLN B 351 20.67 0.09 22.23
C GLN B 351 20.32 -1.34 21.83
N GLU B 352 19.68 -1.50 20.68
CA GLU B 352 19.27 -2.79 20.15
C GLU B 352 20.03 -3.01 18.85
N THR B 353 21.07 -3.85 18.90
CA THR B 353 21.95 -4.07 17.76
C THR B 353 21.49 -5.19 16.86
N GLU B 354 20.38 -5.85 17.17
CA GLU B 354 19.84 -6.90 16.32
C GLU B 354 19.25 -6.37 15.03
N VAL B 355 18.97 -5.07 14.94
CA VAL B 355 18.55 -4.44 13.70
C VAL B 355 19.54 -3.33 13.35
N LEU B 356 19.32 -2.70 12.20
CA LEU B 356 20.20 -1.65 11.72
C LEU B 356 19.56 -0.27 11.66
N TRP B 357 18.25 -0.19 11.82
CA TRP B 357 17.51 1.06 11.72
C TRP B 357 17.24 1.66 13.09
N THR B 358 16.55 2.78 13.10
CA THR B 358 16.12 3.46 14.33
C THR B 358 14.84 4.22 14.03
N SER B 359 13.74 3.80 14.65
CA SER B 359 12.45 4.41 14.43
C SER B 359 11.72 4.53 15.77
N ASN B 360 10.46 4.95 15.74
CA ASN B 360 9.73 5.23 16.97
C ASN B 360 8.27 4.88 16.78
N SER B 361 7.56 4.86 17.91
CA SER B 361 6.10 4.88 17.96
C SER B 361 5.67 5.95 18.96
N ILE B 362 4.40 6.26 18.97
CA ILE B 362 3.87 7.27 19.88
C ILE B 362 2.82 6.63 20.78
N VAL B 363 2.74 7.10 22.01
CA VAL B 363 1.58 6.84 22.87
C VAL B 363 1.11 8.17 23.44
N VAL B 364 -0.17 8.46 23.28
CA VAL B 364 -0.73 9.77 23.60
C VAL B 364 -1.77 9.60 24.70
N PHE B 365 -1.61 10.36 25.78
CA PHE B 365 -2.49 10.38 26.93
C PHE B 365 -3.07 11.78 27.12
N CYS B 366 -4.26 11.84 27.73
CA CYS B 366 -4.93 13.12 27.96
C CYS B 366 -5.42 13.18 29.40
N GLY B 367 -5.46 14.39 29.95
CA GLY B 367 -5.92 14.56 31.30
C GLY B 367 -7.41 14.38 31.45
N THR B 368 -7.82 13.96 32.65
CA THR B 368 -9.22 13.68 32.93
C THR B 368 -9.56 14.14 34.33
N SER B 369 -10.78 14.65 34.50
CA SER B 369 -11.27 15.01 35.83
C SER B 369 -11.89 13.83 36.56
N GLY B 370 -12.08 12.71 35.88
CA GLY B 370 -12.66 11.53 36.48
C GLY B 370 -11.63 10.53 36.96
N THR B 371 -12.08 9.30 37.14
CA THR B 371 -11.23 8.23 37.63
C THR B 371 -10.62 7.45 36.47
N TYR B 372 -9.67 6.58 36.80
CA TYR B 372 -8.95 5.79 35.81
C TYR B 372 -8.41 4.54 36.50
N GLY B 373 -7.57 3.79 35.78
CA GLY B 373 -6.97 2.60 36.33
C GLY B 373 -5.47 2.54 36.07
N THR B 374 -4.91 1.33 36.09
CA THR B 374 -3.49 1.13 35.85
C THR B 374 -3.29 0.29 34.59
N GLY B 375 -2.09 0.38 34.04
CA GLY B 375 -1.76 -0.40 32.86
C GLY B 375 -0.38 -0.02 32.36
N SER B 376 0.00 -0.66 31.26
CA SER B 376 1.24 -0.34 30.56
C SER B 376 1.01 -0.43 29.06
N TRP B 377 1.60 0.51 28.33
CA TRP B 377 1.42 0.58 26.88
C TRP B 377 2.77 0.79 26.21
N PRO B 378 3.57 -0.26 26.10
CA PRO B 378 4.86 -0.13 25.41
C PRO B 378 4.69 -0.26 23.91
N ASP B 379 5.82 -0.16 23.20
CA ASP B 379 5.81 -0.35 21.76
C ASP B 379 5.40 -1.77 21.41
N GLY B 380 5.95 -2.76 22.11
CA GLY B 380 5.50 -4.13 22.00
C GLY B 380 5.73 -4.80 20.67
N ALA B 381 6.89 -4.53 20.05
CA ALA B 381 7.27 -5.18 18.80
C ALA B 381 8.45 -6.10 19.09
N ASP B 382 8.33 -7.35 18.67
CA ASP B 382 9.44 -8.30 18.81
C ASP B 382 10.53 -7.94 17.82
N ILE B 383 11.72 -7.59 18.32
CA ILE B 383 12.79 -7.12 17.45
C ILE B 383 13.37 -8.25 16.62
N ASN B 384 13.09 -9.50 16.96
CA ASN B 384 13.57 -10.65 16.21
C ASN B 384 12.70 -10.98 14.99
N LEU B 385 11.52 -10.38 14.90
CA LEU B 385 10.64 -10.55 13.75
C LEU B 385 10.70 -9.37 12.79
N MET B 386 11.67 -8.48 12.96
CA MET B 386 11.70 -7.27 12.17
C MET B 386 12.80 -7.34 11.11
N PRO B 387 12.61 -6.69 9.96
CA PRO B 387 13.66 -6.65 8.94
C PRO B 387 14.80 -5.71 9.31
N ALA C 1 -14.07 30.54 -6.18
CA ALA C 1 -15.33 31.24 -6.41
C ALA C 1 -15.19 32.32 -7.46
N GLU C 2 -14.02 32.97 -7.47
CA GLU C 2 -13.73 34.04 -8.43
C GLU C 2 -12.43 33.73 -9.16
N TYR C 3 -12.25 34.38 -10.30
CA TYR C 3 -11.08 34.13 -11.13
C TYR C 3 -9.84 34.72 -10.49
N ARG C 4 -8.68 34.30 -11.01
CA ARG C 4 -7.39 34.79 -10.57
C ARG C 4 -6.90 35.87 -11.53
N ASN C 5 -6.50 37.01 -10.98
CA ASN C 5 -6.01 38.13 -11.78
C ASN C 5 -4.52 38.37 -11.66
N TRP C 6 -3.91 37.93 -10.55
CA TRP C 6 -2.49 38.18 -10.26
C TRP C 6 -2.17 39.67 -10.27
N SER C 7 -3.10 40.50 -9.82
CA SER C 7 -2.93 41.94 -9.84
C SER C 7 -2.30 42.45 -8.54
N LYS C 8 -1.19 41.84 -8.16
CA LYS C 8 -0.40 42.25 -7.00
C LYS C 8 1.05 42.41 -7.42
N PRO C 9 1.81 43.27 -6.73
CA PRO C 9 3.22 43.44 -7.08
C PRO C 9 4.03 42.21 -6.74
N GLN C 10 5.16 42.07 -7.44
CA GLN C 10 6.12 41.01 -7.18
C GLN C 10 6.99 41.45 -6.01
N CYS C 11 6.88 40.75 -4.88
CA CYS C 11 7.57 41.19 -3.68
C CYS C 11 9.06 40.89 -3.77
N ASN C 12 9.80 41.45 -2.82
CA ASN C 12 11.25 41.41 -2.84
C ASN C 12 11.77 39.99 -2.68
N ILE C 13 12.74 39.64 -3.51
CA ILE C 13 13.35 38.31 -3.53
C ILE C 13 14.83 38.49 -3.29
N THR C 14 15.30 38.13 -2.10
CA THR C 14 16.71 38.13 -1.78
C THR C 14 17.36 36.77 -1.99
N GLY C 15 16.59 35.77 -2.40
CA GLY C 15 17.08 34.43 -2.58
C GLY C 15 15.92 33.44 -2.56
N PHE C 16 16.26 32.19 -2.25
CA PHE C 16 15.27 31.12 -2.22
C PHE C 16 15.51 30.24 -1.00
N ALA C 17 14.42 29.68 -0.48
CA ALA C 17 14.44 28.87 0.73
C ALA C 17 13.80 27.51 0.45
N PRO C 18 14.24 26.47 1.15
CA PRO C 18 13.68 25.13 0.90
C PRO C 18 12.21 25.05 1.26
N PHE C 19 11.44 24.44 0.38
CA PHE C 19 10.00 24.34 0.56
C PHE C 19 9.49 22.91 0.63
N SER C 20 9.91 22.04 -0.29
CA SER C 20 9.38 20.69 -0.30
C SER C 20 10.36 19.73 -0.96
N LYS C 21 10.24 18.45 -0.59
CA LYS C 21 11.06 17.40 -1.18
C LYS C 21 10.27 16.11 -1.19
N ASP C 22 10.33 15.38 -2.29
CA ASP C 22 9.70 14.08 -2.44
C ASP C 22 10.79 13.04 -2.66
N ASN C 23 11.01 12.19 -1.66
CA ASN C 23 12.06 11.17 -1.73
C ASN C 23 11.54 9.92 -2.44
N SER C 24 11.14 10.11 -3.70
CA SER C 24 10.44 9.06 -4.43
C SER C 24 11.35 7.86 -4.70
N ILE C 25 12.59 8.12 -5.12
CA ILE C 25 13.49 7.01 -5.44
C ILE C 25 13.92 6.27 -4.18
N ARG C 26 14.17 7.00 -3.10
CA ARG C 26 14.51 6.37 -1.83
C ARG C 26 13.35 5.53 -1.30
N LEU C 27 12.13 6.05 -1.40
CA LEU C 27 10.97 5.31 -0.92
C LEU C 27 10.58 4.18 -1.84
N SER C 28 11.04 4.20 -3.09
CA SER C 28 10.59 3.26 -4.11
C SER C 28 11.32 1.92 -4.05
N ALA C 29 12.42 1.83 -3.32
CA ALA C 29 13.10 0.55 -3.19
C ALA C 29 12.38 -0.36 -2.20
N GLY C 30 11.74 0.22 -1.19
CA GLY C 30 10.94 -0.54 -0.26
C GLY C 30 9.49 -0.10 -0.24
N GLY C 31 8.94 0.19 -1.42
CA GLY C 31 7.57 0.67 -1.50
C GLY C 31 7.05 0.59 -2.91
N ASP C 32 5.86 1.13 -3.10
CA ASP C 32 5.15 1.12 -4.38
C ASP C 32 5.03 2.56 -4.87
N ILE C 33 5.96 2.96 -5.73
CA ILE C 33 6.03 4.32 -6.26
C ILE C 33 6.03 4.25 -7.78
N TRP C 34 5.31 5.18 -8.40
CA TRP C 34 5.26 5.27 -9.86
C TRP C 34 6.64 5.59 -10.43
N VAL C 35 6.83 5.23 -11.70
CA VAL C 35 7.99 5.67 -12.48
C VAL C 35 7.55 6.88 -13.28
N THR C 36 8.17 8.02 -13.01
CA THR C 36 7.73 9.28 -13.57
C THR C 36 8.89 10.03 -14.18
N ARG C 37 8.57 10.99 -15.04
CA ARG C 37 9.51 11.99 -15.52
C ARG C 37 8.73 13.24 -15.88
N GLU C 38 9.46 14.35 -15.99
CA GLU C 38 8.89 15.65 -16.31
C GLU C 38 7.78 16.08 -15.36
N PRO C 39 8.11 16.38 -14.10
CA PRO C 39 7.10 16.85 -13.15
C PRO C 39 7.00 18.37 -13.16
N TYR C 40 5.99 18.88 -12.47
CA TYR C 40 5.85 20.32 -12.28
C TYR C 40 4.88 20.57 -11.14
N VAL C 41 5.02 21.72 -10.49
CA VAL C 41 4.17 22.10 -9.38
C VAL C 41 3.27 23.24 -9.83
N SER C 42 1.97 23.06 -9.66
CA SER C 42 0.99 24.12 -9.87
C SER C 42 0.09 24.21 -8.65
N CYS C 43 -0.16 25.44 -8.21
CA CYS C 43 -0.83 25.68 -6.94
C CYS C 43 -2.21 26.28 -7.20
N ASP C 44 -3.24 25.64 -6.65
CA ASP C 44 -4.56 26.25 -6.59
C ASP C 44 -4.54 27.28 -5.45
N PRO C 45 -5.56 28.15 -5.37
CA PRO C 45 -5.54 29.19 -4.32
C PRO C 45 -5.49 28.66 -2.90
N ASP C 46 -5.76 27.37 -2.66
CA ASP C 46 -5.72 26.84 -1.30
C ASP C 46 -4.40 26.14 -0.98
N LYS C 47 -3.83 25.40 -1.92
CA LYS C 47 -2.63 24.61 -1.65
C LYS C 47 -1.85 24.45 -2.94
N CYS C 48 -0.87 23.54 -2.91
CA CYS C 48 -0.02 23.28 -4.07
C CYS C 48 -0.07 21.82 -4.45
N TYR C 49 0.00 21.56 -5.75
CA TYR C 49 -0.13 20.22 -6.31
C TYR C 49 1.08 19.89 -7.16
N GLN C 50 1.53 18.65 -7.08
CA GLN C 50 2.62 18.13 -7.91
C GLN C 50 2.05 17.24 -9.00
N PHE C 51 2.64 17.33 -10.18
CA PHE C 51 2.18 16.65 -11.37
C PHE C 51 3.37 15.92 -12.00
N ALA C 52 3.10 14.77 -12.58
CA ALA C 52 4.17 14.01 -13.21
C ALA C 52 3.62 13.29 -14.43
N LEU C 53 4.52 12.97 -15.36
CA LEU C 53 4.17 12.16 -16.52
C LEU C 53 4.61 10.74 -16.23
N GLY C 54 3.69 9.93 -15.73
CA GLY C 54 3.99 8.57 -15.38
C GLY C 54 4.24 7.70 -16.60
N GLN C 55 4.62 6.45 -16.33
CA GLN C 55 4.93 5.50 -17.38
C GLN C 55 4.06 4.25 -17.30
N GLY C 56 2.96 4.34 -16.55
CA GLY C 56 2.06 3.20 -16.43
C GLY C 56 2.65 2.01 -15.71
N THR C 57 3.56 2.24 -14.77
CA THR C 57 4.20 1.15 -14.04
C THR C 57 4.80 1.67 -12.75
N THR C 58 4.98 0.77 -11.80
CA THR C 58 5.77 1.06 -10.61
C THR C 58 7.23 0.70 -10.86
N LEU C 59 8.09 1.07 -9.92
CA LEU C 59 9.52 0.84 -10.09
C LEU C 59 9.94 -0.59 -9.75
N ASN C 60 9.37 -1.17 -8.69
CA ASN C 60 9.62 -2.57 -8.38
C ASN C 60 8.65 -3.43 -9.19
N ASN C 61 8.89 -3.44 -10.50
CA ASN C 61 7.98 -4.05 -11.45
C ASN C 61 8.78 -4.50 -12.67
N GLY C 62 8.22 -5.46 -13.39
CA GLY C 62 8.88 -5.94 -14.60
C GLY C 62 8.75 -4.96 -15.76
N HIS C 63 7.73 -4.12 -15.72
CA HIS C 63 7.49 -3.14 -16.78
C HIS C 63 8.33 -1.88 -16.62
N SER C 64 9.25 -1.86 -15.65
CA SER C 64 10.20 -0.77 -15.54
C SER C 64 11.39 -0.94 -16.48
N ASN C 65 11.52 -2.07 -17.15
CA ASN C 65 12.59 -2.26 -18.12
C ASN C 65 12.35 -1.34 -19.32
N ASP C 66 13.42 -0.66 -19.75
CA ASP C 66 13.39 0.26 -20.89
C ASP C 66 12.35 1.36 -20.69
N THR C 67 12.52 2.13 -19.62
CA THR C 67 11.61 3.23 -19.32
C THR C 67 12.15 4.55 -19.85
N VAL C 68 13.27 4.52 -20.57
CA VAL C 68 13.91 5.74 -21.06
C VAL C 68 13.10 6.43 -22.15
N HIS C 69 12.15 5.71 -22.76
CA HIS C 69 11.35 6.28 -23.82
C HIS C 69 10.42 7.37 -23.28
N ASP C 70 10.18 8.38 -24.12
CA ASP C 70 9.45 9.57 -23.69
C ASP C 70 8.01 9.61 -24.19
N ARG C 71 7.71 9.03 -25.34
CA ARG C 71 6.38 9.07 -25.93
C ARG C 71 5.85 7.64 -25.99
N THR C 72 5.02 7.29 -25.02
CA THR C 72 4.51 5.94 -24.82
C THR C 72 2.99 6.01 -24.60
N PRO C 73 2.23 5.12 -25.23
CA PRO C 73 0.76 5.19 -25.10
C PRO C 73 0.24 4.99 -23.69
N TYR C 74 1.03 4.40 -22.79
CA TYR C 74 0.60 4.14 -21.42
C TYR C 74 0.94 5.27 -20.46
N ARG C 75 1.52 6.35 -20.95
CA ARG C 75 1.85 7.48 -20.09
C ARG C 75 0.60 8.25 -19.71
N THR C 76 0.49 8.60 -18.43
CA THR C 76 -0.65 9.34 -17.92
C THR C 76 -0.14 10.45 -17.01
N LEU C 77 -0.97 11.47 -16.83
CA LEU C 77 -0.62 12.59 -15.96
C LEU C 77 -1.09 12.30 -14.54
N LEU C 78 -0.14 12.28 -13.61
CA LEU C 78 -0.39 11.96 -12.21
C LEU C 78 -0.45 13.25 -11.40
N MET C 79 -1.49 13.36 -10.58
CA MET C 79 -1.78 14.54 -9.77
C MET C 79 -1.74 14.14 -8.30
N ASN C 80 -1.06 14.92 -7.48
CA ASN C 80 -1.03 14.69 -6.05
C ASN C 80 -0.88 16.01 -5.31
N GLU C 81 -1.20 16.00 -4.02
CA GLU C 81 -0.83 17.11 -3.16
C GLU C 81 0.67 17.19 -3.01
N LEU C 82 1.21 18.40 -2.96
CA LEU C 82 2.65 18.57 -2.90
C LEU C 82 3.20 18.02 -1.59
N GLY C 83 4.10 17.05 -1.70
CA GLY C 83 4.65 16.34 -0.56
C GLY C 83 4.24 14.89 -0.50
N VAL C 84 3.07 14.55 -1.01
CA VAL C 84 2.61 13.16 -1.07
C VAL C 84 3.31 12.46 -2.22
N PRO C 85 4.05 11.39 -1.98
CA PRO C 85 4.70 10.68 -3.09
C PRO C 85 3.69 9.97 -3.98
N PHE C 86 4.15 9.61 -5.17
CA PHE C 86 3.28 9.04 -6.20
C PHE C 86 3.12 7.55 -5.92
N HIS C 87 2.23 7.23 -4.99
CA HIS C 87 1.94 5.86 -4.61
C HIS C 87 0.79 5.31 -5.46
N LEU C 88 0.27 4.13 -5.10
CA LEU C 88 -0.74 3.47 -5.90
C LEU C 88 -2.11 4.14 -5.83
N GLY C 89 -2.33 5.05 -4.89
CA GLY C 89 -3.58 5.75 -4.75
C GLY C 89 -3.66 7.08 -5.46
N THR C 90 -2.73 7.37 -6.36
CA THR C 90 -2.75 8.64 -7.08
C THR C 90 -3.83 8.65 -8.14
N LYS C 91 -4.08 9.85 -8.67
CA LYS C 91 -5.08 10.06 -9.71
C LYS C 91 -4.39 10.30 -11.04
N GLN C 92 -4.83 9.57 -12.07
CA GLN C 92 -4.39 9.78 -13.45
C GLN C 92 -5.47 10.61 -14.13
N VAL C 93 -5.18 11.89 -14.36
CA VAL C 93 -6.20 12.82 -14.80
C VAL C 93 -6.41 12.75 -16.31
N CYS C 94 -5.41 12.27 -17.05
CA CYS C 94 -5.49 12.21 -18.50
C CYS C 94 -4.37 11.32 -19.03
N ILE C 95 -4.49 10.98 -20.31
CA ILE C 95 -3.45 10.26 -21.04
C ILE C 95 -2.58 11.29 -21.72
N ALA C 96 -1.29 11.31 -21.39
CA ALA C 96 -0.39 12.31 -21.96
C ALA C 96 1.06 11.89 -21.80
N TRP C 97 1.82 12.08 -22.87
CA TRP C 97 3.27 12.15 -22.78
C TRP C 97 3.75 13.60 -22.83
N SER C 98 2.83 14.55 -22.78
CA SER C 98 3.12 15.98 -22.66
C SER C 98 1.91 16.66 -22.04
N SER C 99 2.10 17.47 -21.00
CA SER C 99 0.98 17.99 -20.24
C SER C 99 1.26 19.40 -19.75
N SER C 100 0.18 20.11 -19.42
CA SER C 100 0.29 21.45 -18.85
C SER C 100 -0.96 21.71 -18.02
N SER C 101 -0.79 21.99 -16.73
CA SER C 101 -1.91 22.14 -15.82
C SER C 101 -1.89 23.52 -15.18
N CYS C 102 -3.09 24.09 -15.01
CA CYS C 102 -3.21 25.39 -14.35
C CYS C 102 -4.56 25.49 -13.65
N HIS C 103 -4.68 26.46 -12.77
CA HIS C 103 -5.91 26.74 -12.03
C HIS C 103 -6.27 28.21 -12.22
N ASP C 104 -7.50 28.46 -12.65
CA ASP C 104 -7.97 29.83 -12.88
C ASP C 104 -8.63 30.45 -11.66
N GLY C 105 -8.64 29.74 -10.54
CA GLY C 105 -9.36 30.16 -9.36
C GLY C 105 -10.72 29.49 -9.20
N LYS C 106 -11.22 28.85 -10.24
CA LYS C 106 -12.49 28.13 -10.21
C LYS C 106 -12.32 26.63 -10.37
N ALA C 107 -11.51 26.19 -11.33
CA ALA C 107 -11.31 24.77 -11.58
C ALA C 107 -9.94 24.55 -12.18
N TRP C 108 -9.65 23.29 -12.52
CA TRP C 108 -8.37 22.94 -13.10
C TRP C 108 -8.50 22.78 -14.62
N LEU C 109 -7.50 23.28 -15.34
CA LEU C 109 -7.36 23.05 -16.76
C LEU C 109 -6.13 22.20 -17.03
N HIS C 110 -6.33 21.09 -17.74
CA HIS C 110 -5.27 20.17 -18.10
C HIS C 110 -5.20 20.08 -19.62
N VAL C 111 -4.01 20.31 -20.18
CA VAL C 111 -3.74 20.12 -21.59
C VAL C 111 -2.88 18.87 -21.72
N CYS C 112 -3.37 17.89 -22.47
CA CYS C 112 -2.77 16.56 -22.48
C CYS C 112 -2.61 16.10 -23.92
N VAL C 113 -1.37 15.84 -24.35
CA VAL C 113 -1.09 15.43 -25.71
C VAL C 113 -0.73 13.95 -25.72
N THR C 114 -1.40 13.19 -26.59
CA THR C 114 -1.16 11.76 -26.65
C THR C 114 -1.48 11.25 -28.05
N GLY C 115 -1.01 10.03 -28.33
CA GLY C 115 -1.24 9.43 -29.62
C GLY C 115 0.03 9.21 -30.42
N ASP C 116 -0.10 9.05 -31.73
CA ASP C 116 1.06 8.87 -32.58
C ASP C 116 1.82 10.19 -32.72
N ASP C 117 3.12 10.07 -33.01
CA ASP C 117 3.95 11.25 -33.22
C ASP C 117 3.53 12.01 -34.47
N GLU C 118 3.26 11.30 -35.57
CA GLU C 118 2.86 11.95 -36.80
C GLU C 118 1.47 12.56 -36.70
N ASN C 119 0.62 12.01 -35.83
CA ASN C 119 -0.76 12.51 -35.70
C ASN C 119 -1.13 12.39 -34.22
N ALA C 120 -0.99 13.50 -33.48
CA ALA C 120 -1.22 13.51 -32.06
C ALA C 120 -2.47 14.34 -31.73
N THR C 121 -3.05 14.07 -30.57
CA THR C 121 -4.24 14.76 -30.11
C THR C 121 -3.95 15.47 -28.79
N ALA C 122 -4.24 16.76 -28.76
CA ALA C 122 -4.14 17.57 -27.54
C ALA C 122 -5.56 17.78 -27.02
N SER C 123 -5.84 17.24 -25.84
CA SER C 123 -7.14 17.33 -25.20
C SER C 123 -7.08 18.39 -24.11
N PHE C 124 -8.07 19.27 -24.10
CA PHE C 124 -8.21 20.32 -23.10
C PHE C 124 -9.37 19.93 -22.19
N ILE C 125 -9.04 19.63 -20.94
CA ILE C 125 -9.97 19.11 -19.94
C ILE C 125 -10.14 20.17 -18.86
N TYR C 126 -11.39 20.55 -18.59
CA TYR C 126 -11.68 21.58 -17.61
C TYR C 126 -12.79 21.09 -16.69
N ASN C 127 -12.60 21.28 -15.38
CA ASN C 127 -13.56 20.91 -14.35
C ASN C 127 -13.93 19.42 -14.39
N GLY C 128 -12.98 18.55 -14.70
CA GLY C 128 -13.22 17.13 -14.71
C GLY C 128 -13.85 16.57 -15.97
N ARG C 129 -14.08 17.40 -16.98
CA ARG C 129 -14.66 16.94 -18.23
C ARG C 129 -13.86 17.46 -19.42
N LEU C 130 -13.83 16.67 -20.49
CA LEU C 130 -13.16 17.08 -21.70
C LEU C 130 -13.97 18.16 -22.40
N VAL C 131 -13.34 19.30 -22.68
CA VAL C 131 -14.06 20.44 -23.24
C VAL C 131 -13.60 20.70 -24.66
N ASP C 132 -12.34 20.40 -24.98
CA ASP C 132 -11.89 20.68 -26.33
C ASP C 132 -10.80 19.69 -26.73
N SER C 133 -10.47 19.71 -28.02
CA SER C 133 -9.36 18.92 -28.55
C SER C 133 -8.91 19.50 -29.87
N ILE C 134 -7.60 19.41 -30.12
CA ILE C 134 -7.01 19.76 -31.40
C ILE C 134 -6.07 18.63 -31.82
N GLY C 135 -5.69 18.66 -33.10
CA GLY C 135 -4.70 17.74 -33.62
C GLY C 135 -3.43 18.47 -34.00
N SER C 136 -2.46 17.75 -34.54
CA SER C 136 -1.23 18.38 -34.99
C SER C 136 -1.49 19.25 -36.20
N TRP C 137 -0.86 20.42 -36.24
CA TRP C 137 -0.94 21.29 -37.40
C TRP C 137 0.27 21.18 -38.31
N SER C 138 1.37 20.61 -37.82
CA SER C 138 2.55 20.36 -38.64
C SER C 138 2.91 18.89 -38.73
N LYS C 139 2.26 18.02 -37.96
CA LYS C 139 2.38 16.56 -38.06
C LYS C 139 3.79 16.06 -37.74
N LYS C 140 4.56 16.84 -36.98
CA LYS C 140 5.85 16.32 -36.57
C LYS C 140 5.78 15.66 -35.20
N ILE C 141 5.59 16.48 -34.16
CA ILE C 141 5.31 16.05 -32.79
C ILE C 141 4.70 17.25 -32.09
N LEU C 142 3.56 17.03 -31.42
CA LEU C 142 2.85 18.11 -30.75
C LEU C 142 3.26 18.10 -29.28
N ARG C 143 3.82 19.22 -28.82
CA ARG C 143 4.33 19.33 -27.46
C ARG C 143 3.76 20.57 -26.79
N THR C 144 3.73 20.54 -25.46
CA THR C 144 3.29 21.67 -24.67
C THR C 144 4.41 22.03 -23.69
N GLN C 145 4.09 22.91 -22.75
CA GLN C 145 5.09 23.50 -21.86
C GLN C 145 5.80 22.47 -20.98
N GLU C 146 5.09 21.43 -20.58
CA GLU C 146 5.50 20.50 -19.52
C GLU C 146 5.73 21.21 -18.19
N SER C 147 5.07 22.35 -18.00
CA SER C 147 5.03 23.06 -16.74
C SER C 147 3.63 23.64 -16.59
N GLU C 148 3.47 24.56 -15.64
CA GLU C 148 2.16 25.12 -15.40
C GLU C 148 1.83 26.20 -16.43
N CYS C 149 0.56 26.28 -16.80
CA CYS C 149 0.08 27.39 -17.60
C CYS C 149 -0.35 28.53 -16.69
N VAL C 150 -0.65 29.67 -17.30
CA VAL C 150 -1.01 30.88 -16.57
C VAL C 150 -2.41 31.30 -17.00
N CYS C 151 -3.28 31.50 -16.03
CA CYS C 151 -4.65 31.94 -16.25
C CYS C 151 -4.84 33.32 -15.61
N ILE C 152 -5.24 34.29 -16.42
CA ILE C 152 -5.57 35.63 -15.95
C ILE C 152 -7.00 35.93 -16.35
N ASN C 153 -7.84 36.26 -15.35
CA ASN C 153 -9.24 36.62 -15.56
C ASN C 153 -10.00 35.57 -16.35
N GLY C 154 -9.69 34.30 -16.12
CA GLY C 154 -10.36 33.21 -16.81
C GLY C 154 -9.80 32.84 -18.15
N THR C 155 -8.77 33.53 -18.64
CA THR C 155 -8.13 33.20 -19.90
C THR C 155 -6.77 32.58 -19.63
N CYS C 156 -6.56 31.36 -20.11
CA CYS C 156 -5.36 30.60 -19.83
C CYS C 156 -4.54 30.50 -21.12
N THR C 157 -3.23 30.71 -21.00
CA THR C 157 -2.33 30.70 -22.13
C THR C 157 -1.46 29.46 -22.10
N VAL C 158 -1.48 28.69 -23.19
CA VAL C 158 -0.64 27.50 -23.32
C VAL C 158 0.22 27.64 -24.57
N VAL C 159 1.52 27.41 -24.42
CA VAL C 159 2.45 27.45 -25.54
C VAL C 159 2.61 26.03 -26.06
N MET C 160 2.27 25.82 -27.32
CA MET C 160 2.32 24.49 -27.95
C MET C 160 3.16 24.56 -29.21
N THR C 161 4.09 23.63 -29.33
CA THR C 161 5.03 23.60 -30.45
C THR C 161 4.83 22.34 -31.28
N ASP C 162 5.08 22.46 -32.59
CA ASP C 162 4.98 21.33 -33.49
C ASP C 162 5.97 21.55 -34.62
N GLY C 163 6.91 20.64 -34.78
CA GLY C 163 7.93 20.77 -35.79
C GLY C 163 9.22 20.15 -35.32
N SER C 164 10.29 20.47 -36.06
CA SER C 164 11.59 19.89 -35.78
C SER C 164 12.20 20.49 -34.52
N ALA C 165 12.92 19.65 -33.77
CA ALA C 165 13.70 20.13 -32.65
C ALA C 165 15.06 20.65 -33.08
N SER C 166 15.49 20.32 -34.30
CA SER C 166 16.75 20.80 -34.86
C SER C 166 16.53 21.75 -36.03
N GLY C 167 15.34 22.34 -36.13
CA GLY C 167 15.05 23.24 -37.23
C GLY C 167 13.89 24.13 -36.89
N LYS C 168 13.33 24.76 -37.92
CA LYS C 168 12.18 25.63 -37.73
C LYS C 168 10.95 24.82 -37.33
N ALA C 169 10.24 25.30 -36.32
CA ALA C 169 9.04 24.64 -35.83
C ALA C 169 7.94 25.67 -35.62
N ASP C 170 6.70 25.27 -35.92
CA ASP C 170 5.56 26.15 -35.73
C ASP C 170 5.17 26.15 -34.26
N THR C 171 5.33 27.29 -33.61
CA THR C 171 4.98 27.46 -32.21
C THR C 171 3.80 28.41 -32.10
N LYS C 172 2.77 27.99 -31.37
CA LYS C 172 1.55 28.75 -31.23
C LYS C 172 1.22 28.95 -29.75
N ILE C 173 0.47 30.02 -29.48
CA ILE C 173 0.00 30.33 -28.14
C ILE C 173 -1.51 30.25 -28.19
N LEU C 174 -2.08 29.38 -27.35
CA LEU C 174 -3.50 29.12 -27.34
C LEU C 174 -4.13 29.77 -26.11
N PHE C 175 -5.17 30.56 -26.34
CA PHE C 175 -5.93 31.22 -25.29
C PHE C 175 -7.25 30.50 -25.12
N ILE C 176 -7.46 29.98 -23.90
CA ILE C 176 -8.55 29.08 -23.58
C ILE C 176 -9.33 29.65 -22.41
N GLU C 177 -10.66 29.69 -22.53
CA GLU C 177 -11.52 30.06 -21.42
C GLU C 177 -12.44 28.90 -21.08
N GLU C 178 -12.28 28.37 -19.87
CA GLU C 178 -13.10 27.26 -19.35
C GLU C 178 -13.04 26.04 -20.27
N GLY C 179 -11.82 25.69 -20.69
CA GLY C 179 -11.60 24.49 -21.48
C GLY C 179 -11.84 24.63 -22.96
N LYS C 180 -12.29 25.79 -23.42
CA LYS C 180 -12.60 26.00 -24.83
C LYS C 180 -11.60 27.00 -25.41
N ILE C 181 -10.97 26.63 -26.52
CA ILE C 181 -10.00 27.50 -27.17
C ILE C 181 -10.73 28.66 -27.82
N VAL C 182 -10.50 29.87 -27.32
CA VAL C 182 -11.13 31.03 -27.94
C VAL C 182 -10.17 31.70 -28.91
N HIS C 183 -8.86 31.51 -28.75
CA HIS C 183 -7.97 32.13 -29.72
C HIS C 183 -6.70 31.31 -29.86
N THR C 184 -6.06 31.46 -31.02
CA THR C 184 -4.73 30.94 -31.26
C THR C 184 -3.90 32.05 -31.90
N SER C 185 -2.59 32.06 -31.61
CA SER C 185 -1.73 33.12 -32.09
C SER C 185 -0.37 32.55 -32.47
N PRO C 186 0.08 32.74 -33.71
CA PRO C 186 1.42 32.31 -34.09
C PRO C 186 2.49 33.08 -33.33
N LEU C 187 3.61 32.41 -33.09
CA LEU C 187 4.73 33.06 -32.40
C LEU C 187 5.33 34.13 -33.28
N SER C 188 5.53 35.32 -32.71
CA SER C 188 6.10 36.44 -33.43
C SER C 188 7.23 37.04 -32.60
N GLY C 189 8.29 37.47 -33.29
CA GLY C 189 9.44 38.03 -32.61
C GLY C 189 10.75 37.52 -33.15
N SER C 190 11.82 37.65 -32.36
CA SER C 190 13.14 37.25 -32.80
C SER C 190 13.53 35.84 -32.36
N ALA C 191 12.72 35.19 -31.53
CA ALA C 191 13.01 33.81 -31.14
C ALA C 191 12.82 32.88 -32.32
N GLN C 192 13.74 31.92 -32.46
CA GLN C 192 13.72 31.01 -33.59
C GLN C 192 13.42 29.56 -33.23
N HIS C 193 13.48 29.20 -31.95
CA HIS C 193 13.08 27.87 -31.52
C HIS C 193 12.59 27.97 -30.09
N VAL C 194 11.31 27.68 -29.88
CA VAL C 194 10.67 27.79 -28.58
C VAL C 194 10.14 26.42 -28.18
N GLU C 195 10.54 25.94 -27.01
CA GLU C 195 10.12 24.64 -26.51
C GLU C 195 10.13 24.65 -25.00
N GLU C 196 9.14 23.96 -24.40
CA GLU C 196 9.05 23.73 -22.97
C GLU C 196 9.19 25.02 -22.16
N CYS C 197 8.22 25.92 -22.36
CA CYS C 197 8.27 27.21 -21.71
C CYS C 197 7.90 27.11 -20.23
N SER C 198 8.54 27.94 -19.42
CA SER C 198 8.15 28.16 -18.04
C SER C 198 7.54 29.55 -17.96
N CYS C 199 6.25 29.61 -17.65
CA CYS C 199 5.49 30.84 -17.75
C CYS C 199 5.06 31.32 -16.37
N TYR C 200 5.09 32.64 -16.19
CA TYR C 200 4.62 33.26 -14.96
C TYR C 200 3.83 34.52 -15.29
N PRO C 201 2.84 34.85 -14.47
CA PRO C 201 2.04 36.06 -14.73
C PRO C 201 2.82 37.31 -14.36
N ARG C 202 2.88 38.26 -15.30
CA ARG C 202 3.46 39.58 -15.09
C ARG C 202 2.37 40.54 -15.56
N TYR C 203 1.55 41.02 -14.62
CA TYR C 203 0.31 41.69 -14.95
C TYR C 203 0.58 42.93 -15.81
N PRO C 204 -0.22 43.17 -16.87
CA PRO C 204 -1.43 42.45 -17.28
C PRO C 204 -1.21 41.23 -18.18
N GLY C 205 0.02 40.84 -18.47
CA GLY C 205 0.27 39.75 -19.38
C GLY C 205 1.00 38.56 -18.78
N VAL C 206 1.56 37.72 -19.64
CA VAL C 206 2.28 36.52 -19.22
C VAL C 206 3.67 36.56 -19.81
N ARG C 207 4.68 36.18 -19.01
CA ARG C 207 6.04 36.12 -19.49
C ARG C 207 6.55 34.69 -19.36
N CYS C 208 7.09 34.14 -20.45
CA CYS C 208 7.57 32.78 -20.50
C CYS C 208 9.04 32.76 -20.88
N VAL C 209 9.83 31.94 -20.18
CA VAL C 209 11.22 31.69 -20.51
C VAL C 209 11.34 30.23 -20.93
N CYS C 210 11.87 30.00 -22.13
CA CYS C 210 11.74 28.69 -22.76
C CYS C 210 13.09 28.09 -23.13
N ARG C 211 13.06 27.00 -23.90
CA ARG C 211 14.24 26.22 -24.23
C ARG C 211 14.45 26.22 -25.74
N ASP C 212 15.66 26.55 -26.18
CA ASP C 212 16.02 26.52 -27.59
C ASP C 212 16.87 25.29 -27.86
N ASN C 213 16.44 24.47 -28.82
CA ASN C 213 17.10 23.22 -29.15
C ASN C 213 17.80 23.25 -30.51
N TRP C 214 17.85 24.40 -31.17
CA TRP C 214 18.35 24.48 -32.54
C TRP C 214 19.69 25.21 -32.63
N LYS C 215 19.75 26.46 -32.17
CA LYS C 215 20.97 27.24 -32.27
C LYS C 215 21.29 28.05 -31.02
N GLY C 216 20.43 28.03 -30.01
CA GLY C 216 20.59 28.93 -28.89
C GLY C 216 21.01 28.30 -27.58
N SER C 217 22.16 28.70 -27.08
CA SER C 217 22.57 28.33 -25.72
C SER C 217 21.96 29.24 -24.67
N ASN C 218 21.32 30.33 -25.09
CA ASN C 218 20.58 31.21 -24.20
C ASN C 218 19.09 30.97 -24.35
N ARG C 219 18.33 31.52 -23.42
CA ARG C 219 16.91 31.19 -23.33
C ARG C 219 16.06 32.24 -24.02
N PRO C 220 15.10 31.85 -24.84
CA PRO C 220 14.19 32.84 -25.43
C PRO C 220 13.09 33.24 -24.45
N ILE C 221 12.65 34.48 -24.57
CA ILE C 221 11.57 35.03 -23.78
C ILE C 221 10.39 35.32 -24.70
N VAL C 222 9.21 34.85 -24.30
CA VAL C 222 7.98 35.09 -25.02
C VAL C 222 7.06 35.90 -24.11
N ASP C 223 6.69 37.10 -24.54
CA ASP C 223 5.75 37.94 -23.82
C ASP C 223 4.40 37.88 -24.51
N ILE C 224 3.36 37.58 -23.74
CA ILE C 224 2.02 37.32 -24.24
C ILE C 224 1.07 38.37 -23.65
N ASN C 225 0.44 39.13 -24.54
CA ASN C 225 -0.63 40.06 -24.18
C ASN C 225 -1.96 39.34 -24.38
N VAL C 226 -2.66 39.10 -23.25
CA VAL C 226 -3.86 38.27 -23.25
C VAL C 226 -5.12 39.03 -23.64
N LYS C 227 -5.07 40.37 -23.68
CA LYS C 227 -6.20 41.15 -24.15
C LYS C 227 -6.16 41.37 -25.65
N ASP C 228 -4.99 41.72 -26.20
CA ASP C 228 -4.84 41.87 -27.64
C ASP C 228 -4.47 40.56 -28.32
N TYR C 229 -4.25 39.50 -27.56
CA TYR C 229 -3.82 38.19 -28.07
C TYR C 229 -2.53 38.32 -28.89
N SER C 230 -1.61 39.13 -28.40
CA SER C 230 -0.41 39.44 -29.18
C SER C 230 0.83 38.85 -28.54
N ILE C 231 1.81 38.54 -29.38
CA ILE C 231 3.01 37.81 -28.97
C ILE C 231 4.24 38.60 -29.41
N VAL C 232 5.19 38.78 -28.49
CA VAL C 232 6.51 39.27 -28.86
C VAL C 232 7.55 38.34 -28.27
N SER C 233 8.74 38.34 -28.88
CA SER C 233 9.77 37.40 -28.50
C SER C 233 11.14 38.07 -28.52
N SER C 234 12.02 37.58 -27.66
CA SER C 234 13.40 38.08 -27.56
C SER C 234 14.23 36.98 -26.89
N TYR C 235 15.42 37.34 -26.43
CA TYR C 235 16.26 36.42 -25.67
C TYR C 235 16.67 37.08 -24.36
N VAL C 236 17.34 36.31 -23.50
CA VAL C 236 17.82 36.83 -22.23
C VAL C 236 19.15 37.54 -22.44
N CYS C 237 19.25 38.77 -21.93
CA CYS C 237 20.46 39.56 -22.10
C CYS C 237 21.57 39.22 -21.11
N SER C 238 21.36 38.25 -20.23
CA SER C 238 22.38 37.84 -19.28
C SER C 238 23.45 37.04 -20.01
N GLY C 239 24.71 37.45 -19.84
CA GLY C 239 25.82 36.77 -20.47
C GLY C 239 25.98 35.34 -19.96
N LEU C 240 25.70 35.14 -18.68
CA LEU C 240 25.71 33.81 -18.08
C LEU C 240 24.46 33.08 -18.57
N VAL C 241 24.62 32.28 -19.62
CA VAL C 241 23.47 31.61 -20.22
C VAL C 241 23.00 30.49 -19.31
N GLY C 242 21.73 30.12 -19.47
CA GLY C 242 21.10 29.17 -18.58
C GLY C 242 20.56 27.91 -19.23
N ASP C 243 21.27 27.40 -20.23
CA ASP C 243 20.95 26.13 -20.86
C ASP C 243 22.07 25.15 -20.56
N THR C 244 21.72 23.88 -20.38
CA THR C 244 22.69 22.88 -19.90
C THR C 244 23.86 22.70 -20.86
N PRO C 245 23.65 22.51 -22.19
CA PRO C 245 24.83 22.55 -23.08
C PRO C 245 25.23 23.99 -23.36
N ARG C 246 26.34 24.42 -22.77
CA ARG C 246 26.73 25.82 -22.86
C ARG C 246 28.24 25.93 -22.73
N LYS C 247 28.76 27.09 -23.14
CA LYS C 247 30.17 27.39 -22.95
C LYS C 247 30.45 27.75 -21.50
N ASN C 248 31.73 27.88 -21.17
CA ASN C 248 32.11 28.33 -19.84
C ASN C 248 31.75 29.80 -19.65
N ASP C 249 31.89 30.27 -18.41
CA ASP C 249 31.48 31.63 -18.09
C ASP C 249 32.29 32.67 -18.84
N SER C 250 33.54 32.36 -19.19
CA SER C 250 34.38 33.32 -19.90
C SER C 250 33.97 33.48 -21.36
N SER C 251 33.57 32.40 -22.03
CA SER C 251 33.29 32.44 -23.46
C SER C 251 31.81 32.45 -23.80
N SER C 252 30.93 32.38 -22.81
CA SER C 252 29.50 32.48 -23.09
C SER C 252 29.13 33.91 -23.44
N SER C 253 28.03 34.05 -24.19
CA SER C 253 27.58 35.36 -24.62
C SER C 253 26.09 35.31 -24.93
N SER C 254 25.43 36.46 -24.75
CA SER C 254 24.02 36.59 -25.09
C SER C 254 23.72 38.07 -25.29
N HIS C 255 23.47 38.47 -26.53
CA HIS C 255 23.11 39.84 -26.86
C HIS C 255 21.61 40.04 -26.99
N CYS C 256 20.83 39.01 -26.65
CA CYS C 256 19.36 39.02 -26.57
C CYS C 256 18.68 39.59 -27.81
N LEU C 257 19.18 39.26 -29.00
CA LEU C 257 18.43 39.43 -30.23
C LEU C 257 18.37 38.16 -31.08
N ASP C 258 19.48 37.42 -31.17
CA ASP C 258 19.64 36.21 -31.93
C ASP C 258 20.19 35.12 -31.03
N PRO C 259 20.05 33.84 -31.42
CA PRO C 259 20.80 32.80 -30.72
C PRO C 259 22.30 33.02 -30.83
N ASN C 260 23.01 32.66 -29.76
CA ASN C 260 24.45 32.89 -29.72
C ASN C 260 25.25 31.88 -30.53
N ASN C 261 24.63 30.79 -30.96
CA ASN C 261 25.25 29.77 -31.82
C ASN C 261 26.53 29.21 -31.21
N GLU C 262 26.54 28.94 -29.90
CA GLU C 262 27.74 28.45 -29.25
C GLU C 262 27.77 26.93 -29.15
N GLU C 263 26.87 26.33 -28.37
CA GLU C 263 26.59 24.90 -28.44
C GLU C 263 25.10 24.67 -28.21
N GLY C 264 24.26 25.44 -28.89
CA GLY C 264 22.84 25.22 -28.75
C GLY C 264 22.36 24.15 -29.69
N GLY C 265 22.22 22.93 -29.18
CA GLY C 265 21.70 21.82 -29.95
C GLY C 265 20.76 20.97 -29.12
N HIS C 266 20.65 21.32 -27.85
CA HIS C 266 19.83 20.60 -26.88
C HIS C 266 19.58 21.56 -25.72
N GLY C 267 19.08 21.03 -24.61
CA GLY C 267 18.89 21.88 -23.45
C GLY C 267 18.02 21.23 -22.40
N VAL C 268 17.73 22.00 -21.37
CA VAL C 268 16.77 21.63 -20.34
C VAL C 268 15.64 22.63 -20.39
N LYS C 269 14.61 22.37 -19.57
CA LYS C 269 13.45 23.25 -19.53
C LYS C 269 13.83 24.64 -19.03
N GLY C 270 14.49 24.70 -17.88
CA GLY C 270 15.01 25.95 -17.35
C GLY C 270 13.92 26.95 -16.95
N TRP C 271 14.37 28.03 -16.31
CA TRP C 271 13.49 29.11 -15.88
C TRP C 271 14.34 30.34 -15.61
N ALA C 272 13.69 31.50 -15.68
CA ALA C 272 14.27 32.78 -15.30
C ALA C 272 13.14 33.77 -15.11
N PHE C 273 13.34 34.76 -14.25
CA PHE C 273 12.39 35.84 -14.12
C PHE C 273 13.13 37.13 -13.81
N ASP C 274 12.40 38.25 -13.86
CA ASP C 274 13.00 39.57 -13.79
C ASP C 274 12.61 40.27 -12.51
N ASP C 275 13.58 40.89 -11.85
CA ASP C 275 13.38 41.79 -10.72
C ASP C 275 13.99 43.13 -11.13
N GLY C 276 13.15 44.03 -11.61
CA GLY C 276 13.65 45.28 -12.16
C GLY C 276 14.50 45.01 -13.38
N ASN C 277 15.72 45.54 -13.37
CA ASN C 277 16.67 45.24 -14.43
C ASN C 277 17.40 43.92 -14.21
N ASP C 278 17.37 43.39 -13.00
CA ASP C 278 18.12 42.18 -12.68
C ASP C 278 17.32 40.95 -13.06
N VAL C 279 18.02 39.82 -13.20
CA VAL C 279 17.39 38.56 -13.56
C VAL C 279 17.73 37.50 -12.51
N TRP C 280 16.71 36.85 -11.97
CA TRP C 280 16.93 35.65 -11.17
C TRP C 280 16.86 34.43 -12.09
N MET C 281 17.89 33.60 -12.01
CA MET C 281 18.07 32.54 -12.99
C MET C 281 18.60 31.28 -12.31
N GLY C 282 18.05 30.14 -12.69
CA GLY C 282 18.53 28.86 -12.23
C GLY C 282 19.03 27.99 -13.37
N ARG C 283 20.21 27.40 -13.20
CA ARG C 283 20.81 26.56 -14.23
C ARG C 283 21.51 25.40 -13.56
N THR C 284 22.11 24.53 -14.36
CA THR C 284 22.89 23.42 -13.84
C THR C 284 24.35 23.83 -13.66
N ILE C 285 25.02 23.20 -12.71
CA ILE C 285 26.43 23.51 -12.47
C ILE C 285 27.29 23.04 -13.65
N SER C 286 27.07 21.81 -14.12
CA SER C 286 27.84 21.30 -15.24
C SER C 286 27.45 22.01 -16.53
N GLU C 287 28.43 22.22 -17.39
CA GLU C 287 28.22 22.93 -18.65
C GLU C 287 27.94 22.00 -19.82
N LYS C 288 27.98 20.68 -19.61
CA LYS C 288 27.71 19.73 -20.68
C LYS C 288 26.70 18.68 -20.25
N LEU C 289 26.67 18.35 -18.97
CA LEU C 289 25.78 17.33 -18.43
C LEU C 289 24.77 17.95 -17.49
N ARG C 290 23.74 17.17 -17.16
CA ARG C 290 22.66 17.63 -16.29
C ARG C 290 22.95 17.23 -14.84
N SER C 291 24.14 17.61 -14.38
CA SER C 291 24.58 17.34 -13.02
C SER C 291 24.79 18.65 -12.30
N GLY C 292 24.20 18.78 -11.11
CA GLY C 292 24.30 19.99 -10.35
C GLY C 292 23.20 20.99 -10.68
N TYR C 293 22.96 21.92 -9.77
CA TYR C 293 21.97 22.98 -10.01
C TYR C 293 22.25 24.13 -9.05
N GLU C 294 22.49 25.31 -9.62
CA GLU C 294 22.64 26.55 -8.86
C GLU C 294 21.57 27.54 -9.31
N THR C 295 21.31 28.51 -8.44
CA THR C 295 20.49 29.66 -8.79
C THR C 295 21.24 30.91 -8.35
N PHE C 296 21.08 31.99 -9.11
CA PHE C 296 21.75 33.24 -8.79
C PHE C 296 20.96 34.39 -9.38
N LYS C 297 21.52 35.59 -9.23
CA LYS C 297 20.90 36.83 -9.69
C LYS C 297 21.96 37.63 -10.45
N VAL C 298 21.68 37.92 -11.70
CA VAL C 298 22.57 38.72 -12.53
C VAL C 298 22.07 40.15 -12.54
N ILE C 299 22.97 41.07 -12.20
CA ILE C 299 22.65 42.49 -12.16
C ILE C 299 22.56 43.03 -13.57
N GLU C 300 21.44 43.70 -13.87
CA GLU C 300 21.15 44.27 -15.19
C GLU C 300 21.17 43.20 -16.28
N GLY C 301 20.75 41.99 -15.94
CA GLY C 301 20.69 40.90 -16.88
C GLY C 301 19.43 40.86 -17.72
N TRP C 302 18.42 41.65 -17.37
CA TRP C 302 17.23 41.79 -18.19
C TRP C 302 17.23 43.04 -19.04
N SER C 303 18.18 43.93 -18.84
CA SER C 303 18.25 45.19 -19.57
C SER C 303 19.55 45.36 -20.35
N LYS C 304 20.70 45.02 -19.76
CA LYS C 304 21.98 45.22 -20.42
C LYS C 304 22.40 43.95 -21.15
N PRO C 305 22.64 44.03 -22.46
CA PRO C 305 23.10 42.84 -23.18
C PRO C 305 24.47 42.37 -22.69
N ASN C 306 24.60 41.04 -22.56
CA ASN C 306 25.85 40.38 -22.17
C ASN C 306 26.36 40.89 -20.83
N SER C 307 25.57 40.67 -19.78
CA SER C 307 25.93 41.05 -18.43
C SER C 307 26.36 39.81 -17.66
N LYS C 308 27.55 39.85 -17.05
CA LYS C 308 28.10 38.72 -16.33
C LYS C 308 28.45 39.06 -14.89
N LEU C 309 27.69 39.98 -14.29
CA LEU C 309 27.87 40.30 -12.88
C LEU C 309 26.90 39.45 -12.06
N GLN C 310 27.44 38.61 -11.18
CA GLN C 310 26.64 37.62 -10.47
C GLN C 310 26.69 37.87 -8.98
N ILE C 311 25.51 37.85 -8.35
CA ILE C 311 25.38 37.98 -6.91
C ILE C 311 24.39 36.93 -6.42
N ASN C 312 24.49 36.62 -5.11
CA ASN C 312 23.51 35.79 -4.41
C ASN C 312 23.38 34.40 -5.02
N ARG C 313 24.47 33.64 -4.95
CA ARG C 313 24.49 32.29 -5.51
C ARG C 313 24.15 31.27 -4.44
N GLN C 314 23.20 30.40 -4.74
CA GLN C 314 22.84 29.28 -3.87
C GLN C 314 23.04 27.98 -4.64
N VAL C 315 23.64 26.99 -3.96
CA VAL C 315 23.85 25.68 -4.55
C VAL C 315 22.68 24.80 -4.13
N ILE C 316 21.67 24.67 -5.00
CA ILE C 316 20.55 23.79 -4.73
C ILE C 316 20.95 22.32 -4.77
N VAL C 317 21.67 21.89 -5.81
CA VAL C 317 22.16 20.52 -5.91
C VAL C 317 23.64 20.58 -6.29
N ASP C 318 24.45 19.79 -5.60
CA ASP C 318 25.90 19.81 -5.80
C ASP C 318 26.28 19.21 -7.15
N ARG C 319 27.53 19.48 -7.55
CA ARG C 319 28.02 19.04 -8.86
C ARG C 319 28.01 17.52 -8.98
N GLY C 320 28.29 16.82 -7.89
CA GLY C 320 28.37 15.38 -7.93
C GLY C 320 27.04 14.64 -7.95
N ASN C 321 25.93 15.37 -7.99
CA ASN C 321 24.61 14.77 -7.98
C ASN C 321 23.84 15.18 -9.23
N ARG C 322 23.01 14.27 -9.72
CA ARG C 322 22.28 14.49 -10.96
C ARG C 322 21.13 15.46 -10.77
N SER C 323 20.78 16.14 -11.85
CA SER C 323 19.63 17.04 -11.87
C SER C 323 18.87 16.80 -13.16
N GLY C 324 17.92 17.68 -13.47
CA GLY C 324 17.10 17.52 -14.66
C GLY C 324 16.35 18.78 -15.02
N TYR C 325 15.08 18.61 -15.39
CA TYR C 325 14.22 19.74 -15.71
C TYR C 325 14.03 20.64 -14.50
N SER C 326 13.88 21.93 -14.76
CA SER C 326 13.59 22.91 -13.73
C SER C 326 12.60 23.92 -14.27
N GLY C 327 11.63 24.28 -13.43
CA GLY C 327 10.55 25.16 -13.87
C GLY C 327 10.09 26.08 -12.76
N ILE C 328 9.24 27.03 -13.14
CA ILE C 328 8.78 28.10 -12.27
C ILE C 328 7.28 27.95 -12.02
N PHE C 329 6.84 28.49 -10.89
CA PHE C 329 5.42 28.65 -10.60
C PHE C 329 5.25 29.75 -9.57
N SER C 330 4.14 30.47 -9.70
CA SER C 330 3.86 31.65 -8.88
C SER C 330 2.80 31.33 -7.86
N VAL C 331 2.98 31.83 -6.64
CA VAL C 331 2.06 31.63 -5.53
C VAL C 331 1.58 32.99 -5.04
N GLU C 332 0.27 33.15 -4.93
CA GLU C 332 -0.28 34.37 -4.36
C GLU C 332 -0.08 34.41 -2.86
N GLY C 333 0.39 35.56 -2.37
CA GLY C 333 0.53 35.80 -0.96
C GLY C 333 -0.54 36.72 -0.41
N LYS C 334 -0.26 37.27 0.77
CA LYS C 334 -1.16 38.27 1.35
C LYS C 334 -1.17 39.56 0.56
N SER C 335 -0.01 40.01 0.07
CA SER C 335 0.06 41.26 -0.66
C SER C 335 1.01 41.20 -1.85
N CYS C 336 1.49 40.01 -2.24
CA CYS C 336 2.47 39.95 -3.31
C CYS C 336 2.40 38.58 -3.98
N ILE C 337 2.94 38.51 -5.20
CA ILE C 337 3.16 37.25 -5.89
C ILE C 337 4.57 36.79 -5.61
N ASN C 338 4.72 35.56 -5.13
CA ASN C 338 6.02 34.98 -4.83
C ASN C 338 6.37 33.95 -5.90
N ARG C 339 7.63 33.96 -6.32
CA ARG C 339 8.12 33.02 -7.31
C ARG C 339 8.71 31.80 -6.62
N CYS C 340 8.52 30.64 -7.22
CA CYS C 340 9.07 29.40 -6.70
C CYS C 340 9.50 28.54 -7.88
N PHE C 341 10.45 27.65 -7.63
CA PHE C 341 10.94 26.79 -8.69
C PHE C 341 11.07 25.36 -8.22
N TYR C 342 10.77 24.45 -9.13
CA TYR C 342 10.95 23.02 -8.94
C TYR C 342 12.14 22.54 -9.77
N VAL C 343 12.87 21.58 -9.22
CA VAL C 343 14.04 20.99 -9.87
C VAL C 343 13.86 19.48 -9.90
N GLU C 344 14.01 18.88 -11.08
CA GLU C 344 14.01 17.45 -11.24
C GLU C 344 15.36 16.86 -10.85
N LEU C 345 15.31 15.62 -10.36
CA LEU C 345 16.50 14.86 -10.00
C LEU C 345 16.33 13.49 -10.68
N ILE C 346 16.97 13.33 -11.83
CA ILE C 346 16.80 12.13 -12.64
C ILE C 346 17.73 11.05 -12.12
N ARG C 347 17.17 9.88 -11.80
CA ARG C 347 17.93 8.71 -11.43
C ARG C 347 17.50 7.56 -12.34
N GLY C 348 18.46 6.93 -12.99
CA GLY C 348 18.14 5.81 -13.85
C GLY C 348 19.12 5.69 -15.00
N ARG C 349 18.62 5.14 -16.09
CA ARG C 349 19.48 4.66 -17.16
C ARG C 349 19.90 5.79 -18.09
N LYS C 350 20.82 5.44 -18.99
CA LYS C 350 21.63 6.26 -19.89
C LYS C 350 22.72 7.01 -19.16
N GLN C 351 22.70 7.06 -17.82
CA GLN C 351 23.85 7.51 -17.05
C GLN C 351 24.26 6.42 -16.07
N GLU C 352 23.27 5.86 -15.36
CA GLU C 352 23.49 4.79 -14.39
C GLU C 352 23.02 3.48 -15.01
N THR C 353 23.96 2.61 -15.33
CA THR C 353 23.66 1.35 -16.00
C THR C 353 23.42 0.20 -15.04
N GLU C 354 23.50 0.43 -13.73
CA GLU C 354 23.28 -0.64 -12.76
C GLU C 354 21.82 -0.97 -12.58
N VAL C 355 20.92 -0.15 -13.13
CA VAL C 355 19.49 -0.39 -13.11
C VAL C 355 18.97 -0.36 -14.54
N LEU C 356 17.67 -0.64 -14.69
CA LEU C 356 17.03 -0.67 -16.00
C LEU C 356 15.99 0.42 -16.20
N TRP C 357 15.51 1.04 -15.13
CA TRP C 357 14.45 2.04 -15.20
C TRP C 357 15.04 3.44 -15.30
N THR C 358 14.15 4.42 -15.37
CA THR C 358 14.51 5.84 -15.36
C THR C 358 13.38 6.61 -14.71
N SER C 359 13.62 7.15 -13.52
CA SER C 359 12.60 7.87 -12.78
C SER C 359 13.22 9.14 -12.22
N ASN C 360 12.47 9.87 -11.42
CA ASN C 360 12.91 11.17 -10.93
C ASN C 360 12.41 11.38 -9.50
N SER C 361 13.04 12.34 -8.83
CA SER C 361 12.49 12.97 -7.65
C SER C 361 12.41 14.47 -7.92
N ILE C 362 11.76 15.19 -7.01
CA ILE C 362 11.51 16.61 -7.20
C ILE C 362 11.90 17.35 -5.93
N VAL C 363 12.54 18.51 -6.09
CA VAL C 363 12.85 19.38 -4.96
C VAL C 363 12.32 20.78 -5.29
N VAL C 364 11.56 21.36 -4.36
CA VAL C 364 10.82 22.60 -4.60
C VAL C 364 11.35 23.65 -3.64
N PHE C 365 11.74 24.80 -4.19
CA PHE C 365 12.22 25.95 -3.44
C PHE C 365 11.32 27.15 -3.73
N CYS C 366 11.25 28.08 -2.77
CA CYS C 366 10.44 29.27 -2.90
C CYS C 366 11.24 30.50 -2.51
N GLY C 367 10.95 31.63 -3.15
CA GLY C 367 11.66 32.85 -2.83
C GLY C 367 11.25 33.44 -1.50
N THR C 368 12.17 34.19 -0.90
CA THR C 368 11.95 34.79 0.40
C THR C 368 12.62 36.15 0.45
N SER C 369 12.02 37.09 1.19
CA SER C 369 12.65 38.38 1.37
C SER C 369 13.58 38.39 2.58
N GLY C 370 13.63 37.27 3.32
CA GLY C 370 14.42 37.19 4.52
C GLY C 370 15.78 36.55 4.30
N THR C 371 16.39 36.15 5.40
CA THR C 371 17.72 35.55 5.40
C THR C 371 17.61 34.04 5.25
N TYR C 372 18.56 33.46 4.51
CA TYR C 372 18.63 32.02 4.33
C TYR C 372 20.05 31.58 4.64
N GLY C 373 20.32 30.30 4.45
CA GLY C 373 21.66 29.75 4.63
C GLY C 373 22.06 28.96 3.41
N THR C 374 22.99 28.03 3.61
CA THR C 374 23.43 27.14 2.54
C THR C 374 23.04 25.73 2.88
N GLY C 375 23.11 24.85 1.89
CA GLY C 375 22.76 23.46 2.08
C GLY C 375 22.97 22.65 0.84
N SER C 376 22.34 21.48 0.80
CA SER C 376 22.47 20.53 -0.30
C SER C 376 21.34 19.53 -0.21
N TRP C 377 20.57 19.41 -1.29
CA TRP C 377 19.41 18.52 -1.31
C TRP C 377 19.39 17.71 -2.61
N PRO C 378 20.19 16.65 -2.69
CA PRO C 378 20.13 15.76 -3.85
C PRO C 378 19.05 14.70 -3.66
N ASP C 379 18.95 13.82 -4.66
CA ASP C 379 18.02 12.69 -4.55
C ASP C 379 18.44 11.75 -3.43
N GLY C 380 19.73 11.42 -3.36
CA GLY C 380 20.26 10.68 -2.22
C GLY C 380 19.77 9.26 -2.07
N ALA C 381 19.60 8.56 -3.18
CA ALA C 381 19.24 7.14 -3.15
C ALA C 381 20.45 6.31 -3.57
N ASP C 382 20.77 5.30 -2.78
CA ASP C 382 21.85 4.39 -3.15
C ASP C 382 21.40 3.50 -4.30
N ILE C 383 21.99 3.71 -5.47
CA ILE C 383 21.58 2.98 -6.67
C ILE C 383 21.89 1.50 -6.60
N ASN C 384 22.79 1.08 -5.70
CA ASN C 384 23.10 -0.32 -5.51
C ASN C 384 22.08 -1.03 -4.62
N LEU C 385 21.23 -0.28 -3.93
CA LEU C 385 20.18 -0.84 -3.09
C LEU C 385 18.82 -0.85 -3.79
N MET C 386 18.78 -0.51 -5.07
CA MET C 386 17.52 -0.33 -5.76
C MET C 386 17.22 -1.54 -6.64
N PRO C 387 15.93 -1.85 -6.86
CA PRO C 387 15.55 -2.92 -7.80
C PRO C 387 15.92 -2.57 -9.24
N ALA D 1 -27.37 20.90 -6.28
CA ALA D 1 -28.15 20.50 -5.10
C ALA D 1 -29.58 20.13 -5.50
N GLU D 2 -29.86 20.12 -6.80
CA GLU D 2 -31.15 19.77 -7.33
C GLU D 2 -31.01 18.59 -8.28
N TYR D 3 -32.14 18.11 -8.78
CA TYR D 3 -32.16 16.96 -9.66
C TYR D 3 -31.58 17.31 -11.02
N ARG D 4 -31.12 16.27 -11.72
CA ARG D 4 -30.62 16.43 -13.08
C ARG D 4 -31.73 16.20 -14.08
N ASN D 5 -31.84 17.09 -15.06
CA ASN D 5 -32.88 17.01 -16.08
C ASN D 5 -32.37 16.62 -17.45
N TRP D 6 -31.10 16.89 -17.75
CA TRP D 6 -30.52 16.70 -19.08
C TRP D 6 -31.33 17.43 -20.14
N SER D 7 -31.76 18.64 -19.82
CA SER D 7 -32.63 19.44 -20.68
C SER D 7 -31.83 20.33 -21.63
N LYS D 8 -30.62 19.94 -21.95
CA LYS D 8 -29.75 20.64 -22.88
C LYS D 8 -29.60 19.82 -24.16
N PRO D 9 -29.24 20.45 -25.27
CA PRO D 9 -29.06 19.68 -26.51
C PRO D 9 -27.83 18.79 -26.48
N GLN D 10 -27.54 18.12 -27.59
CA GLN D 10 -26.38 17.25 -27.69
C GLN D 10 -25.24 17.98 -28.40
N CYS D 11 -24.02 17.64 -28.02
CA CYS D 11 -22.84 18.27 -28.62
C CYS D 11 -22.73 17.90 -30.09
N ASN D 12 -22.11 18.81 -30.85
CA ASN D 12 -21.67 18.49 -32.20
C ASN D 12 -20.44 17.59 -32.09
N ILE D 13 -20.55 16.37 -32.57
CA ILE D 13 -19.51 15.36 -32.39
C ILE D 13 -18.92 15.04 -33.75
N THR D 14 -17.65 15.38 -33.93
CA THR D 14 -16.89 15.02 -35.12
C THR D 14 -15.99 13.81 -34.90
N GLY D 15 -16.02 13.24 -33.71
CA GLY D 15 -15.17 12.13 -33.34
C GLY D 15 -15.01 12.09 -31.84
N PHE D 16 -13.95 11.40 -31.40
CA PHE D 16 -13.69 11.23 -29.98
C PHE D 16 -12.21 11.48 -29.68
N ALA D 17 -11.96 11.91 -28.46
CA ALA D 17 -10.63 12.27 -27.99
C ALA D 17 -10.30 11.50 -26.72
N PRO D 18 -9.03 11.18 -26.49
CA PRO D 18 -8.67 10.41 -25.29
C PRO D 18 -8.93 11.20 -24.02
N PHE D 19 -9.49 10.52 -23.03
CA PHE D 19 -9.86 11.14 -21.77
C PHE D 19 -9.16 10.53 -20.57
N SER D 20 -9.16 9.20 -20.45
CA SER D 20 -8.58 8.57 -19.26
C SER D 20 -8.15 7.16 -19.58
N LYS D 21 -7.27 6.63 -18.73
CA LYS D 21 -6.79 5.27 -18.85
C LYS D 21 -6.40 4.75 -17.48
N ASP D 22 -6.72 3.48 -17.22
CA ASP D 22 -6.31 2.85 -15.96
C ASP D 22 -5.40 1.68 -16.30
N ASN D 23 -4.10 1.83 -16.00
CA ASN D 23 -3.11 0.79 -16.29
C ASN D 23 -3.09 -0.24 -15.16
N SER D 24 -4.24 -0.87 -14.95
CA SER D 24 -4.43 -1.75 -13.79
C SER D 24 -3.55 -2.99 -13.88
N ILE D 25 -3.51 -3.64 -15.04
CA ILE D 25 -2.77 -4.89 -15.18
C ILE D 25 -1.27 -4.62 -15.14
N ARG D 26 -0.82 -3.52 -15.75
CA ARG D 26 0.58 -3.14 -15.67
C ARG D 26 0.99 -2.84 -14.23
N LEU D 27 0.12 -2.16 -13.47
CA LEU D 27 0.45 -1.81 -12.10
C LEU D 27 0.33 -2.99 -11.15
N SER D 28 -0.44 -4.01 -11.53
CA SER D 28 -0.71 -5.14 -10.64
C SER D 28 0.42 -6.16 -10.60
N ALA D 29 1.37 -6.09 -11.53
CA ALA D 29 2.49 -7.03 -11.48
C ALA D 29 3.45 -6.67 -10.35
N GLY D 30 3.43 -5.43 -9.90
CA GLY D 30 4.24 -5.02 -8.76
C GLY D 30 3.44 -4.17 -7.79
N GLY D 31 2.16 -4.47 -7.66
CA GLY D 31 1.28 -3.67 -6.81
C GLY D 31 0.08 -4.45 -6.34
N ASP D 32 -0.68 -3.84 -5.44
CA ASP D 32 -1.91 -4.42 -4.90
C ASP D 32 -3.09 -3.83 -5.66
N ILE D 33 -3.57 -4.56 -6.66
CA ILE D 33 -4.68 -4.11 -7.50
C ILE D 33 -5.76 -5.17 -7.48
N TRP D 34 -7.02 -4.73 -7.33
CA TRP D 34 -8.15 -5.63 -7.38
C TRP D 34 -8.24 -6.33 -8.73
N VAL D 35 -8.66 -7.60 -8.70
CA VAL D 35 -9.02 -8.30 -9.92
C VAL D 35 -10.48 -7.97 -10.23
N THR D 36 -10.73 -7.45 -11.42
CA THR D 36 -12.04 -6.89 -11.74
C THR D 36 -12.51 -7.40 -13.09
N ARG D 37 -13.81 -7.24 -13.33
CA ARG D 37 -14.40 -7.44 -14.65
C ARG D 37 -15.62 -6.55 -14.75
N GLU D 38 -15.98 -6.21 -15.99
CA GLU D 38 -17.14 -5.39 -16.33
C GLU D 38 -17.16 -4.04 -15.59
N PRO D 39 -16.29 -3.10 -15.94
CA PRO D 39 -16.34 -1.77 -15.34
C PRO D 39 -17.28 -0.86 -16.11
N TYR D 40 -17.51 0.32 -15.55
CA TYR D 40 -18.22 1.40 -16.24
C TYR D 40 -17.86 2.72 -15.59
N VAL D 41 -18.26 3.81 -16.23
CA VAL D 41 -17.98 5.15 -15.73
C VAL D 41 -19.28 5.91 -15.60
N SER D 42 -19.54 6.42 -14.40
CA SER D 42 -20.70 7.28 -14.16
C SER D 42 -20.23 8.58 -13.56
N CYS D 43 -20.78 9.70 -14.00
CA CYS D 43 -20.31 11.00 -13.57
C CYS D 43 -21.36 11.70 -12.73
N ASP D 44 -20.97 12.12 -11.54
CA ASP D 44 -21.77 13.02 -10.72
C ASP D 44 -21.58 14.44 -11.27
N PRO D 45 -22.36 15.43 -10.78
CA PRO D 45 -22.22 16.79 -11.31
C PRO D 45 -20.84 17.40 -11.16
N ASP D 46 -20.02 16.89 -10.24
CA ASP D 46 -18.69 17.42 -10.00
C ASP D 46 -17.61 16.71 -10.81
N LYS D 47 -17.58 15.38 -10.78
CA LYS D 47 -16.50 14.61 -11.38
C LYS D 47 -17.06 13.33 -11.97
N CYS D 48 -16.17 12.40 -12.29
CA CYS D 48 -16.53 11.10 -12.84
C CYS D 48 -15.92 9.98 -12.00
N TYR D 49 -16.62 8.85 -11.95
CA TYR D 49 -16.23 7.72 -11.12
C TYR D 49 -16.23 6.45 -11.96
N GLN D 50 -15.29 5.56 -11.64
CA GLN D 50 -15.19 4.26 -12.26
C GLN D 50 -15.67 3.17 -11.31
N PHE D 51 -16.41 2.22 -11.86
CA PHE D 51 -17.06 1.14 -11.11
C PHE D 51 -16.60 -0.17 -11.69
N ALA D 52 -16.42 -1.18 -10.83
CA ALA D 52 -16.00 -2.48 -11.32
C ALA D 52 -16.66 -3.55 -10.47
N LEU D 53 -16.72 -4.76 -11.03
CA LEU D 53 -17.26 -5.91 -10.31
C LEU D 53 -16.08 -6.79 -9.88
N GLY D 54 -15.52 -6.48 -8.71
CA GLY D 54 -14.37 -7.19 -8.22
C GLY D 54 -14.70 -8.57 -7.69
N GLN D 55 -13.70 -9.44 -7.74
CA GLN D 55 -13.82 -10.84 -7.37
C GLN D 55 -13.43 -11.10 -5.92
N GLY D 56 -13.28 -10.06 -5.12
CA GLY D 56 -12.87 -10.22 -3.73
C GLY D 56 -11.46 -10.74 -3.55
N THR D 57 -10.55 -10.33 -4.44
CA THR D 57 -9.16 -10.76 -4.35
C THR D 57 -8.31 -9.79 -5.16
N THR D 58 -7.01 -9.80 -4.86
CA THR D 58 -6.01 -9.07 -5.63
C THR D 58 -5.38 -10.00 -6.67
N LEU D 59 -4.62 -9.39 -7.58
CA LEU D 59 -4.00 -10.18 -8.64
C LEU D 59 -2.83 -11.00 -8.13
N ASN D 60 -1.95 -10.40 -7.33
CA ASN D 60 -0.83 -11.13 -6.74
C ASN D 60 -1.30 -11.85 -5.48
N ASN D 61 -2.13 -12.87 -5.72
CA ASN D 61 -2.81 -13.57 -4.64
C ASN D 61 -3.07 -15.00 -5.08
N GLY D 62 -3.28 -15.87 -4.09
CA GLY D 62 -3.63 -17.25 -4.40
C GLY D 62 -5.07 -17.41 -4.84
N HIS D 63 -5.93 -16.46 -4.48
CA HIS D 63 -7.35 -16.53 -4.81
C HIS D 63 -7.64 -16.01 -6.21
N SER D 64 -6.63 -15.60 -6.97
CA SER D 64 -6.81 -15.23 -8.36
C SER D 64 -7.01 -16.43 -9.27
N ASN D 65 -6.72 -17.64 -8.78
CA ASN D 65 -6.92 -18.85 -9.58
C ASN D 65 -8.41 -19.08 -9.80
N ASP D 66 -8.75 -19.50 -11.03
CA ASP D 66 -10.13 -19.78 -11.44
C ASP D 66 -11.04 -18.56 -11.25
N THR D 67 -10.54 -17.41 -11.69
CA THR D 67 -11.30 -16.16 -11.59
C THR D 67 -12.37 -16.05 -12.68
N VAL D 68 -12.24 -16.83 -13.76
CA VAL D 68 -13.07 -16.71 -14.96
C VAL D 68 -14.58 -16.84 -14.65
N HIS D 69 -14.94 -17.39 -13.50
CA HIS D 69 -16.34 -17.47 -13.11
C HIS D 69 -16.92 -16.08 -12.91
N ASP D 70 -18.20 -15.92 -13.23
CA ASP D 70 -18.82 -14.61 -13.27
C ASP D 70 -19.79 -14.34 -12.14
N ARG D 71 -20.25 -15.37 -11.42
CA ARG D 71 -21.27 -15.21 -10.38
C ARG D 71 -20.81 -15.96 -9.13
N THR D 72 -20.09 -15.26 -8.27
CA THR D 72 -19.63 -15.77 -6.99
C THR D 72 -20.14 -14.88 -5.86
N PRO D 73 -20.30 -15.43 -4.65
CA PRO D 73 -20.77 -14.61 -3.52
C PRO D 73 -19.78 -13.56 -3.06
N TYR D 74 -18.53 -13.62 -3.51
CA TYR D 74 -17.51 -12.68 -3.08
C TYR D 74 -17.35 -11.49 -4.01
N ARG D 75 -18.13 -11.44 -5.09
CA ARG D 75 -18.05 -10.31 -6.01
C ARG D 75 -18.70 -9.08 -5.39
N THR D 76 -18.00 -7.95 -5.47
CA THR D 76 -18.50 -6.70 -4.92
C THR D 76 -18.39 -5.61 -5.98
N LEU D 77 -19.11 -4.51 -5.75
CA LEU D 77 -19.03 -3.35 -6.61
C LEU D 77 -18.01 -2.38 -6.05
N LEU D 78 -16.97 -2.07 -6.82
CA LEU D 78 -15.87 -1.21 -6.43
C LEU D 78 -16.06 0.15 -7.05
N MET D 79 -15.99 1.19 -6.21
CA MET D 79 -16.20 2.58 -6.59
C MET D 79 -14.90 3.34 -6.39
N ASN D 80 -14.48 4.09 -7.41
CA ASN D 80 -13.28 4.91 -7.29
C ASN D 80 -13.43 6.15 -8.15
N GLU D 81 -12.61 7.14 -7.86
CA GLU D 81 -12.50 8.29 -8.76
C GLU D 81 -11.87 7.84 -10.06
N LEU D 82 -12.31 8.45 -11.17
CA LEU D 82 -11.82 8.04 -12.48
C LEU D 82 -10.34 8.40 -12.62
N GLY D 83 -9.53 7.38 -12.85
CA GLY D 83 -8.09 7.56 -12.92
C GLY D 83 -7.37 6.86 -11.79
N VAL D 84 -8.02 6.75 -10.64
CA VAL D 84 -7.45 6.06 -9.49
C VAL D 84 -7.58 4.56 -9.70
N PRO D 85 -6.48 3.80 -9.64
CA PRO D 85 -6.58 2.35 -9.79
C PRO D 85 -7.28 1.73 -8.59
N PHE D 86 -7.79 0.52 -8.81
CA PHE D 86 -8.53 -0.21 -7.77
C PHE D 86 -7.53 -0.84 -6.81
N HIS D 87 -7.13 -0.10 -5.80
CA HIS D 87 -6.17 -0.54 -4.80
C HIS D 87 -6.89 -0.90 -3.51
N LEU D 88 -6.11 -1.19 -2.46
CA LEU D 88 -6.67 -1.68 -1.21
C LEU D 88 -7.56 -0.66 -0.50
N GLY D 89 -7.45 0.62 -0.84
CA GLY D 89 -8.30 1.64 -0.28
C GLY D 89 -9.59 1.89 -1.01
N THR D 90 -9.94 1.03 -1.96
CA THR D 90 -11.17 1.19 -2.71
C THR D 90 -12.38 0.85 -1.84
N LYS D 91 -13.50 1.49 -2.12
CA LYS D 91 -14.75 1.27 -1.39
C LYS D 91 -15.59 0.24 -2.13
N GLN D 92 -16.04 -0.78 -1.40
CA GLN D 92 -16.97 -1.78 -1.93
C GLN D 92 -18.37 -1.36 -1.48
N VAL D 93 -19.15 -0.80 -2.41
CA VAL D 93 -20.43 -0.23 -2.04
C VAL D 93 -21.52 -1.28 -1.84
N CYS D 94 -21.40 -2.45 -2.46
CA CYS D 94 -22.46 -3.44 -2.39
C CYS D 94 -21.91 -4.79 -2.84
N ILE D 95 -22.68 -5.84 -2.58
CA ILE D 95 -22.41 -7.17 -3.09
C ILE D 95 -23.16 -7.33 -4.40
N ALA D 96 -22.44 -7.63 -5.48
CA ALA D 96 -23.08 -7.71 -6.79
C ALA D 96 -22.23 -8.52 -7.75
N TRP D 97 -22.88 -9.42 -8.48
CA TRP D 97 -22.27 -9.95 -9.70
C TRP D 97 -22.72 -9.15 -10.92
N SER D 98 -23.75 -8.31 -10.76
CA SER D 98 -24.18 -7.37 -11.77
C SER D 98 -24.69 -6.13 -11.07
N SER D 99 -24.40 -4.97 -11.64
CA SER D 99 -24.68 -3.72 -10.95
C SER D 99 -24.92 -2.61 -11.95
N SER D 100 -25.58 -1.56 -11.47
CA SER D 100 -25.82 -0.33 -12.22
C SER D 100 -25.78 0.83 -11.25
N SER D 101 -25.51 2.03 -11.75
CA SER D 101 -25.37 3.19 -10.88
C SER D 101 -25.66 4.46 -11.66
N CYS D 102 -26.45 5.37 -11.07
CA CYS D 102 -26.46 6.75 -11.55
C CYS D 102 -26.37 7.72 -10.38
N HIS D 103 -26.24 8.99 -10.73
CA HIS D 103 -26.34 10.09 -9.78
C HIS D 103 -27.51 10.96 -10.23
N ASP D 104 -28.46 11.18 -9.33
CA ASP D 104 -29.65 11.95 -9.67
C ASP D 104 -29.48 13.44 -9.43
N GLY D 105 -28.28 13.89 -9.13
CA GLY D 105 -28.02 15.27 -8.74
C GLY D 105 -27.96 15.49 -7.25
N LYS D 106 -28.44 14.52 -6.47
CA LYS D 106 -28.43 14.60 -5.01
C LYS D 106 -27.62 13.49 -4.37
N ALA D 107 -27.77 12.26 -4.82
CA ALA D 107 -27.08 11.12 -4.24
C ALA D 107 -26.82 10.08 -5.33
N TRP D 108 -26.26 8.95 -4.92
CA TRP D 108 -25.95 7.85 -5.83
C TRP D 108 -26.96 6.74 -5.66
N LEU D 109 -27.43 6.19 -6.78
CA LEU D 109 -28.25 4.99 -6.78
C LEU D 109 -27.46 3.84 -7.37
N HIS D 110 -27.33 2.76 -6.59
CA HIS D 110 -26.67 1.53 -7.01
C HIS D 110 -27.69 0.40 -6.99
N VAL D 111 -27.84 -0.29 -8.10
CA VAL D 111 -28.62 -1.51 -8.20
C VAL D 111 -27.66 -2.68 -8.24
N CYS D 112 -27.85 -3.64 -7.33
CA CYS D 112 -26.87 -4.69 -7.12
C CYS D 112 -27.56 -6.04 -7.03
N VAL D 113 -27.18 -6.99 -7.87
CA VAL D 113 -27.81 -8.31 -7.88
C VAL D 113 -26.82 -9.34 -7.34
N THR D 114 -27.28 -10.12 -6.37
CA THR D 114 -26.46 -11.19 -5.79
C THR D 114 -27.37 -12.36 -5.45
N GLY D 115 -26.79 -13.37 -4.80
CA GLY D 115 -27.55 -14.52 -4.35
C GLY D 115 -27.24 -15.79 -5.10
N ASP D 116 -28.28 -16.53 -5.47
CA ASP D 116 -28.15 -17.71 -6.32
C ASP D 116 -28.68 -17.40 -7.72
N ASP D 117 -28.28 -18.24 -8.66
CA ASP D 117 -28.84 -18.15 -10.01
C ASP D 117 -30.32 -18.51 -10.02
N GLU D 118 -30.71 -19.50 -9.22
CA GLU D 118 -32.12 -19.88 -9.13
C GLU D 118 -32.93 -18.77 -8.47
N ASN D 119 -32.39 -18.19 -7.40
CA ASN D 119 -33.10 -17.17 -6.61
C ASN D 119 -32.12 -16.05 -6.32
N ALA D 120 -32.35 -14.88 -6.91
CA ALA D 120 -31.43 -13.76 -6.81
C ALA D 120 -32.13 -12.56 -6.19
N THR D 121 -31.35 -11.71 -5.54
CA THR D 121 -31.84 -10.51 -4.88
C THR D 121 -31.18 -9.29 -5.52
N ALA D 122 -32.00 -8.33 -5.94
CA ALA D 122 -31.53 -7.04 -6.46
C ALA D 122 -31.85 -5.99 -5.42
N SER D 123 -30.81 -5.42 -4.82
CA SER D 123 -30.92 -4.38 -3.81
C SER D 123 -30.70 -3.02 -4.44
N PHE D 124 -31.40 -2.01 -3.92
CA PHE D 124 -31.34 -0.65 -4.43
C PHE D 124 -30.84 0.25 -3.30
N ILE D 125 -29.60 0.70 -3.43
CA ILE D 125 -28.94 1.51 -2.41
C ILE D 125 -28.94 2.95 -2.88
N TYR D 126 -29.61 3.82 -2.13
CA TYR D 126 -29.68 5.24 -2.41
C TYR D 126 -29.18 6.01 -1.20
N ASN D 127 -28.25 6.94 -1.44
CA ASN D 127 -27.68 7.81 -0.40
C ASN D 127 -27.05 7.01 0.73
N GLY D 128 -26.38 5.91 0.41
CA GLY D 128 -25.67 5.12 1.39
C GLY D 128 -26.52 4.19 2.23
N ARG D 129 -27.81 4.07 1.94
CA ARG D 129 -28.69 3.20 2.70
C ARG D 129 -29.55 2.38 1.75
N LEU D 130 -29.88 1.16 2.17
CA LEU D 130 -30.73 0.28 1.40
C LEU D 130 -32.17 0.72 1.52
N VAL D 131 -32.84 0.91 0.39
CA VAL D 131 -34.18 1.43 0.35
C VAL D 131 -35.19 0.38 -0.11
N ASP D 132 -34.85 -0.39 -1.15
CA ASP D 132 -35.79 -1.36 -1.70
C ASP D 132 -35.03 -2.59 -2.16
N SER D 133 -35.76 -3.69 -2.33
CA SER D 133 -35.20 -4.93 -2.83
C SER D 133 -36.26 -5.67 -3.63
N ILE D 134 -35.81 -6.34 -4.69
CA ILE D 134 -36.67 -7.16 -5.52
C ILE D 134 -36.02 -8.52 -5.68
N GLY D 135 -36.85 -9.52 -6.01
CA GLY D 135 -36.39 -10.86 -6.23
C GLY D 135 -36.56 -11.25 -7.70
N SER D 136 -36.05 -12.43 -8.04
CA SER D 136 -36.20 -12.94 -9.39
C SER D 136 -37.67 -13.27 -9.66
N TRP D 137 -38.15 -12.85 -10.84
CA TRP D 137 -39.51 -13.11 -11.25
C TRP D 137 -39.64 -14.27 -12.23
N SER D 138 -38.54 -14.71 -12.83
CA SER D 138 -38.55 -15.89 -13.70
C SER D 138 -37.70 -17.02 -13.16
N LYS D 139 -37.09 -16.85 -11.98
CA LYS D 139 -36.23 -17.84 -11.35
C LYS D 139 -35.09 -18.26 -12.27
N LYS D 140 -34.55 -17.28 -12.98
CA LYS D 140 -33.35 -17.42 -13.80
C LYS D 140 -32.29 -16.47 -13.26
N ILE D 141 -31.18 -16.34 -13.99
CA ILE D 141 -30.13 -15.42 -13.59
C ILE D 141 -30.64 -14.00 -13.78
N LEU D 142 -30.94 -13.30 -12.69
CA LEU D 142 -31.39 -11.93 -12.78
C LEU D 142 -30.20 -11.02 -13.06
N ARG D 143 -30.26 -10.31 -14.18
CA ARG D 143 -29.14 -9.48 -14.61
C ARG D 143 -29.53 -8.01 -14.68
N THR D 144 -28.62 -7.18 -15.18
CA THR D 144 -28.81 -5.74 -15.23
C THR D 144 -27.90 -5.17 -16.31
N GLN D 145 -27.94 -3.85 -16.46
CA GLN D 145 -27.23 -3.15 -17.53
C GLN D 145 -25.73 -3.40 -17.51
N GLU D 146 -25.16 -3.60 -16.32
CA GLU D 146 -23.71 -3.62 -16.09
C GLU D 146 -23.05 -2.33 -16.56
N SER D 147 -23.82 -1.24 -16.56
CA SER D 147 -23.37 0.10 -16.87
C SER D 147 -24.22 1.07 -16.06
N GLU D 148 -24.22 2.34 -16.43
CA GLU D 148 -24.99 3.32 -15.71
C GLU D 148 -26.44 3.28 -16.17
N CYS D 149 -27.33 3.72 -15.29
CA CYS D 149 -28.70 4.02 -15.66
C CYS D 149 -28.85 5.53 -15.76
N VAL D 150 -30.00 5.96 -16.27
CA VAL D 150 -30.22 7.38 -16.55
C VAL D 150 -31.10 7.92 -15.43
N CYS D 151 -30.62 8.99 -14.82
CA CYS D 151 -31.20 9.58 -13.61
C CYS D 151 -31.84 10.92 -13.99
N ILE D 152 -33.09 10.89 -14.44
CA ILE D 152 -33.78 12.09 -14.94
C ILE D 152 -34.82 12.53 -13.92
N ASN D 153 -34.63 13.74 -13.37
CA ASN D 153 -35.57 14.42 -12.48
C ASN D 153 -36.00 13.55 -11.31
N GLY D 154 -35.07 12.80 -10.74
CA GLY D 154 -35.36 11.94 -9.62
C GLY D 154 -35.94 10.59 -9.99
N THR D 155 -36.20 10.34 -11.28
CA THR D 155 -36.74 9.07 -11.74
C THR D 155 -35.64 8.32 -12.46
N CYS D 156 -35.45 7.06 -12.08
CA CYS D 156 -34.35 6.23 -12.52
C CYS D 156 -34.88 5.05 -13.32
N THR D 157 -34.29 4.83 -14.49
CA THR D 157 -34.71 3.77 -15.39
C THR D 157 -33.61 2.71 -15.46
N VAL D 158 -33.87 1.55 -14.87
CA VAL D 158 -32.92 0.44 -14.87
C VAL D 158 -33.55 -0.70 -15.66
N VAL D 159 -32.83 -1.19 -16.66
CA VAL D 159 -33.32 -2.30 -17.48
C VAL D 159 -32.75 -3.60 -16.91
N MET D 160 -33.62 -4.44 -16.37
CA MET D 160 -33.23 -5.74 -15.86
C MET D 160 -33.82 -6.83 -16.73
N THR D 161 -33.16 -7.99 -16.76
CA THR D 161 -33.61 -9.11 -17.56
C THR D 161 -33.54 -10.38 -16.74
N ASP D 162 -34.47 -11.29 -17.01
CA ASP D 162 -34.52 -12.58 -16.32
C ASP D 162 -35.03 -13.61 -17.31
N GLY D 163 -34.21 -14.61 -17.60
CA GLY D 163 -34.60 -15.62 -18.56
C GLY D 163 -33.40 -16.21 -19.25
N SER D 164 -33.68 -16.99 -20.29
CA SER D 164 -32.65 -17.66 -21.05
C SER D 164 -31.82 -16.66 -21.85
N ALA D 165 -30.55 -16.99 -22.00
CA ALA D 165 -29.66 -16.25 -22.88
C ALA D 165 -29.65 -16.82 -24.29
N SER D 166 -30.46 -17.85 -24.55
CA SER D 166 -30.62 -18.42 -25.89
C SER D 166 -32.08 -18.60 -26.24
N GLY D 167 -32.97 -17.85 -25.59
CA GLY D 167 -34.39 -17.96 -25.83
C GLY D 167 -35.10 -16.73 -25.33
N LYS D 168 -36.43 -16.84 -25.25
CA LYS D 168 -37.23 -15.73 -24.78
C LYS D 168 -36.98 -15.46 -23.30
N ALA D 169 -36.80 -14.19 -22.96
CA ALA D 169 -36.53 -13.78 -21.59
C ALA D 169 -37.42 -12.59 -21.23
N ASP D 170 -37.83 -12.53 -19.97
CA ASP D 170 -38.67 -11.45 -19.47
C ASP D 170 -37.75 -10.28 -19.11
N THR D 171 -37.86 -9.20 -19.89
CA THR D 171 -37.07 -8.00 -19.66
C THR D 171 -38.00 -6.91 -19.14
N LYS D 172 -37.65 -6.32 -18.01
CA LYS D 172 -38.45 -5.29 -17.38
C LYS D 172 -37.63 -4.01 -17.21
N ILE D 173 -38.35 -2.90 -17.15
CA ILE D 173 -37.76 -1.59 -16.91
C ILE D 173 -38.32 -1.08 -15.60
N LEU D 174 -37.43 -0.80 -14.65
CA LEU D 174 -37.82 -0.35 -13.34
C LEU D 174 -37.62 1.16 -13.24
N PHE D 175 -38.65 1.86 -12.80
CA PHE D 175 -38.60 3.28 -12.52
C PHE D 175 -38.57 3.47 -11.01
N ILE D 176 -37.49 4.09 -10.53
CA ILE D 176 -37.15 4.20 -9.12
C ILE D 176 -36.99 5.67 -8.76
N GLU D 177 -37.65 6.11 -7.68
CA GLU D 177 -37.42 7.45 -7.15
C GLU D 177 -36.84 7.34 -5.75
N GLU D 178 -35.61 7.85 -5.58
CA GLU D 178 -34.92 7.91 -4.30
C GLU D 178 -34.81 6.53 -3.66
N GLY D 179 -34.43 5.54 -4.47
CA GLY D 179 -34.22 4.19 -4.00
C GLY D 179 -35.46 3.33 -3.92
N LYS D 180 -36.64 3.87 -4.19
CA LYS D 180 -37.89 3.14 -4.09
C LYS D 180 -38.47 2.91 -5.48
N ILE D 181 -38.76 1.66 -5.81
CA ILE D 181 -39.35 1.29 -7.09
C ILE D 181 -40.76 1.84 -7.12
N VAL D 182 -41.00 2.83 -7.99
CA VAL D 182 -42.36 3.35 -8.13
C VAL D 182 -43.08 2.75 -9.31
N HIS D 183 -42.37 2.19 -10.30
CA HIS D 183 -43.10 1.56 -11.40
C HIS D 183 -42.27 0.44 -12.01
N THR D 184 -42.98 -0.53 -12.58
CA THR D 184 -42.39 -1.63 -13.31
C THR D 184 -43.08 -1.69 -14.67
N SER D 185 -42.30 -1.87 -15.73
CA SER D 185 -42.88 -1.88 -17.06
C SER D 185 -42.27 -2.98 -17.92
N PRO D 186 -43.09 -3.91 -18.41
CA PRO D 186 -42.54 -4.96 -19.29
C PRO D 186 -42.07 -4.39 -20.61
N LEU D 187 -41.08 -5.07 -21.21
CA LEU D 187 -40.54 -4.65 -22.48
C LEU D 187 -41.57 -4.86 -23.58
N SER D 188 -41.79 -3.82 -24.40
CA SER D 188 -42.72 -3.88 -25.50
C SER D 188 -42.05 -3.35 -26.76
N GLY D 189 -42.29 -4.02 -27.88
CA GLY D 189 -41.73 -3.65 -29.15
C GLY D 189 -41.31 -4.89 -29.93
N SER D 190 -40.46 -4.67 -30.93
CA SER D 190 -40.01 -5.73 -31.81
C SER D 190 -38.71 -6.38 -31.37
N ALA D 191 -38.08 -5.89 -30.30
CA ALA D 191 -36.87 -6.52 -29.78
C ALA D 191 -37.22 -7.83 -29.10
N GLN D 192 -36.46 -8.88 -29.43
CA GLN D 192 -36.74 -10.21 -28.93
C GLN D 192 -35.77 -10.69 -27.87
N HIS D 193 -34.65 -10.00 -27.67
CA HIS D 193 -33.72 -10.33 -26.60
C HIS D 193 -32.93 -9.09 -26.24
N VAL D 194 -33.05 -8.65 -24.99
CA VAL D 194 -32.43 -7.42 -24.51
C VAL D 194 -31.56 -7.75 -23.31
N GLU D 195 -30.30 -7.33 -23.37
CA GLU D 195 -29.34 -7.65 -22.31
C GLU D 195 -28.26 -6.58 -22.28
N GLU D 196 -27.86 -6.21 -21.07
CA GLU D 196 -26.75 -5.30 -20.78
C GLU D 196 -26.83 -4.02 -21.62
N CYS D 197 -27.86 -3.24 -21.34
CA CYS D 197 -28.12 -2.03 -22.12
C CYS D 197 -27.15 -0.92 -21.74
N SER D 198 -26.79 -0.12 -22.74
CA SER D 198 -26.08 1.15 -22.54
C SER D 198 -27.08 2.27 -22.78
N CYS D 199 -27.40 3.02 -21.74
CA CYS D 199 -28.49 3.97 -21.75
C CYS D 199 -27.97 5.39 -21.65
N TYR D 200 -28.60 6.30 -22.39
CA TYR D 200 -28.25 7.71 -22.35
C TYR D 200 -29.52 8.55 -22.38
N PRO D 201 -29.51 9.73 -21.77
CA PRO D 201 -30.69 10.59 -21.80
C PRO D 201 -30.87 11.23 -23.17
N ARG D 202 -32.10 11.16 -23.68
CA ARG D 202 -32.52 11.86 -24.89
C ARG D 202 -33.81 12.55 -24.49
N TYR D 203 -33.69 13.79 -24.00
CA TYR D 203 -34.78 14.46 -23.30
C TYR D 203 -36.01 14.56 -24.19
N PRO D 204 -37.22 14.27 -23.65
CA PRO D 204 -37.56 13.99 -22.26
C PRO D 204 -37.45 12.53 -21.83
N GLY D 205 -36.92 11.64 -22.66
CA GLY D 205 -36.85 10.23 -22.31
C GLY D 205 -35.46 9.64 -22.28
N VAL D 206 -35.40 8.30 -22.35
CA VAL D 206 -34.14 7.56 -22.26
C VAL D 206 -34.02 6.65 -23.46
N ARG D 207 -32.82 6.60 -24.06
CA ARG D 207 -32.57 5.70 -25.17
C ARG D 207 -31.46 4.73 -24.78
N CYS D 208 -31.72 3.43 -24.94
CA CYS D 208 -30.79 2.38 -24.56
C CYS D 208 -30.47 1.54 -25.78
N VAL D 209 -29.19 1.22 -25.96
CA VAL D 209 -28.73 0.29 -26.99
C VAL D 209 -28.09 -0.90 -26.29
N CYS D 210 -28.65 -2.09 -26.53
CA CYS D 210 -28.30 -3.28 -25.75
C CYS D 210 -27.71 -4.34 -26.66
N ARG D 211 -27.46 -5.51 -26.08
CA ARG D 211 -26.95 -6.66 -26.81
C ARG D 211 -28.05 -7.68 -27.02
N ASP D 212 -27.93 -8.46 -28.08
CA ASP D 212 -28.83 -9.56 -28.37
C ASP D 212 -28.06 -10.87 -28.36
N ASN D 213 -28.50 -11.81 -27.53
CA ASN D 213 -27.86 -13.11 -27.39
C ASN D 213 -28.68 -14.22 -28.04
N TRP D 214 -29.62 -13.87 -28.92
CA TRP D 214 -30.53 -14.87 -29.48
C TRP D 214 -30.97 -14.36 -30.85
N LYS D 215 -30.37 -14.92 -31.90
CA LYS D 215 -30.69 -14.66 -33.31
C LYS D 215 -30.39 -13.23 -33.75
N GLY D 216 -29.53 -12.51 -33.03
CA GLY D 216 -29.28 -11.13 -33.40
C GLY D 216 -27.84 -10.68 -33.36
N SER D 217 -27.40 -10.01 -34.44
CA SER D 217 -26.12 -9.32 -34.49
C SER D 217 -26.26 -7.81 -34.44
N ASN D 218 -27.35 -7.27 -35.00
CA ASN D 218 -27.66 -5.87 -34.79
C ASN D 218 -28.14 -5.65 -33.36
N ARG D 219 -27.93 -4.44 -32.86
CA ARG D 219 -28.21 -4.16 -31.47
C ARG D 219 -29.66 -3.70 -31.30
N PRO D 220 -30.37 -4.16 -30.28
CA PRO D 220 -31.70 -3.62 -29.99
C PRO D 220 -31.64 -2.20 -29.46
N ILE D 221 -32.70 -1.45 -29.74
CA ILE D 221 -32.91 -0.11 -29.20
C ILE D 221 -34.17 -0.13 -28.37
N VAL D 222 -34.08 0.37 -27.14
CA VAL D 222 -35.20 0.50 -26.23
C VAL D 222 -35.38 1.97 -25.91
N ASP D 223 -36.53 2.53 -26.26
CA ASP D 223 -36.85 3.91 -25.93
C ASP D 223 -37.86 3.91 -24.78
N ILE D 224 -37.55 4.69 -23.75
CA ILE D 224 -38.29 4.71 -22.50
C ILE D 224 -38.84 6.11 -22.28
N ASN D 225 -40.15 6.21 -22.11
CA ASN D 225 -40.84 7.44 -21.72
C ASN D 225 -41.08 7.36 -20.22
N VAL D 226 -40.45 8.28 -19.48
CA VAL D 226 -40.45 8.23 -18.03
C VAL D 226 -41.67 8.90 -17.42
N LYS D 227 -42.44 9.65 -18.20
CA LYS D 227 -43.67 10.25 -17.69
C LYS D 227 -44.85 9.30 -17.85
N ASP D 228 -44.97 8.67 -19.02
CA ASP D 228 -46.03 7.71 -19.30
C ASP D 228 -45.62 6.32 -18.83
N TYR D 229 -44.34 6.12 -18.51
CA TYR D 229 -43.77 4.81 -18.18
C TYR D 229 -43.95 3.83 -19.34
N SER D 230 -43.68 4.29 -20.55
CA SER D 230 -43.95 3.47 -21.73
C SER D 230 -42.66 3.07 -22.43
N ILE D 231 -42.69 1.90 -23.07
CA ILE D 231 -41.52 1.29 -23.67
C ILE D 231 -41.81 0.98 -25.13
N VAL D 232 -40.88 1.36 -26.02
CA VAL D 232 -40.92 0.89 -27.41
C VAL D 232 -39.55 0.34 -27.75
N SER D 233 -39.53 -0.54 -28.75
CA SER D 233 -38.30 -1.26 -29.07
C SER D 233 -38.17 -1.42 -30.58
N SER D 234 -36.92 -1.47 -31.04
CA SER D 234 -36.58 -1.64 -32.44
C SER D 234 -35.15 -2.17 -32.52
N TYR D 235 -34.55 -2.10 -33.70
CA TYR D 235 -33.16 -2.48 -33.88
C TYR D 235 -32.39 -1.36 -34.59
N VAL D 236 -31.08 -1.31 -34.34
CA VAL D 236 -30.24 -0.32 -35.00
C VAL D 236 -30.24 -0.58 -36.51
N CYS D 237 -30.46 0.48 -37.27
CA CYS D 237 -30.74 0.39 -38.70
C CYS D 237 -29.48 0.56 -39.53
N SER D 238 -28.30 0.32 -38.94
CA SER D 238 -27.05 0.84 -39.50
C SER D 238 -26.34 -0.14 -40.43
N GLY D 239 -26.90 -1.30 -40.70
CA GLY D 239 -26.25 -2.21 -41.65
C GLY D 239 -24.96 -2.83 -41.16
N LEU D 240 -23.97 -2.02 -40.82
CA LEU D 240 -22.76 -2.47 -40.16
C LEU D 240 -23.11 -2.77 -38.72
N VAL D 241 -23.31 -4.05 -38.40
CA VAL D 241 -23.76 -4.46 -37.07
C VAL D 241 -22.62 -4.30 -36.07
N GLY D 242 -22.95 -4.31 -34.78
CA GLY D 242 -21.96 -4.00 -33.76
C GLY D 242 -21.77 -5.04 -32.67
N ASP D 243 -22.21 -6.27 -32.91
CA ASP D 243 -21.98 -7.36 -31.97
C ASP D 243 -20.68 -8.06 -32.36
N THR D 244 -19.89 -8.46 -31.36
CA THR D 244 -18.58 -9.02 -31.65
C THR D 244 -18.62 -10.38 -32.37
N PRO D 245 -19.66 -11.22 -32.28
CA PRO D 245 -19.84 -12.23 -33.34
C PRO D 245 -20.74 -11.68 -34.44
N ARG D 246 -20.23 -11.64 -35.66
CA ARG D 246 -20.98 -11.04 -36.77
C ARG D 246 -20.35 -11.47 -38.09
N LYS D 247 -21.09 -11.28 -39.16
CA LYS D 247 -20.61 -11.52 -40.51
C LYS D 247 -19.78 -10.34 -40.99
N ASN D 248 -19.15 -10.51 -42.15
CA ASN D 248 -18.30 -9.45 -42.67
C ASN D 248 -19.14 -8.28 -43.19
N ASP D 249 -18.45 -7.19 -43.53
CA ASP D 249 -19.12 -5.96 -43.93
C ASP D 249 -19.94 -6.14 -45.21
N SER D 250 -19.54 -7.08 -46.07
CA SER D 250 -20.28 -7.32 -47.30
C SER D 250 -21.58 -8.07 -47.05
N SER D 251 -21.56 -9.08 -46.18
CA SER D 251 -22.71 -9.94 -45.95
C SER D 251 -23.52 -9.57 -44.73
N SER D 252 -23.11 -8.54 -43.99
CA SER D 252 -23.90 -8.11 -42.84
C SER D 252 -25.17 -7.41 -43.32
N SER D 253 -26.20 -7.43 -42.48
CA SER D 253 -27.44 -6.77 -42.80
C SER D 253 -28.14 -6.39 -41.50
N SER D 254 -28.84 -5.27 -41.53
CA SER D 254 -29.57 -4.80 -40.36
C SER D 254 -30.76 -3.99 -40.82
N HIS D 255 -31.94 -4.61 -40.83
CA HIS D 255 -33.19 -3.90 -41.04
C HIS D 255 -33.77 -3.46 -39.71
N CYS D 256 -34.62 -2.45 -39.76
CA CYS D 256 -35.02 -1.69 -38.59
C CYS D 256 -35.86 -2.48 -37.59
N LEU D 257 -36.54 -3.53 -38.02
CA LEU D 257 -37.61 -4.15 -37.23
C LEU D 257 -37.16 -5.42 -36.52
N ASP D 258 -36.67 -6.40 -37.26
CA ASP D 258 -36.45 -7.75 -36.75
C ASP D 258 -34.96 -8.04 -36.62
N PRO D 259 -34.59 -8.99 -35.76
CA PRO D 259 -33.20 -9.45 -35.73
C PRO D 259 -32.81 -10.11 -37.05
N ASN D 260 -31.54 -9.97 -37.40
CA ASN D 260 -31.06 -10.34 -38.73
C ASN D 260 -30.75 -11.82 -38.89
N ASN D 261 -30.73 -12.60 -37.80
CA ASN D 261 -30.45 -14.03 -37.83
C ASN D 261 -29.10 -14.34 -38.50
N GLU D 262 -28.13 -13.43 -38.33
CA GLU D 262 -26.82 -13.57 -38.96
C GLU D 262 -25.78 -13.64 -37.85
N GLU D 263 -25.38 -14.87 -37.50
CA GLU D 263 -24.45 -15.13 -36.41
C GLU D 263 -24.94 -14.49 -35.11
N GLY D 264 -26.19 -14.79 -34.75
CA GLY D 264 -26.80 -14.21 -33.58
C GLY D 264 -26.08 -14.60 -32.31
N GLY D 265 -26.19 -15.87 -31.92
CA GLY D 265 -25.36 -16.51 -30.91
C GLY D 265 -25.03 -15.72 -29.66
N HIS D 266 -23.74 -15.48 -29.45
CA HIS D 266 -23.26 -14.72 -28.30
C HIS D 266 -23.35 -13.23 -28.58
N GLY D 267 -22.74 -12.42 -27.73
CA GLY D 267 -22.71 -10.98 -27.97
C GLY D 267 -21.70 -10.33 -27.07
N VAL D 268 -21.57 -9.02 -27.24
CA VAL D 268 -20.73 -8.20 -26.38
C VAL D 268 -21.52 -6.95 -26.02
N LYS D 269 -21.22 -6.41 -24.86
CA LYS D 269 -21.84 -5.16 -24.45
C LYS D 269 -21.27 -4.01 -25.27
N GLY D 270 -22.13 -3.29 -25.97
CA GLY D 270 -21.70 -2.20 -26.82
C GLY D 270 -22.54 -0.95 -26.66
N TRP D 271 -22.42 -0.03 -27.61
CA TRP D 271 -23.13 1.23 -27.51
C TRP D 271 -23.29 1.83 -28.91
N ALA D 272 -24.27 2.72 -29.03
CA ALA D 272 -24.52 3.50 -30.23
C ALA D 272 -25.47 4.64 -29.87
N PHE D 273 -25.27 5.80 -30.47
CA PHE D 273 -26.18 6.91 -30.25
C PHE D 273 -26.42 7.65 -31.56
N ASP D 274 -27.41 8.53 -31.54
CA ASP D 274 -27.96 9.14 -32.74
C ASP D 274 -27.41 10.55 -32.95
N ASP D 275 -27.34 10.94 -34.22
CA ASP D 275 -26.85 12.23 -34.66
C ASP D 275 -27.86 12.74 -35.70
N GLY D 276 -29.12 12.81 -35.28
CA GLY D 276 -30.19 13.29 -36.12
C GLY D 276 -30.64 12.18 -37.07
N ASN D 277 -29.82 11.94 -38.08
CA ASN D 277 -29.96 10.77 -38.92
C ASN D 277 -28.75 9.85 -38.87
N ASP D 278 -27.59 10.37 -38.48
CA ASP D 278 -26.39 9.53 -38.43
C ASP D 278 -26.38 8.69 -37.16
N VAL D 279 -25.50 7.71 -37.11
CA VAL D 279 -25.31 6.92 -35.90
C VAL D 279 -23.83 6.84 -35.58
N TRP D 280 -23.47 7.21 -34.36
CA TRP D 280 -22.12 7.01 -33.86
C TRP D 280 -22.09 5.71 -33.06
N MET D 281 -21.22 4.79 -33.46
CA MET D 281 -21.15 3.50 -32.77
C MET D 281 -19.69 3.07 -32.62
N GLY D 282 -19.50 2.09 -31.75
CA GLY D 282 -18.21 1.44 -31.61
C GLY D 282 -18.37 -0.06 -31.54
N ARG D 283 -17.42 -0.75 -32.16
CA ARG D 283 -17.47 -2.20 -32.24
C ARG D 283 -16.06 -2.75 -32.27
N THR D 284 -15.92 -4.03 -31.93
CA THR D 284 -14.65 -4.69 -32.00
C THR D 284 -14.21 -4.85 -33.45
N ILE D 285 -12.91 -4.68 -33.69
CA ILE D 285 -12.38 -4.82 -35.04
C ILE D 285 -12.51 -6.26 -35.52
N SER D 286 -12.16 -7.22 -34.67
CA SER D 286 -12.33 -8.62 -35.02
C SER D 286 -13.80 -8.99 -35.05
N GLU D 287 -14.14 -9.92 -35.94
CA GLU D 287 -15.52 -10.32 -36.16
C GLU D 287 -15.94 -11.59 -35.42
N LYS D 288 -15.01 -12.26 -34.74
CA LYS D 288 -15.34 -13.48 -34.04
C LYS D 288 -14.86 -13.42 -32.60
N LEU D 289 -13.79 -12.68 -32.37
CA LEU D 289 -13.22 -12.48 -31.05
C LEU D 289 -13.31 -11.01 -30.67
N ARG D 290 -13.17 -10.74 -29.38
CA ARG D 290 -13.16 -9.38 -28.86
C ARG D 290 -11.73 -8.85 -28.92
N SER D 291 -11.22 -8.69 -30.13
CA SER D 291 -9.88 -8.19 -30.35
C SER D 291 -9.95 -6.90 -31.14
N GLY D 292 -9.43 -5.81 -30.56
CA GLY D 292 -9.48 -4.52 -31.20
C GLY D 292 -10.80 -3.82 -30.94
N TYR D 293 -10.80 -2.52 -31.21
CA TYR D 293 -12.00 -1.71 -31.06
C TYR D 293 -11.89 -0.43 -31.90
N GLU D 294 -12.89 -0.20 -32.74
CA GLU D 294 -12.98 0.99 -33.57
C GLU D 294 -14.32 1.68 -33.31
N THR D 295 -14.35 2.98 -33.59
CA THR D 295 -15.57 3.76 -33.55
C THR D 295 -15.74 4.50 -34.88
N PHE D 296 -16.98 4.61 -35.32
CA PHE D 296 -17.25 5.30 -36.59
C PHE D 296 -18.68 5.81 -36.60
N LYS D 297 -18.93 6.72 -37.54
CA LYS D 297 -20.24 7.32 -37.76
C LYS D 297 -20.77 6.83 -39.11
N VAL D 298 -21.96 6.27 -39.08
CA VAL D 298 -22.63 5.80 -40.29
C VAL D 298 -23.68 6.81 -40.69
N ILE D 299 -23.63 7.25 -41.94
CA ILE D 299 -24.55 8.25 -42.48
C ILE D 299 -25.91 7.62 -42.70
N GLU D 300 -26.95 8.26 -42.17
CA GLU D 300 -28.34 7.79 -42.28
C GLU D 300 -28.48 6.38 -41.72
N GLY D 301 -27.76 6.08 -40.65
CA GLY D 301 -27.83 4.79 -40.01
C GLY D 301 -28.90 4.65 -38.96
N TRP D 302 -29.45 5.76 -38.47
CA TRP D 302 -30.58 5.72 -37.57
C TRP D 302 -31.91 5.87 -38.28
N SER D 303 -31.91 6.14 -39.58
CA SER D 303 -33.13 6.34 -40.35
C SER D 303 -33.27 5.35 -41.50
N LYS D 304 -32.22 5.20 -42.32
CA LYS D 304 -32.31 4.33 -43.49
C LYS D 304 -31.93 2.90 -43.13
N PRO D 305 -32.78 1.92 -43.41
CA PRO D 305 -32.43 0.53 -43.11
C PRO D 305 -31.27 0.04 -43.96
N ASN D 306 -30.31 -0.62 -43.31
CA ASN D 306 -29.18 -1.28 -43.96
C ASN D 306 -28.35 -0.30 -44.80
N SER D 307 -27.82 0.71 -44.12
CA SER D 307 -27.00 1.75 -44.75
C SER D 307 -25.55 1.52 -44.35
N LYS D 308 -24.69 1.25 -45.32
CA LYS D 308 -23.31 0.87 -45.07
C LYS D 308 -22.32 1.97 -45.50
N LEU D 309 -22.67 3.22 -45.28
CA LEU D 309 -21.79 4.34 -45.59
C LEU D 309 -21.09 4.79 -44.32
N GLN D 310 -19.75 4.70 -44.31
CA GLN D 310 -18.96 4.92 -43.13
C GLN D 310 -18.05 6.14 -43.30
N ILE D 311 -18.03 6.99 -42.28
CA ILE D 311 -17.14 8.15 -42.23
C ILE D 311 -16.56 8.24 -40.81
N ASN D 312 -15.42 8.94 -40.70
CA ASN D 312 -14.83 9.33 -39.43
C ASN D 312 -14.48 8.11 -38.57
N ARG D 313 -13.65 7.23 -39.12
CA ARG D 313 -13.25 6.04 -38.39
C ARG D 313 -12.03 6.31 -37.52
N GLN D 314 -12.12 5.93 -36.25
CA GLN D 314 -11.00 5.98 -35.32
C GLN D 314 -10.67 4.56 -34.86
N VAL D 315 -9.39 4.32 -34.62
CA VAL D 315 -8.94 3.04 -34.08
C VAL D 315 -8.58 3.25 -32.62
N ILE D 316 -9.50 2.88 -31.73
CA ILE D 316 -9.23 2.99 -30.30
C ILE D 316 -8.24 1.94 -29.84
N VAL D 317 -8.46 0.69 -30.22
CA VAL D 317 -7.56 -0.41 -29.89
C VAL D 317 -7.28 -1.20 -31.16
N ASP D 318 -6.00 -1.48 -31.42
CA ASP D 318 -5.61 -2.19 -32.63
C ASP D 318 -6.03 -3.67 -32.57
N ARG D 319 -6.01 -4.29 -33.74
CA ARG D 319 -6.54 -5.66 -33.90
C ARG D 319 -5.73 -6.67 -33.10
N GLY D 320 -4.45 -6.39 -32.85
CA GLY D 320 -3.60 -7.34 -32.15
C GLY D 320 -3.65 -7.25 -30.64
N ASN D 321 -4.67 -6.57 -30.11
CA ASN D 321 -4.82 -6.39 -28.67
C ASN D 321 -6.23 -6.77 -28.26
N ARG D 322 -6.35 -7.25 -27.01
CA ARG D 322 -7.62 -7.77 -26.50
C ARG D 322 -8.51 -6.63 -25.99
N SER D 323 -9.67 -6.52 -26.61
CA SER D 323 -10.73 -5.64 -26.15
C SER D 323 -11.70 -6.42 -25.28
N GLY D 324 -12.84 -5.81 -24.99
CA GLY D 324 -13.86 -6.43 -24.18
C GLY D 324 -15.17 -5.69 -24.29
N TYR D 325 -15.80 -5.51 -23.13
CA TYR D 325 -17.02 -4.73 -23.03
C TYR D 325 -16.77 -3.28 -23.41
N SER D 326 -17.85 -2.56 -23.69
CA SER D 326 -17.80 -1.13 -23.93
C SER D 326 -19.15 -0.55 -23.57
N GLY D 327 -19.18 0.74 -23.29
CA GLY D 327 -20.40 1.36 -22.87
C GLY D 327 -20.34 2.87 -22.99
N ILE D 328 -21.51 3.48 -22.98
CA ILE D 328 -21.68 4.92 -23.13
C ILE D 328 -21.97 5.52 -21.77
N PHE D 329 -21.63 6.80 -21.61
CA PHE D 329 -22.13 7.63 -20.53
C PHE D 329 -22.16 9.07 -21.00
N SER D 330 -22.87 9.91 -20.25
CA SER D 330 -23.15 11.28 -20.66
C SER D 330 -22.62 12.24 -19.60
N VAL D 331 -22.00 13.33 -20.05
CA VAL D 331 -21.44 14.34 -19.17
C VAL D 331 -22.12 15.67 -19.50
N GLU D 332 -22.64 16.33 -18.48
CA GLU D 332 -23.30 17.62 -18.67
C GLU D 332 -22.24 18.71 -18.83
N GLY D 333 -22.30 19.43 -19.96
CA GLY D 333 -21.39 20.52 -20.21
C GLY D 333 -21.97 21.87 -19.80
N LYS D 334 -21.31 22.92 -20.28
CA LYS D 334 -21.79 24.27 -20.00
C LYS D 334 -23.11 24.54 -20.72
N SER D 335 -23.23 24.07 -21.95
CA SER D 335 -24.43 24.34 -22.74
C SER D 335 -25.11 23.11 -23.33
N CYS D 336 -24.44 21.97 -23.39
CA CYS D 336 -25.01 20.81 -24.07
C CYS D 336 -24.28 19.54 -23.64
N ILE D 337 -25.02 18.42 -23.64
CA ILE D 337 -24.53 17.17 -23.09
C ILE D 337 -23.57 16.50 -24.06
N ASN D 338 -22.43 16.03 -23.53
CA ASN D 338 -21.42 15.33 -24.30
C ASN D 338 -21.53 13.83 -24.05
N ARG D 339 -21.20 13.05 -25.07
CA ARG D 339 -21.24 11.60 -25.01
C ARG D 339 -19.82 11.06 -24.93
N CYS D 340 -19.60 10.13 -24.01
CA CYS D 340 -18.30 9.52 -23.81
C CYS D 340 -18.49 8.01 -23.74
N PHE D 341 -17.43 7.26 -24.00
CA PHE D 341 -17.51 5.81 -23.93
C PHE D 341 -16.28 5.22 -23.28
N TYR D 342 -16.50 4.15 -22.52
CA TYR D 342 -15.44 3.35 -21.93
C TYR D 342 -15.30 2.04 -22.68
N VAL D 343 -14.07 1.56 -22.77
CA VAL D 343 -13.74 0.29 -23.40
C VAL D 343 -13.01 -0.56 -22.39
N GLU D 344 -13.50 -1.79 -22.20
CA GLU D 344 -12.86 -2.79 -21.36
C GLU D 344 -11.73 -3.46 -22.13
N LEU D 345 -10.62 -3.69 -21.44
CA LEU D 345 -9.47 -4.40 -22.01
C LEU D 345 -9.24 -5.63 -21.14
N ILE D 346 -9.66 -6.78 -21.63
CA ILE D 346 -9.62 -8.02 -20.85
C ILE D 346 -8.26 -8.67 -21.03
N ARG D 347 -7.60 -8.97 -19.91
CA ARG D 347 -6.35 -9.71 -19.89
C ARG D 347 -6.48 -10.87 -18.94
N GLY D 348 -6.14 -12.07 -19.41
CA GLY D 348 -6.24 -13.21 -18.53
C GLY D 348 -6.60 -14.46 -19.30
N ARG D 349 -7.25 -15.38 -18.61
CA ARG D 349 -7.40 -16.74 -19.09
C ARG D 349 -8.60 -16.89 -20.02
N LYS D 350 -8.74 -18.11 -20.55
CA LYS D 350 -9.58 -18.56 -21.65
C LYS D 350 -9.08 -18.07 -23.01
N GLN D 351 -8.12 -17.16 -23.04
CA GLN D 351 -7.39 -16.83 -24.25
C GLN D 351 -5.88 -16.83 -24.04
N GLU D 352 -5.42 -16.41 -22.86
CA GLU D 352 -4.01 -16.40 -22.50
C GLU D 352 -3.81 -17.38 -21.35
N THR D 353 -3.19 -18.52 -21.64
CA THR D 353 -3.07 -19.61 -20.69
C THR D 353 -1.81 -19.52 -19.84
N GLU D 354 -0.98 -18.51 -20.04
CA GLU D 354 0.24 -18.35 -19.24
C GLU D 354 -0.04 -17.85 -17.83
N VAL D 355 -1.27 -17.37 -17.57
CA VAL D 355 -1.67 -16.93 -16.25
C VAL D 355 -2.97 -17.64 -15.88
N LEU D 356 -3.31 -17.59 -14.60
CA LEU D 356 -4.49 -18.28 -14.10
C LEU D 356 -5.66 -17.33 -13.84
N TRP D 357 -5.40 -16.04 -13.71
CA TRP D 357 -6.43 -15.07 -13.37
C TRP D 357 -7.10 -14.51 -14.62
N THR D 358 -8.08 -13.65 -14.40
CA THR D 358 -8.77 -12.92 -15.46
C THR D 358 -9.17 -11.57 -14.91
N SER D 359 -8.60 -10.50 -15.46
CA SER D 359 -8.88 -9.15 -15.00
C SER D 359 -8.99 -8.22 -16.21
N ASN D 360 -9.10 -6.92 -15.94
CA ASN D 360 -9.35 -5.96 -16.99
C ASN D 360 -8.70 -4.63 -16.65
N SER D 361 -8.53 -3.82 -17.69
CA SER D 361 -8.25 -2.40 -17.59
C SER D 361 -9.33 -1.64 -18.35
N ILE D 362 -9.31 -0.31 -18.26
CA ILE D 362 -10.35 0.51 -18.86
C ILE D 362 -9.71 1.71 -19.54
N VAL D 363 -10.18 2.01 -20.75
CA VAL D 363 -9.77 3.22 -21.46
C VAL D 363 -11.02 4.02 -21.82
N VAL D 364 -11.01 5.31 -21.48
CA VAL D 364 -12.19 6.16 -21.58
C VAL D 364 -11.91 7.28 -22.58
N PHE D 365 -12.83 7.43 -23.54
CA PHE D 365 -12.78 8.47 -24.56
C PHE D 365 -14.01 9.34 -24.45
N CYS D 366 -13.91 10.58 -24.92
CA CYS D 366 -15.02 11.51 -24.89
C CYS D 366 -15.18 12.20 -26.23
N GLY D 367 -16.41 12.61 -26.54
CA GLY D 367 -16.66 13.27 -27.80
C GLY D 367 -16.15 14.70 -27.81
N THR D 368 -15.74 15.14 -29.00
CA THR D 368 -15.18 16.47 -29.18
C THR D 368 -15.78 17.11 -30.42
N SER D 369 -15.90 18.44 -30.39
CA SER D 369 -16.33 19.18 -31.57
C SER D 369 -15.17 19.67 -32.42
N GLY D 370 -13.93 19.38 -32.01
CA GLY D 370 -12.76 19.86 -32.69
C GLY D 370 -12.00 18.76 -33.40
N THR D 371 -10.73 19.02 -33.63
CA THR D 371 -9.84 18.13 -34.37
C THR D 371 -9.19 17.13 -33.41
N TYR D 372 -8.85 15.96 -33.93
CA TYR D 372 -8.16 14.94 -33.16
C TYR D 372 -7.11 14.31 -34.07
N GLY D 373 -6.54 13.19 -33.64
CA GLY D 373 -5.56 12.48 -34.45
C GLY D 373 -5.71 11.00 -34.28
N THR D 374 -4.74 10.27 -34.82
CA THR D 374 -4.70 8.82 -34.72
C THR D 374 -3.91 8.39 -33.50
N GLY D 375 -4.08 7.13 -33.11
CA GLY D 375 -3.38 6.64 -31.95
C GLY D 375 -3.75 5.21 -31.64
N SER D 376 -3.21 4.72 -30.54
CA SER D 376 -3.44 3.35 -30.10
C SER D 376 -3.24 3.29 -28.59
N TRP D 377 -4.24 2.78 -27.89
CA TRP D 377 -4.20 2.71 -26.42
C TRP D 377 -4.63 1.32 -25.96
N PRO D 378 -3.77 0.33 -26.10
CA PRO D 378 -4.06 -0.99 -25.54
C PRO D 378 -3.63 -1.03 -24.07
N ASP D 379 -3.89 -2.17 -23.44
CA ASP D 379 -3.43 -2.37 -22.07
C ASP D 379 -1.91 -2.37 -21.99
N GLY D 380 -1.25 -3.09 -22.89
CA GLY D 380 0.20 -3.09 -22.95
C GLY D 380 0.89 -3.66 -21.73
N ALA D 381 0.35 -4.75 -21.20
CA ALA D 381 0.97 -5.44 -20.08
C ALA D 381 1.64 -6.71 -20.61
N ASP D 382 2.92 -6.86 -20.31
CA ASP D 382 3.63 -8.08 -20.70
C ASP D 382 3.15 -9.24 -19.86
N ILE D 383 2.46 -10.19 -20.49
CA ILE D 383 1.86 -11.30 -19.77
C ILE D 383 2.91 -12.25 -19.21
N ASN D 384 4.14 -12.19 -19.71
CA ASN D 384 5.23 -13.01 -19.20
C ASN D 384 5.88 -12.41 -17.96
N LEU D 385 5.58 -11.15 -17.64
CA LEU D 385 6.10 -10.49 -16.45
C LEU D 385 5.09 -10.48 -15.31
N MET D 386 4.02 -11.23 -15.42
CA MET D 386 2.98 -11.11 -14.41
C MET D 386 2.96 -12.34 -13.52
N PRO D 387 2.48 -12.23 -12.28
CA PRO D 387 2.37 -13.39 -11.39
C PRO D 387 1.39 -14.44 -11.91
N GLN E 3 16.49 -4.64 -40.53
CA GLN E 3 16.74 -4.85 -41.94
C GLN E 3 16.54 -3.56 -42.73
N LEU E 4 17.61 -3.12 -43.40
CA LEU E 4 17.57 -1.93 -44.26
C LEU E 4 17.99 -2.34 -45.66
N VAL E 5 17.06 -2.21 -46.61
CA VAL E 5 17.37 -2.49 -48.00
C VAL E 5 17.96 -1.23 -48.61
N GLU E 6 18.84 -1.42 -49.60
CA GLU E 6 19.53 -0.30 -50.21
C GLU E 6 19.50 -0.48 -51.73
N SER E 7 19.83 0.60 -52.44
CA SER E 7 19.79 0.60 -53.88
C SER E 7 20.97 -0.18 -54.45
N GLY E 8 21.05 -0.25 -55.78
CA GLY E 8 22.12 -0.96 -56.43
C GLY E 8 23.33 -0.08 -56.70
N ALA E 9 24.45 -0.75 -56.98
CA ALA E 9 25.68 -0.05 -57.31
C ALA E 9 25.55 0.61 -58.68
N GLU E 10 26.01 1.86 -58.76
CA GLU E 10 25.90 2.63 -59.99
C GLU E 10 27.24 3.25 -60.34
N VAL E 11 27.61 3.17 -61.61
CA VAL E 11 28.83 3.81 -62.12
C VAL E 11 28.44 5.20 -62.61
N LYS E 12 29.39 6.13 -62.49
CA LYS E 12 29.11 7.52 -62.80
C LYS E 12 30.33 8.16 -63.45
N LYS E 13 30.10 9.28 -64.11
CA LYS E 13 31.09 10.16 -64.69
C LYS E 13 31.38 11.33 -63.75
N PRO E 14 32.59 11.88 -63.78
CA PRO E 14 32.90 13.03 -62.91
C PRO E 14 32.04 14.23 -63.28
N GLY E 15 31.63 14.98 -62.25
CA GLY E 15 30.76 16.11 -62.43
C GLY E 15 29.29 15.80 -62.47
N SER E 16 28.90 14.52 -62.37
CA SER E 16 27.51 14.13 -62.38
C SER E 16 26.96 14.11 -60.96
N SER E 17 25.73 13.62 -60.80
CA SER E 17 25.05 13.55 -59.52
C SER E 17 24.50 12.15 -59.32
N VAL E 18 24.64 11.61 -58.12
CA VAL E 18 24.19 10.27 -57.79
C VAL E 18 23.16 10.34 -56.67
N LYS E 19 22.24 9.38 -56.67
CA LYS E 19 21.21 9.28 -55.64
C LYS E 19 21.24 7.87 -55.07
N VAL E 20 21.39 7.76 -53.76
CA VAL E 20 21.38 6.49 -53.04
C VAL E 20 20.14 6.46 -52.16
N SER E 21 19.47 5.30 -52.13
CA SER E 21 18.23 5.17 -51.38
C SER E 21 18.36 4.01 -50.41
N CYS E 22 17.83 4.19 -49.20
CA CYS E 22 17.79 3.11 -48.22
C CYS E 22 16.42 3.12 -47.55
N MET E 23 15.77 1.97 -47.55
CA MET E 23 14.44 1.83 -46.97
C MET E 23 14.45 0.81 -45.85
N ALA E 24 13.87 1.18 -44.72
CA ALA E 24 13.70 0.29 -43.59
C ALA E 24 12.39 -0.46 -43.71
N SER E 25 12.45 -1.79 -43.60
CA SER E 25 11.27 -2.61 -43.78
C SER E 25 10.57 -2.70 -42.44
N GLY E 26 11.19 -3.31 -41.41
CA GLY E 26 10.86 -3.19 -40.00
C GLY E 26 9.41 -3.01 -39.61
N GLY E 27 9.14 -1.95 -38.85
CA GLY E 27 7.80 -1.49 -38.59
C GLY E 27 7.61 -0.08 -39.13
N SER E 28 7.35 0.88 -38.24
CA SER E 28 7.27 2.29 -38.62
C SER E 28 8.41 3.03 -37.93
N PHE E 29 9.31 3.60 -38.74
CA PHE E 29 10.48 4.31 -38.23
C PHE E 29 10.52 5.70 -38.87
N GLY E 30 9.81 6.64 -38.27
CA GLY E 30 9.86 8.02 -38.68
C GLY E 30 10.54 8.87 -37.63
N SER E 31 10.32 8.53 -36.38
CA SER E 31 10.95 9.21 -35.25
C SER E 31 12.40 8.79 -35.06
N TYR E 32 12.85 7.76 -35.75
CA TYR E 32 14.21 7.24 -35.60
C TYR E 32 15.18 8.07 -36.44
N GLY E 33 16.45 8.03 -36.04
CA GLY E 33 17.46 8.81 -36.72
C GLY E 33 18.33 8.00 -37.66
N PHE E 34 18.32 8.36 -38.93
CA PHE E 34 19.13 7.69 -39.95
C PHE E 34 20.41 8.48 -40.20
N SER E 35 21.48 7.77 -40.50
CA SER E 35 22.79 8.36 -40.72
C SER E 35 23.42 7.77 -41.98
N TRP E 36 24.22 8.58 -42.66
CA TRP E 36 24.91 8.19 -43.87
C TRP E 36 26.41 8.22 -43.64
N VAL E 37 27.09 7.12 -43.95
CA VAL E 37 28.52 6.95 -43.71
C VAL E 37 29.20 6.57 -45.01
N ARG E 38 30.36 7.18 -45.24
CA ARG E 38 31.16 6.94 -46.43
C ARG E 38 32.44 6.22 -46.02
N GLN E 39 32.81 5.18 -46.78
CA GLN E 39 34.07 4.48 -46.57
C GLN E 39 34.79 4.36 -47.89
N ALA E 40 35.88 5.10 -48.03
CA ALA E 40 36.75 4.97 -49.19
C ALA E 40 37.44 3.61 -49.17
N PRO E 41 37.74 3.04 -50.34
CA PRO E 41 38.38 1.71 -50.37
C PRO E 41 39.75 1.73 -49.72
N GLY E 42 39.86 1.07 -48.58
CA GLY E 42 41.08 1.03 -47.81
C GLY E 42 41.15 2.03 -46.68
N GLN E 43 40.34 3.09 -46.73
CA GLN E 43 40.35 4.11 -45.70
C GLN E 43 39.30 3.82 -44.63
N GLY E 44 39.10 4.77 -43.74
CA GLY E 44 38.20 4.62 -42.61
C GLY E 44 36.78 5.05 -42.91
N LEU E 45 36.02 5.31 -41.85
CA LEU E 45 34.62 5.69 -41.94
C LEU E 45 34.48 7.18 -41.63
N GLU E 46 33.73 7.89 -42.46
CA GLU E 46 33.41 9.29 -42.23
C GLU E 46 31.90 9.47 -42.24
N TRP E 47 31.40 10.28 -41.30
CA TRP E 47 29.98 10.49 -41.10
C TRP E 47 29.53 11.68 -41.94
N MET E 48 28.80 11.39 -43.03
CA MET E 48 28.32 12.45 -43.90
C MET E 48 27.26 13.31 -43.21
N GLY E 49 26.26 12.67 -42.61
CA GLY E 49 25.18 13.41 -41.99
C GLY E 49 24.08 12.48 -41.54
N GLY E 50 22.96 13.09 -41.17
CA GLY E 50 21.83 12.33 -40.68
C GLY E 50 20.53 13.09 -40.84
N ILE E 51 19.44 12.38 -40.60
CA ILE E 51 18.10 12.94 -40.71
C ILE E 51 17.15 12.14 -39.83
N ILE E 52 16.19 12.85 -39.23
CA ILE E 52 14.99 12.23 -38.68
C ILE E 52 13.89 12.43 -39.71
N PRO E 53 13.35 11.37 -40.33
CA PRO E 53 12.39 11.54 -41.43
C PRO E 53 11.12 12.27 -41.01
N LEU E 54 10.75 12.15 -39.74
CA LEU E 54 9.58 12.84 -39.24
C LEU E 54 9.76 14.35 -39.22
N PHE E 55 10.93 14.84 -38.80
CA PHE E 55 11.16 16.27 -38.73
C PHE E 55 11.59 16.86 -40.08
N ASP E 56 12.24 16.04 -40.92
CA ASP E 56 12.73 16.45 -42.24
C ASP E 56 13.68 17.65 -42.15
N THR E 57 14.56 17.63 -41.14
CA THR E 57 15.59 18.66 -40.98
C THR E 57 16.95 18.00 -40.90
N PRO E 58 17.67 17.89 -42.01
CA PRO E 58 18.93 17.14 -42.00
C PRO E 58 20.06 17.92 -41.31
N ASN E 59 21.03 17.16 -40.82
CA ASN E 59 22.28 17.70 -40.31
C ASN E 59 23.43 17.17 -41.16
N TYR E 60 24.45 18.00 -41.36
CA TYR E 60 25.58 17.65 -42.20
C TYR E 60 26.88 17.90 -41.45
N ALA E 61 27.92 17.17 -41.85
CA ALA E 61 29.25 17.45 -41.36
C ALA E 61 29.78 18.75 -41.95
N GLN E 62 30.79 19.31 -41.31
CA GLN E 62 31.36 20.57 -41.77
C GLN E 62 32.03 20.42 -43.13
N LYS E 63 32.64 19.26 -43.38
CA LYS E 63 33.31 19.00 -44.65
C LYS E 63 32.36 18.57 -45.76
N PHE E 64 31.08 18.35 -45.45
CA PHE E 64 30.10 17.95 -46.45
C PHE E 64 28.98 18.95 -46.65
N GLN E 65 28.97 20.07 -45.93
CA GLN E 65 27.96 21.09 -46.12
C GLN E 65 28.16 21.76 -47.47
N GLY E 66 27.14 21.69 -48.33
CA GLY E 66 27.19 22.28 -49.66
C GLY E 66 27.24 21.27 -50.79
N ARG E 67 27.45 20.00 -50.49
CA ARG E 67 27.52 18.96 -51.52
C ARG E 67 26.45 17.90 -51.37
N VAL E 68 26.12 17.51 -50.14
CA VAL E 68 25.20 16.41 -49.87
C VAL E 68 23.82 16.96 -49.57
N THR E 69 22.80 16.38 -50.19
CA THR E 69 21.41 16.69 -49.88
C THR E 69 20.74 15.42 -49.39
N ILE E 70 20.16 15.47 -48.19
CA ILE E 70 19.53 14.31 -47.58
C ILE E 70 18.03 14.59 -47.47
N THR E 71 17.24 13.71 -48.07
CA THR E 71 15.78 13.82 -48.03
C THR E 71 15.20 12.54 -47.46
N ALA E 72 13.91 12.58 -47.13
CA ALA E 72 13.30 11.42 -46.49
C ALA E 72 11.82 11.36 -46.81
N ASP E 73 11.27 10.16 -46.70
CA ASP E 73 9.84 9.89 -46.78
C ASP E 73 9.44 9.14 -45.53
N ALA E 74 8.66 9.79 -44.67
CA ALA E 74 8.31 9.22 -43.37
C ALA E 74 7.27 8.13 -43.49
N SER E 75 6.36 8.23 -44.47
CA SER E 75 5.34 7.21 -44.65
C SER E 75 5.96 5.86 -45.04
N THR E 76 6.93 5.89 -45.95
CA THR E 76 7.66 4.69 -46.34
C THR E 76 8.94 4.49 -45.54
N SER E 77 9.32 5.47 -44.71
CA SER E 77 10.55 5.43 -43.90
C SER E 77 11.77 5.18 -44.78
N THR E 78 11.82 5.87 -45.91
CA THR E 78 12.89 5.71 -46.89
C THR E 78 13.71 6.98 -46.97
N VAL E 79 15.02 6.87 -46.79
CA VAL E 79 15.91 8.01 -46.83
C VAL E 79 16.68 8.01 -48.15
N TYR E 80 16.99 9.21 -48.63
CA TYR E 80 17.65 9.43 -49.90
C TYR E 80 18.83 10.37 -49.69
N MET E 81 19.94 10.07 -50.35
CA MET E 81 21.15 10.87 -50.30
C MET E 81 21.57 11.21 -51.73
N GLU E 82 21.56 12.50 -52.05
CA GLU E 82 21.98 13.00 -53.35
C GLU E 82 23.34 13.65 -53.20
N LEU E 83 24.32 13.12 -53.94
CA LEU E 83 25.68 13.65 -53.95
C LEU E 83 25.94 14.21 -55.33
N SER E 84 26.10 15.54 -55.40
CA SER E 84 26.28 16.25 -56.66
C SER E 84 27.73 16.68 -56.81
N SER E 85 28.09 16.97 -58.07
CA SER E 85 29.46 17.34 -58.45
C SER E 85 30.45 16.24 -58.04
N LEU E 86 30.24 15.06 -58.61
CA LEU E 86 31.05 13.89 -58.27
C LEU E 86 32.49 14.11 -58.71
N ARG E 87 33.43 13.85 -57.82
CA ARG E 87 34.85 14.03 -58.05
C ARG E 87 35.56 12.68 -57.97
N SER E 88 36.89 12.74 -58.09
CA SER E 88 37.68 11.51 -58.12
C SER E 88 37.62 10.75 -56.79
N GLU E 89 37.68 11.46 -55.67
CA GLU E 89 37.70 10.84 -54.35
C GLU E 89 36.31 10.66 -53.76
N ASP E 90 35.28 10.60 -54.60
CA ASP E 90 33.96 10.18 -54.15
C ASP E 90 33.72 8.69 -54.37
N THR E 91 34.70 7.98 -54.90
CA THR E 91 34.60 6.53 -55.04
C THR E 91 34.69 5.87 -53.67
N ALA E 92 33.63 5.21 -53.26
CA ALA E 92 33.55 4.68 -51.91
C ALA E 92 32.38 3.71 -51.82
N VAL E 93 32.12 3.26 -50.59
CA VAL E 93 30.94 2.48 -50.25
C VAL E 93 30.14 3.28 -49.23
N TYR E 94 28.85 3.44 -49.50
CA TYR E 94 27.98 4.28 -48.69
C TYR E 94 27.03 3.39 -47.90
N TYR E 95 27.05 3.54 -46.58
CA TYR E 95 26.18 2.80 -45.69
C TYR E 95 25.14 3.74 -45.09
N CYS E 96 23.95 3.20 -44.84
CA CYS E 96 22.94 3.90 -44.07
C CYS E 96 22.67 3.14 -42.79
N ALA E 97 22.74 3.83 -41.66
CA ALA E 97 22.50 3.25 -40.36
C ALA E 97 21.28 3.91 -39.74
N ARG E 98 20.71 3.26 -38.73
CA ARG E 98 19.52 3.78 -38.07
C ARG E 98 19.61 3.46 -36.58
N ASP E 99 19.11 4.39 -35.77
CA ASP E 99 19.04 4.19 -34.33
C ASP E 99 18.10 3.05 -33.98
N SER E 100 18.36 2.42 -32.83
CA SER E 100 17.47 1.41 -32.29
C SER E 100 16.41 1.99 -31.36
N LEU E 101 16.48 3.27 -31.05
CA LEU E 101 15.53 3.96 -30.19
C LEU E 101 15.00 5.19 -30.90
N PRO E 102 13.75 5.58 -30.63
CA PRO E 102 13.18 6.77 -31.27
C PRO E 102 13.74 8.03 -30.63
N TYR E 103 13.43 9.17 -31.24
CA TYR E 103 13.89 10.44 -30.73
C TYR E 103 13.27 10.75 -29.38
N GLY E 104 14.06 11.32 -28.50
CA GLY E 104 13.59 11.66 -27.17
C GLY E 104 14.52 12.67 -26.52
N ASP E 105 14.18 13.01 -25.27
CA ASP E 105 15.01 13.95 -24.52
C ASP E 105 16.40 13.38 -24.25
N GLN E 106 16.47 12.09 -23.92
CA GLN E 106 17.74 11.43 -23.65
C GLN E 106 18.35 10.79 -24.88
N ASN E 107 17.66 10.81 -26.03
CA ASN E 107 18.16 10.23 -27.28
C ASN E 107 18.00 11.30 -28.36
N TYR E 108 18.98 12.19 -28.46
CA TYR E 108 19.01 13.23 -29.46
C TYR E 108 20.17 13.08 -30.44
N TYR E 109 21.30 12.54 -30.01
CA TYR E 109 22.39 12.23 -30.91
C TYR E 109 22.00 11.10 -31.85
N TYR E 110 22.60 11.10 -33.03
CA TYR E 110 22.27 10.10 -34.06
C TYR E 110 22.98 8.81 -33.70
N GLY E 111 22.35 8.01 -32.85
CA GLY E 111 22.82 6.66 -32.62
C GLY E 111 22.70 5.81 -33.87
N MET E 112 23.68 4.93 -34.04
CA MET E 112 23.81 4.14 -35.27
C MET E 112 23.93 2.66 -34.87
N HIS E 113 22.79 1.97 -34.87
CA HIS E 113 22.73 0.61 -34.33
C HIS E 113 22.50 -0.43 -35.41
N VAL E 114 21.55 -0.22 -36.31
CA VAL E 114 21.25 -1.16 -37.37
C VAL E 114 21.82 -0.63 -38.68
N TRP E 115 22.62 -1.45 -39.35
CA TRP E 115 23.39 -1.04 -40.51
C TRP E 115 22.84 -1.67 -41.77
N GLY E 116 22.87 -0.92 -42.86
CA GLY E 116 22.53 -1.46 -44.16
C GLY E 116 23.71 -2.15 -44.81
N GLN E 117 23.43 -2.81 -45.94
CA GLN E 117 24.48 -3.54 -46.65
C GLN E 117 25.40 -2.61 -47.43
N GLY E 118 25.00 -1.41 -47.78
CA GLY E 118 25.96 -0.56 -48.49
C GLY E 118 25.81 -0.54 -49.98
N THR E 119 26.27 0.52 -50.64
CA THR E 119 26.20 0.68 -52.10
C THR E 119 27.52 1.24 -52.53
N THR E 120 28.07 0.77 -53.64
CA THR E 120 29.33 1.35 -54.15
C THR E 120 29.04 2.37 -55.22
N VAL E 121 29.74 3.48 -55.19
CA VAL E 121 29.60 4.53 -56.24
C VAL E 121 30.99 4.70 -56.84
N THR E 122 31.15 4.48 -58.15
CA THR E 122 32.46 4.61 -58.81
C THR E 122 32.43 5.85 -59.67
N VAL E 123 33.30 6.80 -59.40
CA VAL E 123 33.29 8.09 -60.14
C VAL E 123 34.63 8.25 -60.85
N SER E 124 34.74 7.77 -62.10
CA SER E 124 35.99 8.01 -62.85
C SER E 124 35.79 7.82 -64.36
N SER E 125 36.57 8.51 -65.19
CA SER E 125 36.60 8.34 -66.68
C SER E 125 37.30 9.59 -67.23
N GLN F 3 5.40 -23.42 36.92
CA GLN F 3 5.98 -23.64 38.23
C GLN F 3 4.99 -23.29 39.34
N LEU F 4 4.25 -24.28 39.81
CA LEU F 4 3.28 -24.11 40.88
C LEU F 4 3.78 -24.84 42.13
N VAL F 5 3.83 -24.13 43.24
CA VAL F 5 4.21 -24.72 44.52
C VAL F 5 2.95 -24.97 45.32
N GLU F 6 3.00 -25.98 46.19
CA GLU F 6 1.85 -26.44 46.94
C GLU F 6 2.22 -26.60 48.41
N SER F 7 1.23 -27.02 49.20
CA SER F 7 1.42 -27.22 50.63
C SER F 7 2.05 -28.59 50.87
N GLY F 8 2.11 -29.00 52.14
CA GLY F 8 2.68 -30.29 52.48
C GLY F 8 1.64 -31.39 52.60
N ALA F 9 2.13 -32.60 52.88
CA ALA F 9 1.25 -33.73 53.11
C ALA F 9 0.43 -33.52 54.37
N GLU F 10 -0.82 -33.98 54.36
CA GLU F 10 -1.75 -33.71 55.44
C GLU F 10 -2.24 -35.00 56.05
N VAL F 11 -2.11 -35.11 57.37
CA VAL F 11 -2.69 -36.21 58.14
C VAL F 11 -3.91 -35.70 58.88
N LYS F 12 -5.03 -36.40 58.73
CA LYS F 12 -6.30 -35.92 59.24
C LYS F 12 -7.12 -37.05 59.82
N LYS F 13 -8.01 -36.69 60.75
CA LYS F 13 -8.99 -37.56 61.38
C LYS F 13 -10.24 -37.67 60.51
N PRO F 14 -10.99 -38.77 60.62
CA PRO F 14 -12.19 -38.93 59.77
C PRO F 14 -13.37 -38.05 60.19
N GLY F 15 -13.36 -36.81 59.72
CA GLY F 15 -14.41 -35.86 60.04
C GLY F 15 -13.92 -34.45 60.22
N SER F 16 -12.61 -34.24 60.10
CA SER F 16 -12.03 -32.93 60.23
C SER F 16 -12.08 -32.19 58.89
N SER F 17 -11.38 -31.06 58.81
CA SER F 17 -11.33 -30.24 57.61
C SER F 17 -9.88 -30.02 57.20
N VAL F 18 -9.64 -30.03 55.89
CA VAL F 18 -8.30 -29.85 55.35
C VAL F 18 -8.31 -28.68 54.37
N LYS F 19 -7.18 -28.01 54.24
CA LYS F 19 -7.00 -26.89 53.33
C LYS F 19 -5.70 -27.08 52.57
N VAL F 20 -5.79 -27.06 51.24
CA VAL F 20 -4.64 -27.18 50.37
C VAL F 20 -4.44 -25.84 49.66
N SER F 21 -3.18 -25.51 49.40
CA SER F 21 -2.83 -24.24 48.80
C SER F 21 -2.01 -24.46 47.54
N CYS F 22 -2.08 -23.50 46.62
CA CYS F 22 -1.35 -23.58 45.36
C CYS F 22 -0.98 -22.15 44.95
N MET F 23 0.33 -21.89 44.86
CA MET F 23 0.80 -20.56 44.50
C MET F 23 1.17 -20.50 43.02
N ALA F 24 1.11 -19.30 42.45
CA ALA F 24 1.39 -19.08 41.03
C ALA F 24 2.88 -19.13 40.72
N SER F 25 3.70 -18.39 41.47
CA SER F 25 5.16 -18.49 41.45
C SER F 25 5.73 -18.22 40.05
N GLY F 26 5.62 -16.95 39.64
CA GLY F 26 6.24 -16.55 38.40
C GLY F 26 5.57 -15.46 37.59
N GLY F 27 4.39 -15.02 38.00
CA GLY F 27 3.76 -13.91 37.31
C GLY F 27 2.39 -13.54 37.82
N SER F 28 1.65 -12.77 37.02
CA SER F 28 0.29 -12.39 37.36
C SER F 28 -0.66 -13.35 36.65
N PHE F 29 -1.30 -14.22 37.42
CA PHE F 29 -2.17 -15.26 36.88
C PHE F 29 -3.56 -15.16 37.52
N GLY F 30 -4.02 -13.94 37.74
CA GLY F 30 -5.36 -13.76 38.27
C GLY F 30 -6.44 -14.00 37.23
N SER F 31 -6.13 -13.73 35.96
CA SER F 31 -7.07 -13.96 34.87
C SER F 31 -7.02 -15.39 34.34
N TYR F 32 -6.11 -16.22 34.85
CA TYR F 32 -5.97 -17.58 34.39
C TYR F 32 -6.89 -18.50 35.18
N GLY F 33 -7.15 -19.68 34.63
CA GLY F 33 -8.07 -20.61 35.27
C GLY F 33 -7.40 -21.76 35.98
N PHE F 34 -7.47 -21.75 37.31
CA PHE F 34 -6.93 -22.84 38.11
C PHE F 34 -7.99 -23.92 38.31
N SER F 35 -7.52 -25.14 38.57
CA SER F 35 -8.43 -26.27 38.75
C SER F 35 -7.78 -27.29 39.67
N TRP F 36 -8.61 -28.10 40.31
CA TRP F 36 -8.17 -29.08 41.29
C TRP F 36 -8.57 -30.47 40.83
N VAL F 37 -7.63 -31.41 40.90
CA VAL F 37 -7.83 -32.77 40.43
C VAL F 37 -7.47 -33.72 41.57
N ARG F 38 -8.32 -34.72 41.80
CA ARG F 38 -8.12 -35.70 42.85
C ARG F 38 -7.76 -37.05 42.23
N GLN F 39 -6.69 -37.67 42.71
CA GLN F 39 -6.31 -39.02 42.29
C GLN F 39 -6.24 -39.92 43.52
N ALA F 40 -7.22 -40.82 43.65
CA ALA F 40 -7.17 -41.84 44.67
C ALA F 40 -6.05 -42.82 44.35
N PRO F 41 -5.41 -43.43 45.36
CA PRO F 41 -4.29 -44.34 45.09
C PRO F 41 -4.73 -45.57 44.31
N GLY F 42 -4.23 -45.70 43.09
CA GLY F 42 -4.59 -46.77 42.19
C GLY F 42 -5.70 -46.44 41.22
N GLN F 43 -6.47 -45.39 41.48
CA GLN F 43 -7.57 -45.01 40.61
C GLN F 43 -7.14 -43.89 39.66
N GLY F 44 -8.11 -43.35 38.93
CA GLY F 44 -7.88 -42.35 37.91
C GLY F 44 -7.91 -40.94 38.45
N LEU F 45 -8.19 -39.99 37.55
CA LEU F 45 -8.20 -38.58 37.87
C LEU F 45 -9.64 -38.07 37.89
N GLU F 46 -9.99 -37.30 38.92
CA GLU F 46 -11.32 -36.73 39.05
C GLU F 46 -11.20 -35.21 39.17
N TRP F 47 -12.00 -34.50 38.39
CA TRP F 47 -11.97 -33.04 38.36
C TRP F 47 -12.91 -32.51 39.44
N MET F 48 -12.34 -32.02 40.53
CA MET F 48 -13.14 -31.44 41.60
C MET F 48 -13.80 -30.13 41.19
N GLY F 49 -13.05 -29.23 40.58
CA GLY F 49 -13.60 -27.95 40.17
C GLY F 49 -12.50 -26.92 39.98
N GLY F 50 -12.90 -25.78 39.43
CA GLY F 50 -11.94 -24.74 39.10
C GLY F 50 -12.41 -23.36 39.54
N ILE F 51 -11.50 -22.41 39.40
CA ILE F 51 -11.74 -21.02 39.76
C ILE F 51 -10.87 -20.11 38.91
N ILE F 52 -11.39 -18.92 38.62
CA ILE F 52 -10.60 -17.82 38.09
C ILE F 52 -10.42 -16.81 39.22
N PRO F 53 -9.20 -16.58 39.69
CA PRO F 53 -9.02 -15.73 40.88
C PRO F 53 -9.52 -14.31 40.73
N LEU F 54 -9.49 -13.76 39.51
CA LEU F 54 -10.03 -12.42 39.30
C LEU F 54 -11.53 -12.37 39.53
N PHE F 55 -12.26 -13.35 39.00
CA PHE F 55 -13.71 -13.37 39.08
C PHE F 55 -14.23 -13.83 40.44
N ASP F 56 -13.47 -14.69 41.13
CA ASP F 56 -13.84 -15.23 42.44
C ASP F 56 -15.18 -15.95 42.42
N THR F 57 -15.49 -16.62 41.31
CA THR F 57 -16.71 -17.42 41.17
C THR F 57 -16.33 -18.85 40.82
N PRO F 58 -16.26 -19.74 41.80
CA PRO F 58 -15.81 -21.11 41.52
C PRO F 58 -16.89 -21.94 40.82
N ASN F 59 -16.41 -22.98 40.15
CA ASN F 59 -17.27 -23.99 39.52
C ASN F 59 -16.92 -25.35 40.10
N TYR F 60 -17.94 -26.21 40.22
CA TYR F 60 -17.77 -27.55 40.73
C TYR F 60 -18.48 -28.53 39.81
N ALA F 61 -18.18 -29.82 39.98
CA ALA F 61 -18.89 -30.85 39.26
C ALA F 61 -20.23 -31.14 39.94
N GLN F 62 -20.95 -32.12 39.40
CA GLN F 62 -22.17 -32.59 40.05
C GLN F 62 -21.83 -33.19 41.41
N LYS F 63 -20.77 -33.98 41.47
CA LYS F 63 -20.21 -34.38 42.75
C LYS F 63 -19.39 -33.22 43.32
N PHE F 64 -19.04 -33.34 44.60
CA PHE F 64 -18.28 -32.34 45.35
C PHE F 64 -18.98 -30.99 45.43
N GLN F 65 -20.30 -30.95 45.20
CA GLN F 65 -21.00 -29.67 45.16
C GLN F 65 -21.17 -29.08 46.55
N GLY F 66 -21.42 -29.91 47.56
CA GLY F 66 -21.66 -29.40 48.90
C GLY F 66 -20.56 -29.69 49.89
N ARG F 67 -19.38 -30.05 49.39
CA ARG F 67 -18.25 -30.39 50.26
C ARG F 67 -17.02 -29.53 50.02
N VAL F 68 -16.68 -29.25 48.77
CA VAL F 68 -15.46 -28.54 48.42
C VAL F 68 -15.75 -27.06 48.34
N THR F 69 -14.90 -26.25 48.96
CA THR F 69 -14.96 -24.80 48.84
C THR F 69 -13.63 -24.32 48.27
N ILE F 70 -13.69 -23.63 47.13
CA ILE F 70 -12.50 -23.13 46.46
C ILE F 70 -12.47 -21.61 46.59
N THR F 71 -11.39 -21.09 47.16
CA THR F 71 -11.19 -19.66 47.30
C THR F 71 -9.89 -19.27 46.63
N ALA F 72 -9.70 -17.97 46.42
CA ALA F 72 -8.52 -17.50 45.71
C ALA F 72 -8.15 -16.11 46.17
N ASP F 73 -6.86 -15.80 45.99
CA ASP F 73 -6.31 -14.47 46.22
C ASP F 73 -5.60 -14.05 44.93
N ALA F 74 -6.21 -13.12 44.20
CA ALA F 74 -5.69 -12.70 42.90
C ALA F 74 -4.44 -11.84 43.01
N SER F 75 -4.28 -11.09 44.11
CA SER F 75 -3.07 -10.31 44.29
C SER F 75 -1.84 -11.20 44.43
N THR F 76 -1.94 -12.25 45.23
CA THR F 76 -0.89 -13.25 45.33
C THR F 76 -1.10 -14.42 44.38
N SER F 77 -2.27 -14.50 43.73
CA SER F 77 -2.63 -15.56 42.80
C SER F 77 -2.47 -16.93 43.45
N THR F 78 -2.95 -17.03 44.69
CA THR F 78 -2.90 -18.27 45.46
C THR F 78 -4.29 -18.85 45.59
N VAL F 79 -4.43 -20.13 45.25
CA VAL F 79 -5.72 -20.81 45.24
C VAL F 79 -5.77 -21.79 46.40
N TYR F 80 -6.83 -21.71 47.19
CA TYR F 80 -7.04 -22.58 48.34
C TYR F 80 -8.24 -23.48 48.10
N MET F 81 -8.11 -24.73 48.52
CA MET F 81 -9.19 -25.71 48.43
C MET F 81 -9.44 -26.27 49.82
N GLU F 82 -10.65 -26.05 50.35
CA GLU F 82 -11.03 -26.55 51.66
C GLU F 82 -12.00 -27.71 51.48
N LEU F 83 -11.63 -28.86 52.02
CA LEU F 83 -12.45 -30.06 52.00
C LEU F 83 -12.83 -30.41 53.43
N SER F 84 -14.13 -30.37 53.72
CA SER F 84 -14.66 -30.61 55.05
C SER F 84 -15.42 -31.93 55.07
N SER F 85 -15.64 -32.44 56.28
CA SER F 85 -16.28 -33.74 56.51
C SER F 85 -15.52 -34.85 55.79
N LEU F 86 -14.28 -35.06 56.22
CA LEU F 86 -13.36 -35.98 55.55
C LEU F 86 -13.81 -37.42 55.81
N ARG F 87 -14.83 -37.83 55.06
CA ARG F 87 -15.36 -39.18 55.10
C ARG F 87 -14.35 -40.14 54.47
N SER F 88 -14.55 -41.43 54.72
CA SER F 88 -13.68 -42.45 54.16
C SER F 88 -13.70 -42.41 52.63
N GLU F 89 -12.70 -43.06 52.03
CA GLU F 89 -12.44 -43.00 50.59
C GLU F 89 -12.20 -41.56 50.12
N ASP F 90 -11.51 -40.77 50.94
CA ASP F 90 -11.06 -39.45 50.55
C ASP F 90 -9.54 -39.30 50.56
N THR F 91 -8.81 -40.32 51.01
CA THR F 91 -7.36 -40.27 50.93
C THR F 91 -6.92 -40.35 49.48
N ALA F 92 -6.06 -39.43 49.08
CA ALA F 92 -5.73 -39.24 47.67
C ALA F 92 -4.55 -38.29 47.56
N VAL F 93 -4.20 -37.97 46.32
CA VAL F 93 -3.25 -36.92 45.99
C VAL F 93 -4.00 -35.84 45.23
N TYR F 94 -3.86 -34.60 45.67
CA TYR F 94 -4.58 -33.47 45.12
C TYR F 94 -3.62 -32.62 44.30
N TYR F 95 -3.99 -32.35 43.06
CA TYR F 95 -3.18 -31.61 42.10
C TYR F 95 -3.86 -30.29 41.77
N CYS F 96 -3.03 -29.25 41.68
CA CYS F 96 -3.48 -27.93 41.24
C CYS F 96 -2.90 -27.68 39.86
N ALA F 97 -3.77 -27.34 38.91
CA ALA F 97 -3.36 -27.10 37.54
C ALA F 97 -3.83 -25.72 37.10
N ARG F 98 -3.10 -25.15 36.15
CA ARG F 98 -3.37 -23.80 35.69
C ARG F 98 -3.31 -23.77 34.17
N ASP F 99 -4.21 -23.01 33.57
CA ASP F 99 -4.22 -22.79 32.14
C ASP F 99 -2.96 -22.04 31.70
N SER F 100 -2.56 -22.26 30.45
CA SER F 100 -1.45 -21.53 29.87
C SER F 100 -1.87 -20.25 29.17
N LEU F 101 -3.17 -20.02 29.03
CA LEU F 101 -3.70 -18.83 28.39
C LEU F 101 -4.70 -18.15 29.31
N PRO F 102 -4.82 -16.84 29.25
CA PRO F 102 -5.79 -16.14 30.10
C PRO F 102 -7.21 -16.37 29.62
N TYR F 103 -8.16 -15.93 30.43
CA TYR F 103 -9.57 -16.05 30.09
C TYR F 103 -9.87 -15.21 28.85
N GLY F 104 -10.77 -15.71 28.01
CA GLY F 104 -11.13 -15.00 26.81
C GLY F 104 -12.40 -15.57 26.20
N ASP F 105 -12.80 -14.98 25.08
CA ASP F 105 -13.98 -15.45 24.36
C ASP F 105 -13.77 -16.87 23.83
N GLN F 106 -12.58 -17.16 23.34
CA GLN F 106 -12.26 -18.49 22.84
C GLN F 106 -11.58 -19.38 23.87
N ASN F 107 -11.32 -18.86 25.08
CA ASN F 107 -10.70 -19.64 26.15
C ASN F 107 -11.53 -19.42 27.40
N TYR F 108 -12.57 -20.23 27.57
CA TYR F 108 -13.50 -20.10 28.69
C TYR F 108 -13.47 -21.37 29.53
N TYR F 109 -13.36 -22.52 28.86
CA TYR F 109 -13.20 -23.80 29.54
C TYR F 109 -11.86 -23.85 30.27
N TYR F 110 -11.86 -24.52 31.42
CA TYR F 110 -10.65 -24.64 32.22
C TYR F 110 -9.66 -25.58 31.55
N GLY F 111 -8.64 -25.01 30.92
CA GLY F 111 -7.54 -25.83 30.45
C GLY F 111 -6.57 -26.15 31.56
N MET F 112 -5.94 -27.32 31.46
CA MET F 112 -5.03 -27.82 32.48
C MET F 112 -3.68 -28.06 31.81
N HIS F 113 -2.81 -27.04 31.86
CA HIS F 113 -1.56 -27.05 31.11
C HIS F 113 -0.34 -27.12 32.02
N VAL F 114 -0.32 -26.38 33.12
CA VAL F 114 0.79 -26.37 34.06
C VAL F 114 0.32 -27.04 35.33
N TRP F 115 0.99 -28.11 35.74
CA TRP F 115 0.56 -28.94 36.85
C TRP F 115 1.50 -28.78 38.04
N GLY F 116 0.91 -28.76 39.23
CA GLY F 116 1.71 -28.76 40.44
C GLY F 116 2.16 -30.15 40.83
N GLN F 117 3.01 -30.21 41.86
CA GLN F 117 3.54 -31.49 42.32
C GLN F 117 2.50 -32.31 43.06
N GLY F 118 1.50 -31.69 43.65
CA GLY F 118 0.44 -32.42 44.33
C GLY F 118 0.74 -32.67 45.79
N THR F 119 -0.28 -32.56 46.63
CA THR F 119 -0.17 -32.84 48.06
C THR F 119 -0.98 -34.08 48.38
N THR F 120 -0.41 -34.98 49.16
CA THR F 120 -1.13 -36.19 49.53
C THR F 120 -1.80 -36.01 50.88
N VAL F 121 -3.06 -36.43 50.98
CA VAL F 121 -3.66 -36.64 52.28
C VAL F 121 -3.45 -38.10 52.65
N THR F 122 -2.86 -38.33 53.83
CA THR F 122 -2.40 -39.69 54.16
C THR F 122 -3.57 -40.63 54.32
N VAL F 123 -4.59 -40.24 55.09
CA VAL F 123 -5.76 -41.08 55.31
C VAL F 123 -6.88 -40.21 55.86
N SER F 124 -8.11 -40.58 55.52
CA SER F 124 -9.29 -40.06 56.21
C SER F 124 -9.73 -41.06 57.28
N SER F 125 -8.77 -41.42 58.14
CA SER F 125 -9.00 -42.40 59.19
C SER F 125 -7.92 -42.30 60.27
N SER G 2 40.69 10.51 -37.80
CA SER G 2 40.15 11.86 -37.96
C SER G 2 40.26 12.65 -36.66
N ALA G 3 39.11 13.13 -36.16
CA ALA G 3 39.09 13.89 -34.92
C ALA G 3 39.45 13.04 -33.71
N LEU G 4 39.16 11.74 -33.75
CA LEU G 4 39.55 10.82 -32.69
C LEU G 4 40.74 9.99 -33.17
N THR G 5 41.76 9.89 -32.32
CA THR G 5 42.96 9.14 -32.68
C THR G 5 42.87 7.72 -32.16
N GLN G 6 43.50 6.81 -32.89
CA GLN G 6 43.49 5.39 -32.57
C GLN G 6 44.83 4.79 -32.97
N PRO G 7 45.22 3.67 -32.38
CA PRO G 7 46.38 2.92 -32.91
C PRO G 7 46.12 2.50 -34.34
N ALA G 8 47.16 2.57 -35.17
CA ALA G 8 47.05 2.16 -36.56
C ALA G 8 46.79 0.67 -36.68
N SER G 9 47.47 -0.13 -35.87
CA SER G 9 47.31 -1.57 -35.89
C SER G 9 47.69 -2.14 -34.52
N LEU G 10 47.14 -3.31 -34.21
CA LEU G 10 47.47 -4.03 -33.00
C LEU G 10 47.52 -5.52 -33.30
N SER G 11 48.27 -6.25 -32.48
CA SER G 11 48.42 -7.68 -32.61
C SER G 11 48.31 -8.33 -31.24
N GLY G 12 47.86 -9.58 -31.22
CA GLY G 12 47.71 -10.31 -29.98
C GLY G 12 47.70 -11.80 -30.17
N SER G 13 47.89 -12.54 -29.09
CA SER G 13 47.89 -13.99 -29.13
C SER G 13 46.54 -14.55 -28.70
N PRO G 14 46.15 -15.72 -29.21
CA PRO G 14 44.87 -16.31 -28.80
C PRO G 14 44.87 -16.68 -27.33
N GLY G 15 44.05 -15.99 -26.55
CA GLY G 15 43.91 -16.22 -25.12
C GLY G 15 44.12 -14.98 -24.27
N GLN G 16 44.92 -14.04 -24.76
CA GLN G 16 45.20 -12.83 -24.01
C GLN G 16 44.13 -11.77 -24.26
N SER G 17 44.30 -10.60 -23.65
CA SER G 17 43.35 -9.51 -23.76
C SER G 17 44.03 -8.29 -24.38
N ILE G 18 43.33 -7.63 -25.29
CA ILE G 18 43.84 -6.47 -26.00
C ILE G 18 42.94 -5.28 -25.74
N THR G 19 43.53 -4.16 -25.38
CA THR G 19 42.82 -2.91 -25.17
C THR G 19 43.13 -1.95 -26.32
N ILE G 20 42.07 -1.46 -26.97
CA ILE G 20 42.16 -0.49 -28.04
C ILE G 20 41.78 0.87 -27.47
N SER G 21 42.65 1.85 -27.64
CA SER G 21 42.42 3.17 -27.10
C SER G 21 41.88 4.11 -28.17
N CYS G 22 41.14 5.14 -27.74
CA CYS G 22 40.60 6.14 -28.64
C CYS G 22 40.59 7.46 -27.89
N SER G 23 41.49 8.36 -28.26
CA SER G 23 41.67 9.63 -27.56
C SER G 23 41.11 10.77 -28.38
N GLY G 24 40.70 11.83 -27.68
CA GLY G 24 40.14 12.99 -28.33
C GLY G 24 40.15 14.19 -27.42
N SER G 25 39.66 15.31 -27.95
CA SER G 25 39.62 16.56 -27.22
C SER G 25 38.43 16.60 -26.27
N SER G 26 38.23 17.75 -25.62
CA SER G 26 37.13 17.89 -24.67
C SER G 26 35.78 17.83 -25.37
N SER G 27 35.65 18.48 -26.53
CA SER G 27 34.41 18.39 -27.30
C SER G 27 34.18 16.98 -27.80
N ASP G 28 35.25 16.23 -28.05
CA ASP G 28 35.23 14.80 -28.33
C ASP G 28 35.08 14.02 -27.03
N ILE G 29 35.45 12.74 -27.05
CA ILE G 29 35.45 11.89 -25.86
C ILE G 29 36.04 12.64 -24.68
N GLY G 30 35.30 12.67 -23.58
CA GLY G 30 35.47 13.69 -22.56
C GLY G 30 34.12 13.90 -21.91
N ASP G 31 33.60 15.12 -21.95
CA ASP G 31 32.18 15.32 -21.70
C ASP G 31 31.36 14.63 -22.79
N TYR G 32 30.04 14.59 -22.58
CA TYR G 32 29.12 13.90 -23.49
C TYR G 32 29.49 12.43 -23.65
N ASN G 33 29.30 11.63 -22.60
CA ASN G 33 29.71 10.22 -22.62
C ASN G 33 28.84 9.39 -23.56
N TYR G 34 28.94 9.67 -24.85
CA TYR G 34 28.25 8.93 -25.91
C TYR G 34 29.35 8.40 -26.83
N VAL G 35 29.91 7.24 -26.49
CA VAL G 35 31.02 6.65 -27.23
C VAL G 35 30.56 5.29 -27.74
N SER G 36 30.72 5.06 -29.04
CA SER G 36 30.31 3.80 -29.66
C SER G 36 31.52 3.15 -30.33
N TRP G 37 31.57 1.83 -30.24
CA TRP G 37 32.58 1.02 -30.88
C TRP G 37 31.92 0.11 -31.90
N TYR G 38 32.45 0.10 -33.12
CA TYR G 38 31.97 -0.71 -34.22
C TYR G 38 33.07 -1.67 -34.68
N GLN G 39 32.64 -2.83 -35.16
CA GLN G 39 33.54 -3.88 -35.63
C GLN G 39 33.17 -4.23 -37.07
N GLN G 40 34.18 -4.28 -37.94
CA GLN G 40 33.97 -4.50 -39.36
C GLN G 40 34.90 -5.62 -39.83
N HIS G 41 34.31 -6.71 -40.30
CA HIS G 41 35.08 -7.74 -40.96
C HIS G 41 35.28 -7.36 -42.43
N PRO G 42 36.34 -7.86 -43.07
CA PRO G 42 36.61 -7.48 -44.47
C PRO G 42 35.47 -7.88 -45.39
N GLY G 43 34.98 -6.90 -46.15
CA GLY G 43 33.92 -7.13 -47.11
C GLY G 43 32.51 -7.08 -46.55
N LYS G 44 32.33 -6.71 -45.29
CA LYS G 44 31.02 -6.64 -44.67
C LYS G 44 30.79 -5.26 -44.08
N ALA G 45 29.52 -4.98 -43.79
CA ALA G 45 29.14 -3.71 -43.19
C ALA G 45 29.61 -3.64 -41.74
N PRO G 46 29.81 -2.43 -41.22
CA PRO G 46 30.17 -2.29 -39.81
C PRO G 46 29.06 -2.80 -38.90
N LYS G 47 29.47 -3.34 -37.76
CA LYS G 47 28.54 -3.88 -36.76
C LYS G 47 28.80 -3.19 -35.43
N LEU G 48 27.74 -2.66 -34.83
CA LEU G 48 27.86 -2.05 -33.52
C LEU G 48 28.14 -3.12 -32.47
N ILE G 49 29.18 -2.91 -31.66
CA ILE G 49 29.52 -3.82 -30.58
C ILE G 49 29.46 -3.14 -29.22
N ILE G 50 29.64 -1.81 -29.17
CA ILE G 50 29.51 -1.07 -27.93
C ILE G 50 28.78 0.23 -28.23
N TYR G 51 27.78 0.57 -27.41
CA TYR G 51 27.16 1.89 -27.45
C TYR G 51 27.06 2.46 -26.05
N ASP G 52 27.11 3.80 -25.97
CA ASP G 52 27.06 4.52 -24.69
C ASP G 52 28.19 4.08 -23.76
N VAL G 53 29.42 4.13 -24.26
CA VAL G 53 30.65 3.91 -23.50
C VAL G 53 30.76 2.46 -23.01
N THR G 54 29.81 2.04 -22.18
CA THR G 54 29.89 0.74 -21.52
C THR G 54 28.82 -0.25 -21.97
N ASN G 55 27.68 0.21 -22.43
CA ASN G 55 26.58 -0.70 -22.75
C ASN G 55 26.89 -1.51 -24.00
N ARG G 56 26.33 -2.71 -24.06
CA ARG G 56 26.60 -3.67 -25.12
C ARG G 56 25.28 -4.19 -25.69
N PRO G 57 25.13 -4.23 -27.01
CA PRO G 57 23.89 -4.74 -27.59
C PRO G 57 23.73 -6.23 -27.36
N SER G 58 22.47 -6.68 -27.41
CA SER G 58 22.18 -8.10 -27.34
C SER G 58 22.69 -8.81 -28.57
N GLY G 59 23.18 -10.03 -28.38
CA GLY G 59 23.78 -10.79 -29.45
C GLY G 59 25.27 -10.59 -29.62
N VAL G 60 25.86 -9.66 -28.89
CA VAL G 60 27.30 -9.44 -28.90
C VAL G 60 27.91 -10.22 -27.75
N SER G 61 29.07 -10.83 -28.00
CA SER G 61 29.73 -11.64 -26.98
C SER G 61 30.15 -10.79 -25.80
N ASP G 62 30.04 -11.36 -24.60
CA ASP G 62 30.36 -10.65 -23.37
C ASP G 62 31.84 -10.42 -23.19
N ARG G 63 32.69 -11.01 -24.04
CA ARG G 63 34.13 -10.80 -23.97
C ARG G 63 34.53 -9.38 -24.33
N LEU G 64 33.67 -8.63 -25.01
CA LEU G 64 33.96 -7.25 -25.41
C LEU G 64 33.40 -6.33 -24.34
N SER G 65 34.25 -5.43 -23.83
CA SER G 65 33.82 -4.50 -22.80
C SER G 65 34.33 -3.10 -23.15
N GLY G 66 33.64 -2.09 -22.65
CA GLY G 66 34.05 -0.72 -22.89
C GLY G 66 34.24 0.07 -21.61
N SER G 67 35.13 1.05 -21.64
CA SER G 67 35.40 1.87 -20.47
C SER G 67 35.85 3.26 -20.92
N LYS G 68 35.79 4.22 -20.01
CA LYS G 68 36.18 5.59 -20.29
C LYS G 68 37.03 6.12 -19.13
N SER G 69 38.03 6.91 -19.48
CA SER G 69 38.88 7.56 -18.48
C SER G 69 39.25 8.93 -19.01
N GLY G 70 38.74 9.98 -18.35
CA GLY G 70 39.06 11.35 -18.74
C GLY G 70 38.67 11.68 -20.16
N THR G 71 39.67 11.81 -21.03
CA THR G 71 39.45 12.14 -22.42
C THR G 71 39.74 10.99 -23.37
N THR G 72 39.84 9.76 -22.87
CA THR G 72 40.07 8.60 -23.73
C THR G 72 39.07 7.50 -23.41
N ALA G 73 38.77 6.70 -24.41
CA ALA G 73 37.95 5.51 -24.27
C ALA G 73 38.76 4.26 -24.59
N SER G 74 38.35 3.14 -24.00
CA SER G 74 39.07 1.89 -24.16
C SER G 74 38.08 0.77 -24.45
N LEU G 75 38.46 -0.09 -25.40
CA LEU G 75 37.72 -1.29 -25.73
C LEU G 75 38.59 -2.49 -25.37
N THR G 76 38.14 -3.29 -24.41
CA THR G 76 38.88 -4.44 -23.95
C THR G 76 38.28 -5.70 -24.52
N ILE G 77 39.10 -6.48 -25.24
CA ILE G 77 38.73 -7.79 -25.74
C ILE G 77 39.49 -8.82 -24.92
N SER G 78 38.75 -9.61 -24.14
CA SER G 78 39.33 -10.64 -23.30
C SER G 78 39.11 -12.01 -23.92
N GLY G 79 40.17 -12.80 -24.01
CA GLY G 79 40.09 -14.10 -24.65
C GLY G 79 39.95 -13.98 -26.16
N LEU G 80 41.02 -13.53 -26.81
CA LEU G 80 41.04 -13.39 -28.27
C LEU G 80 40.80 -14.72 -28.95
N GLN G 81 39.98 -14.69 -30.00
CA GLN G 81 39.75 -15.85 -30.85
C GLN G 81 40.04 -15.46 -32.31
N ALA G 82 39.76 -16.38 -33.22
CA ALA G 82 40.02 -16.13 -34.63
C ALA G 82 38.99 -15.19 -35.24
N GLU G 83 37.79 -15.13 -34.69
CA GLU G 83 36.73 -14.30 -35.25
C GLU G 83 36.83 -12.85 -34.81
N ASP G 84 37.79 -12.50 -33.98
CA ASP G 84 37.97 -11.13 -33.50
C ASP G 84 38.96 -10.34 -34.34
N GLU G 85 39.47 -10.93 -35.42
CA GLU G 85 40.34 -10.23 -36.36
C GLU G 85 39.49 -9.34 -37.24
N ALA G 86 39.57 -8.02 -37.03
CA ALA G 86 38.67 -7.10 -37.71
C ALA G 86 39.18 -5.68 -37.56
N ASP G 87 38.48 -4.74 -38.20
CA ASP G 87 38.74 -3.31 -38.06
C ASP G 87 37.78 -2.75 -37.02
N TYR G 88 38.33 -2.09 -36.01
CA TYR G 88 37.54 -1.53 -34.93
C TYR G 88 37.58 -0.01 -34.99
N TYR G 89 36.41 0.61 -34.89
CA TYR G 89 36.24 2.04 -35.03
C TYR G 89 35.56 2.62 -33.80
N CYS G 90 35.98 3.81 -33.40
CA CYS G 90 35.35 4.53 -32.31
C CYS G 90 34.69 5.80 -32.84
N SER G 91 33.48 6.07 -32.35
CA SER G 91 32.75 7.26 -32.71
C SER G 91 32.23 7.94 -31.45
N SER G 92 32.10 9.26 -31.53
CA SER G 92 31.62 10.06 -30.41
C SER G 92 30.71 11.15 -30.92
N TYR G 93 29.95 11.74 -30.00
CA TYR G 93 29.05 12.85 -30.29
C TYR G 93 29.77 14.14 -29.93
N GLY G 94 30.15 14.91 -30.95
CA GLY G 94 30.89 16.13 -30.70
C GLY G 94 30.06 17.34 -30.34
N GLY G 95 28.74 17.21 -30.33
CA GLY G 95 27.87 18.33 -30.06
C GLY G 95 27.35 18.97 -31.34
N ASN G 96 26.24 19.68 -31.20
CA ASN G 96 25.55 20.35 -32.30
C ASN G 96 25.21 19.36 -33.42
N TYR G 97 24.71 18.19 -33.03
CA TYR G 97 24.23 17.15 -33.95
C TYR G 97 25.32 16.72 -34.93
N ASN G 98 26.50 16.44 -34.39
CA ASN G 98 27.65 16.02 -35.19
C ASN G 98 28.27 14.79 -34.56
N LEU G 99 28.57 13.78 -35.38
CA LEU G 99 29.28 12.60 -34.95
C LEU G 99 30.67 12.58 -35.56
N VAL G 100 31.66 12.21 -34.74
CA VAL G 100 33.05 12.18 -35.15
C VAL G 100 33.57 10.76 -35.01
N PHE G 101 34.17 10.25 -36.08
CA PHE G 101 34.76 8.92 -36.11
C PHE G 101 36.25 8.98 -35.81
N GLY G 102 36.82 7.81 -35.56
CA GLY G 102 38.25 7.65 -35.48
C GLY G 102 38.75 6.71 -36.56
N GLY G 103 39.99 6.91 -36.99
CA GLY G 103 40.61 5.99 -37.92
C GLY G 103 40.71 4.62 -37.31
N GLY G 104 40.28 3.59 -38.04
CA GLY G 104 40.11 2.28 -37.44
C GLY G 104 41.44 1.60 -37.15
N THR G 105 41.40 0.68 -36.17
CA THR G 105 42.52 -0.17 -35.86
C THR G 105 42.29 -1.56 -36.46
N LYS G 106 43.35 -2.19 -36.89
CA LYS G 106 43.27 -3.51 -37.52
C LYS G 106 43.78 -4.54 -36.52
N LEU G 107 42.85 -5.17 -35.80
CA LEU G 107 43.22 -6.17 -34.81
C LEU G 107 43.37 -7.52 -35.50
N THR G 108 44.58 -8.08 -35.40
CA THR G 108 44.93 -9.36 -36.00
C THR G 108 45.48 -10.27 -34.91
N VAL G 109 44.93 -11.47 -34.81
CA VAL G 109 45.36 -12.46 -33.83
C VAL G 109 46.42 -13.34 -34.47
N LEU G 110 47.33 -13.86 -33.64
CA LEU G 110 48.43 -14.68 -34.12
C LEU G 110 48.21 -16.15 -33.80
N LEU H 4 -24.52 -38.10 -13.80
CA LEU H 4 -23.53 -39.13 -14.12
C LEU H 4 -24.21 -40.47 -14.42
N VAL H 5 -25.40 -40.66 -13.88
CA VAL H 5 -26.11 -41.93 -13.97
C VAL H 5 -27.21 -41.80 -15.02
N GLU H 6 -27.32 -42.82 -15.87
CA GLU H 6 -28.28 -42.85 -16.96
C GLU H 6 -29.27 -43.99 -16.77
N SER H 7 -30.32 -43.98 -17.58
CA SER H 7 -31.32 -45.02 -17.55
C SER H 7 -30.81 -46.29 -18.23
N GLY H 8 -31.50 -47.40 -17.98
CA GLY H 8 -31.12 -48.67 -18.53
C GLY H 8 -31.37 -48.78 -20.03
N ALA H 9 -30.81 -49.83 -20.62
CA ALA H 9 -31.00 -50.08 -22.05
C ALA H 9 -32.45 -50.42 -22.34
N GLU H 10 -32.98 -49.88 -23.43
CA GLU H 10 -34.38 -50.02 -23.79
C GLU H 10 -34.51 -50.70 -25.14
N VAL H 11 -35.46 -51.63 -25.22
CA VAL H 11 -35.76 -52.36 -26.45
C VAL H 11 -37.05 -51.79 -27.02
N LYS H 12 -37.00 -51.31 -28.26
CA LYS H 12 -38.12 -50.63 -28.86
C LYS H 12 -38.34 -51.12 -30.29
N LYS H 13 -39.59 -51.05 -30.73
CA LYS H 13 -40.00 -51.35 -32.09
C LYS H 13 -40.00 -50.08 -32.92
N PRO H 14 -39.79 -50.19 -34.24
CA PRO H 14 -39.76 -48.98 -35.08
C PRO H 14 -41.09 -48.24 -35.07
N GLY H 15 -41.00 -46.91 -35.10
CA GLY H 15 -42.16 -46.05 -35.02
C GLY H 15 -42.54 -45.63 -33.61
N SER H 16 -41.85 -46.14 -32.60
CA SER H 16 -42.14 -45.81 -31.21
C SER H 16 -41.32 -44.60 -30.77
N SER H 17 -41.38 -44.30 -29.48
CA SER H 17 -40.64 -43.19 -28.89
C SER H 17 -39.90 -43.68 -27.66
N VAL H 18 -38.67 -43.21 -27.47
CA VAL H 18 -37.81 -43.62 -26.37
C VAL H 18 -37.50 -42.39 -25.52
N LYS H 19 -37.28 -42.61 -24.23
CA LYS H 19 -36.98 -41.55 -23.26
C LYS H 19 -35.75 -41.99 -22.46
N VAL H 20 -34.66 -41.25 -22.60
CA VAL H 20 -33.42 -41.49 -21.88
C VAL H 20 -33.27 -40.41 -20.81
N SER H 21 -32.67 -40.77 -19.69
CA SER H 21 -32.51 -39.85 -18.58
C SER H 21 -31.05 -39.79 -18.16
N CYS H 22 -30.68 -38.66 -17.54
CA CYS H 22 -29.32 -38.48 -17.04
C CYS H 22 -29.38 -37.56 -15.82
N MET H 23 -29.03 -38.08 -14.65
CA MET H 23 -29.08 -37.33 -13.41
C MET H 23 -27.65 -37.05 -12.95
N ALA H 24 -27.36 -35.78 -12.66
CA ALA H 24 -26.05 -35.42 -12.15
C ALA H 24 -26.10 -35.27 -10.64
N SER H 25 -25.14 -35.87 -9.95
CA SER H 25 -25.07 -35.86 -8.50
C SER H 25 -23.72 -35.35 -8.04
N GLY H 26 -23.73 -34.63 -6.92
CA GLY H 26 -22.50 -34.07 -6.38
C GLY H 26 -22.62 -32.58 -6.10
N GLY H 27 -23.81 -32.04 -6.27
CA GLY H 27 -24.05 -30.63 -6.06
C GLY H 27 -25.18 -30.15 -6.93
N SER H 28 -25.25 -28.83 -7.10
CA SER H 28 -26.27 -28.19 -7.91
C SER H 28 -25.68 -27.86 -9.28
N PHE H 29 -26.27 -28.42 -10.33
CA PHE H 29 -25.78 -28.24 -11.69
C PHE H 29 -26.87 -27.69 -12.60
N GLY H 30 -27.76 -26.86 -12.06
CA GLY H 30 -28.80 -26.26 -12.88
C GLY H 30 -28.25 -25.26 -13.87
N SER H 31 -27.21 -24.53 -13.49
CA SER H 31 -26.62 -23.51 -14.35
C SER H 31 -25.55 -24.05 -15.29
N TYR H 32 -25.32 -25.35 -15.29
CA TYR H 32 -24.32 -25.97 -16.15
C TYR H 32 -24.95 -26.33 -17.48
N GLY H 33 -24.14 -26.81 -18.43
CA GLY H 33 -24.64 -27.20 -19.72
C GLY H 33 -24.58 -28.69 -19.97
N PHE H 34 -25.74 -29.30 -20.24
CA PHE H 34 -25.86 -30.73 -20.48
C PHE H 34 -26.07 -30.97 -21.97
N SER H 35 -25.30 -31.87 -22.55
CA SER H 35 -25.39 -32.18 -23.97
C SER H 35 -25.62 -33.67 -24.17
N TRP H 36 -26.13 -34.03 -25.35
CA TRP H 36 -26.44 -35.40 -25.71
C TRP H 36 -25.70 -35.78 -26.97
N VAL H 37 -25.03 -36.93 -26.94
CA VAL H 37 -24.17 -37.38 -28.02
C VAL H 37 -24.60 -38.77 -28.46
N ARG H 38 -24.64 -39.00 -29.77
CA ARG H 38 -25.04 -40.28 -30.34
C ARG H 38 -23.85 -40.95 -30.99
N GLN H 39 -23.71 -42.26 -30.75
CA GLN H 39 -22.66 -43.06 -31.41
C GLN H 39 -23.27 -44.34 -31.94
N ALA H 40 -23.42 -44.42 -33.25
CA ALA H 40 -23.88 -45.66 -33.86
C ALA H 40 -22.79 -46.73 -33.74
N PRO H 41 -23.16 -48.01 -33.61
CA PRO H 41 -22.15 -49.08 -33.52
C PRO H 41 -21.18 -49.07 -34.68
N GLY H 42 -19.91 -48.80 -34.36
CA GLY H 42 -18.85 -48.75 -35.36
C GLY H 42 -18.64 -47.40 -36.00
N GLN H 43 -19.52 -46.44 -35.77
CA GLN H 43 -19.41 -45.11 -36.36
C GLN H 43 -18.90 -44.12 -35.32
N GLY H 44 -18.87 -42.85 -35.68
CA GLY H 44 -18.32 -41.80 -34.85
C GLY H 44 -19.34 -41.20 -33.89
N LEU H 45 -19.00 -40.04 -33.36
CA LEU H 45 -19.82 -39.33 -32.39
C LEU H 45 -20.58 -38.21 -33.08
N GLU H 46 -21.88 -38.12 -32.83
CA GLU H 46 -22.71 -37.07 -33.38
C GLU H 46 -23.39 -36.33 -32.24
N TRP H 47 -23.36 -35.00 -32.31
CA TRP H 47 -23.90 -34.14 -31.25
C TRP H 47 -25.37 -33.86 -31.55
N MET H 48 -26.26 -34.49 -30.78
CA MET H 48 -27.69 -34.26 -30.97
C MET H 48 -28.09 -32.85 -30.56
N GLY H 49 -27.65 -32.40 -29.41
CA GLY H 49 -28.02 -31.09 -28.91
C GLY H 49 -27.79 -30.99 -27.42
N GLY H 50 -27.94 -29.77 -26.90
CA GLY H 50 -27.67 -29.49 -25.51
C GLY H 50 -28.79 -28.72 -24.84
N ILE H 51 -28.64 -28.56 -23.52
CA ILE H 51 -29.57 -27.78 -22.72
C ILE H 51 -28.86 -27.30 -21.47
N ILE H 52 -29.23 -26.09 -21.02
CA ILE H 52 -28.92 -25.61 -19.69
C ILE H 52 -30.21 -25.75 -18.86
N PRO H 53 -30.21 -26.59 -17.82
CA PRO H 53 -31.47 -26.86 -17.10
C PRO H 53 -32.11 -25.63 -16.47
N LEU H 54 -31.30 -24.63 -16.09
CA LEU H 54 -31.86 -23.39 -15.56
C LEU H 54 -32.70 -22.67 -16.61
N PHE H 55 -32.13 -22.44 -17.79
CA PHE H 55 -32.78 -21.62 -18.80
C PHE H 55 -33.95 -22.33 -19.48
N ASP H 56 -33.91 -23.66 -19.52
CA ASP H 56 -34.95 -24.50 -20.12
C ASP H 56 -35.17 -24.20 -21.60
N THR H 57 -34.13 -23.77 -22.31
CA THR H 57 -34.20 -23.50 -23.74
C THR H 57 -33.20 -24.38 -24.46
N PRO H 58 -33.60 -25.52 -24.99
CA PRO H 58 -32.65 -26.44 -25.61
C PRO H 58 -32.18 -25.94 -26.97
N ASN H 59 -30.98 -26.37 -27.34
CA ASN H 59 -30.42 -26.14 -28.67
C ASN H 59 -30.23 -27.49 -29.34
N TYR H 60 -30.58 -27.55 -30.62
CA TYR H 60 -30.50 -28.79 -31.39
C TYR H 60 -29.60 -28.59 -32.60
N ALA H 61 -29.08 -29.71 -33.11
CA ALA H 61 -28.34 -29.70 -34.35
C ALA H 61 -29.28 -29.51 -35.53
N GLN H 62 -28.71 -29.16 -36.68
CA GLN H 62 -29.50 -28.95 -37.88
C GLN H 62 -30.17 -30.23 -38.35
N LYS H 63 -29.50 -31.37 -38.19
CA LYS H 63 -30.02 -32.64 -38.67
C LYS H 63 -30.96 -33.32 -37.68
N PHE H 64 -31.06 -32.82 -36.45
CA PHE H 64 -31.91 -33.44 -35.44
C PHE H 64 -33.12 -32.61 -35.05
N GLN H 65 -33.28 -31.42 -35.61
CA GLN H 65 -34.45 -30.59 -35.32
C GLN H 65 -35.72 -31.25 -35.85
N GLY H 66 -36.76 -31.24 -35.02
CA GLY H 66 -38.03 -31.85 -35.37
C GLY H 66 -38.18 -33.30 -34.94
N ARG H 67 -37.13 -33.92 -34.41
CA ARG H 67 -37.16 -35.30 -33.97
C ARG H 67 -36.87 -35.45 -32.48
N VAL H 68 -35.95 -34.66 -31.94
CA VAL H 68 -35.47 -34.80 -30.57
C VAL H 68 -36.11 -33.73 -29.71
N THR H 69 -36.57 -34.10 -28.52
CA THR H 69 -37.07 -33.15 -27.54
C THR H 69 -36.25 -33.32 -26.26
N ILE H 70 -35.62 -32.24 -25.81
CA ILE H 70 -34.78 -32.28 -24.62
C ILE H 70 -35.44 -31.45 -23.53
N THR H 71 -35.69 -32.08 -22.38
CA THR H 71 -36.31 -31.41 -21.24
C THR H 71 -35.39 -31.55 -20.04
N ALA H 72 -35.65 -30.78 -18.99
CA ALA H 72 -34.79 -30.79 -17.84
C ALA H 72 -35.56 -30.39 -16.58
N ASP H 73 -35.07 -30.88 -15.45
CA ASP H 73 -35.52 -30.50 -14.12
C ASP H 73 -34.29 -29.98 -13.39
N ALA H 74 -34.28 -28.66 -13.13
CA ALA H 74 -33.11 -28.02 -12.52
C ALA H 74 -32.99 -28.33 -11.03
N SER H 75 -34.10 -28.55 -10.33
CA SER H 75 -34.04 -28.88 -8.92
C SER H 75 -33.35 -30.22 -8.68
N THR H 76 -33.65 -31.22 -9.51
CA THR H 76 -32.99 -32.52 -9.44
C THR H 76 -31.78 -32.62 -10.35
N SER H 77 -31.53 -31.60 -11.17
CA SER H 77 -30.42 -31.56 -12.13
C SER H 77 -30.46 -32.77 -13.06
N THR H 78 -31.65 -33.08 -13.55
CA THR H 78 -31.86 -34.24 -14.40
C THR H 78 -32.27 -33.79 -15.80
N VAL H 79 -31.68 -34.41 -16.81
CA VAL H 79 -31.96 -34.08 -18.21
C VAL H 79 -32.55 -35.29 -18.90
N TYR H 80 -33.65 -35.08 -19.61
CA TYR H 80 -34.35 -36.12 -20.34
C TYR H 80 -34.29 -35.84 -21.84
N MET H 81 -34.11 -36.91 -22.61
CA MET H 81 -34.09 -36.84 -24.07
C MET H 81 -35.14 -37.79 -24.61
N GLU H 82 -36.07 -37.26 -25.39
CA GLU H 82 -37.15 -38.04 -25.99
C GLU H 82 -36.95 -38.06 -27.49
N LEU H 83 -36.89 -39.26 -28.06
CA LEU H 83 -36.62 -39.46 -29.48
C LEU H 83 -37.81 -40.21 -30.09
N SER H 84 -38.69 -39.47 -30.74
CA SER H 84 -39.87 -40.04 -31.38
C SER H 84 -39.55 -40.45 -32.81
N SER H 85 -40.44 -41.26 -33.39
CA SER H 85 -40.29 -41.81 -34.73
C SER H 85 -38.98 -42.59 -34.86
N LEU H 86 -38.89 -43.67 -34.08
CA LEU H 86 -37.66 -44.45 -33.97
C LEU H 86 -37.43 -45.21 -35.27
N ARG H 87 -36.75 -44.57 -36.21
CA ARG H 87 -36.41 -45.20 -37.48
C ARG H 87 -35.35 -46.26 -37.28
N SER H 88 -35.12 -47.06 -38.33
CA SER H 88 -34.29 -48.25 -38.21
C SER H 88 -32.84 -47.91 -37.86
N GLU H 89 -32.31 -46.86 -38.45
CA GLU H 89 -30.92 -46.45 -38.22
C GLU H 89 -30.75 -45.58 -36.97
N ASP H 90 -31.73 -45.56 -36.07
CA ASP H 90 -31.61 -44.84 -34.81
C ASP H 90 -30.96 -45.68 -33.72
N THR H 91 -30.56 -46.92 -34.01
CA THR H 91 -29.88 -47.74 -33.03
C THR H 91 -28.45 -47.25 -32.81
N ALA H 92 -28.11 -47.00 -31.55
CA ALA H 92 -26.84 -46.38 -31.20
C ALA H 92 -26.67 -46.46 -29.68
N VAL H 93 -25.61 -45.82 -29.21
CA VAL H 93 -25.36 -45.61 -27.79
C VAL H 93 -25.45 -44.11 -27.53
N TYR H 94 -26.21 -43.74 -26.50
CA TYR H 94 -26.52 -42.34 -26.21
C TYR H 94 -25.80 -41.92 -24.94
N TYR H 95 -25.03 -40.84 -25.03
CA TYR H 95 -24.22 -40.35 -23.94
C TYR H 95 -24.71 -38.99 -23.48
N CYS H 96 -24.69 -38.79 -22.16
CA CYS H 96 -24.99 -37.51 -21.54
C CYS H 96 -23.70 -36.93 -20.97
N ALA H 97 -23.41 -35.68 -21.33
CA ALA H 97 -22.19 -35.02 -20.91
C ALA H 97 -22.54 -33.69 -20.28
N ARG H 98 -21.68 -33.22 -19.37
CA ARG H 98 -21.92 -32.01 -18.63
C ARG H 98 -20.64 -31.16 -18.60
N ASP H 99 -20.82 -29.85 -18.74
CA ASP H 99 -19.71 -28.92 -18.64
C ASP H 99 -19.12 -28.93 -17.23
N SER H 100 -17.82 -28.70 -17.15
CA SER H 100 -17.17 -28.55 -15.85
C SER H 100 -17.32 -27.14 -15.28
N LEU H 101 -17.72 -26.18 -16.10
CA LEU H 101 -17.87 -24.80 -15.68
C LEU H 101 -19.33 -24.35 -15.85
N PRO H 102 -19.82 -23.48 -14.99
CA PRO H 102 -21.19 -22.98 -15.12
C PRO H 102 -21.28 -21.98 -16.27
N TYR H 103 -22.52 -21.63 -16.62
CA TYR H 103 -22.73 -20.65 -17.67
C TYR H 103 -22.16 -19.29 -17.28
N GLY H 104 -21.53 -18.64 -18.24
CA GLY H 104 -20.95 -17.33 -18.00
C GLY H 104 -20.68 -16.63 -19.31
N ASP H 105 -20.09 -15.44 -19.21
CA ASP H 105 -19.75 -14.68 -20.40
C ASP H 105 -18.69 -15.39 -21.23
N GLN H 106 -17.65 -15.93 -20.58
CA GLN H 106 -16.59 -16.62 -21.29
C GLN H 106 -16.88 -18.11 -21.46
N ASN H 107 -17.97 -18.62 -20.89
CA ASN H 107 -18.36 -20.01 -21.03
C ASN H 107 -19.82 -20.06 -21.48
N TYR H 108 -20.03 -19.96 -22.80
CA TYR H 108 -21.34 -20.02 -23.41
C TYR H 108 -21.51 -21.22 -24.33
N TYR H 109 -20.42 -21.69 -24.92
CA TYR H 109 -20.44 -22.93 -25.68
C TYR H 109 -20.63 -24.11 -24.75
N TYR H 110 -21.28 -25.15 -25.28
CA TYR H 110 -21.58 -26.35 -24.50
C TYR H 110 -20.30 -27.17 -24.38
N GLY H 111 -19.55 -26.95 -23.30
CA GLY H 111 -18.42 -27.81 -23.02
C GLY H 111 -18.85 -29.21 -22.63
N MET H 112 -17.97 -30.17 -22.88
CA MET H 112 -18.26 -31.58 -22.65
C MET H 112 -17.10 -32.17 -21.87
N HIS H 113 -17.21 -32.14 -20.55
CA HIS H 113 -16.13 -32.53 -19.65
C HIS H 113 -16.43 -33.80 -18.88
N VAL H 114 -17.56 -33.85 -18.18
CA VAL H 114 -17.93 -35.01 -17.38
C VAL H 114 -18.93 -35.82 -18.20
N TRP H 115 -18.57 -37.06 -18.52
CA TRP H 115 -19.37 -37.90 -19.39
C TRP H 115 -20.11 -38.97 -18.59
N GLY H 116 -21.25 -39.38 -19.11
CA GLY H 116 -22.02 -40.47 -18.55
C GLY H 116 -21.51 -41.81 -19.02
N GLN H 117 -22.21 -42.86 -18.59
CA GLN H 117 -21.80 -44.22 -18.94
C GLN H 117 -22.44 -44.74 -20.21
N GLY H 118 -23.53 -44.14 -20.66
CA GLY H 118 -24.14 -44.56 -21.92
C GLY H 118 -25.45 -45.30 -21.74
N THR H 119 -26.22 -45.47 -22.82
CA THR H 119 -27.49 -46.19 -22.80
C THR H 119 -27.74 -46.61 -24.23
N THR H 120 -27.96 -47.91 -24.46
CA THR H 120 -28.15 -48.38 -25.84
C THR H 120 -29.62 -48.53 -26.13
N VAL H 121 -30.06 -47.98 -27.24
CA VAL H 121 -31.48 -48.15 -27.67
C VAL H 121 -31.41 -48.94 -28.98
N THR H 122 -32.31 -49.91 -29.16
CA THR H 122 -32.23 -50.77 -30.37
C THR H 122 -33.54 -50.76 -31.11
N VAL H 123 -33.61 -50.07 -32.24
CA VAL H 123 -34.84 -50.11 -33.08
C VAL H 123 -34.80 -51.51 -33.71
N SER H 124 -35.84 -52.31 -33.54
CA SER H 124 -35.76 -53.73 -33.99
C SER H 124 -36.81 -54.10 -35.03
N SER H 125 -37.39 -55.29 -34.90
CA SER H 125 -38.39 -55.83 -35.87
C SER H 125 -38.70 -54.80 -36.96
N LEU I 4 -16.22 -40.47 30.15
CA LEU I 4 -15.57 -41.02 28.98
C LEU I 4 -15.04 -42.42 29.27
N THR I 5 -14.96 -43.25 28.22
CA THR I 5 -14.54 -44.64 28.34
C THR I 5 -13.20 -44.83 27.65
N GLN I 6 -12.28 -45.50 28.32
CA GLN I 6 -10.97 -45.82 27.82
C GLN I 6 -10.67 -47.31 28.00
N PRO I 7 -9.79 -47.87 27.18
CA PRO I 7 -9.33 -49.24 27.42
C PRO I 7 -8.61 -49.34 28.76
N ALA I 8 -8.75 -50.49 29.41
CA ALA I 8 -8.10 -50.72 30.69
C ALA I 8 -6.58 -50.70 30.55
N SER I 9 -6.06 -51.37 29.51
CA SER I 9 -4.62 -51.44 29.29
C SER I 9 -4.35 -51.77 27.82
N LEU I 10 -3.17 -51.36 27.36
CA LEU I 10 -2.69 -51.69 26.03
C LEU I 10 -1.23 -52.11 26.12
N SER I 11 -0.80 -52.90 25.13
CA SER I 11 0.58 -53.37 25.07
C SER I 11 1.07 -53.23 23.64
N GLY I 12 2.38 -52.99 23.49
CA GLY I 12 2.97 -52.83 22.18
C GLY I 12 4.46 -53.09 22.23
N SER I 13 5.01 -53.34 21.04
CA SER I 13 6.43 -53.60 20.86
C SER I 13 7.14 -52.32 20.43
N PRO I 14 8.45 -52.22 20.69
CA PRO I 14 9.19 -51.04 20.24
C PRO I 14 9.20 -50.92 18.71
N GLY I 15 9.13 -49.68 18.24
CA GLY I 15 9.16 -49.39 16.83
C GLY I 15 7.82 -49.37 16.13
N GLN I 16 6.78 -49.92 16.75
CA GLN I 16 5.46 -49.92 16.14
C GLN I 16 4.60 -48.80 16.72
N SER I 17 3.49 -48.54 16.05
CA SER I 17 2.57 -47.48 16.46
C SER I 17 1.36 -48.07 17.16
N ILE I 18 0.89 -47.36 18.18
CA ILE I 18 -0.27 -47.77 18.96
C ILE I 18 -1.27 -46.61 18.98
N THR I 19 -2.53 -46.95 19.22
CA THR I 19 -3.62 -45.98 19.21
C THR I 19 -4.53 -46.23 20.39
N ILE I 20 -4.79 -45.16 21.15
CA ILE I 20 -5.66 -45.20 22.33
C ILE I 20 -6.94 -44.45 22.02
N SER I 21 -8.08 -45.04 22.38
CA SER I 21 -9.38 -44.48 22.05
C SER I 21 -10.07 -43.95 23.31
N CYS I 22 -10.71 -42.80 23.16
CA CYS I 22 -11.53 -42.18 24.20
C CYS I 22 -12.93 -42.00 23.62
N SER I 23 -13.90 -42.72 24.17
CA SER I 23 -15.26 -42.72 23.68
C SER I 23 -16.19 -42.04 24.68
N GLY I 24 -17.09 -41.21 24.16
CA GLY I 24 -18.03 -40.49 25.00
C GLY I 24 -19.31 -40.18 24.26
N SER I 25 -20.25 -39.60 24.99
CA SER I 25 -21.56 -39.27 24.45
C SER I 25 -21.50 -37.95 23.67
N SER I 26 -22.66 -37.49 23.22
CA SER I 26 -22.73 -36.24 22.47
C SER I 26 -22.38 -35.04 23.33
N SER I 27 -22.86 -34.99 24.57
CA SER I 27 -22.46 -33.92 25.49
C SER I 27 -20.99 -34.00 25.82
N ASP I 28 -20.42 -35.20 25.76
CA ASP I 28 -18.99 -35.44 25.89
C ASP I 28 -18.32 -35.23 24.53
N ILE I 29 -17.11 -35.78 24.36
CA ILE I 29 -16.41 -35.74 23.08
C ILE I 29 -17.35 -36.08 21.94
N GLY I 30 -17.41 -35.20 20.95
CA GLY I 30 -18.30 -35.39 19.81
C GLY I 30 -18.96 -34.11 19.34
N ASP I 31 -19.17 -33.17 20.25
CA ASP I 31 -19.78 -31.89 19.91
C ASP I 31 -18.87 -30.69 20.14
N TYR I 32 -17.84 -30.84 20.97
CA TYR I 32 -16.85 -29.80 21.21
C TYR I 32 -15.48 -30.30 20.84
N ASN I 33 -14.62 -29.38 20.41
CA ASN I 33 -13.26 -29.71 19.99
C ASN I 33 -12.26 -29.45 21.10
N TYR I 34 -12.68 -29.63 22.35
CA TYR I 34 -11.81 -29.45 23.51
C TYR I 34 -11.56 -30.83 24.12
N VAL I 35 -10.55 -31.53 23.60
CA VAL I 35 -10.16 -32.85 24.09
C VAL I 35 -8.68 -32.78 24.41
N SER I 36 -8.31 -33.11 25.64
CA SER I 36 -6.92 -33.04 26.08
C SER I 36 -6.45 -34.41 26.54
N TRP I 37 -5.21 -34.75 26.18
CA TRP I 37 -4.57 -35.97 26.61
C TRP I 37 -3.40 -35.65 27.54
N TYR I 38 -3.34 -36.38 28.65
CA TYR I 38 -2.30 -36.23 29.66
C TYR I 38 -1.59 -37.56 29.85
N GLN I 39 -0.31 -37.47 30.17
CA GLN I 39 0.54 -38.64 30.41
C GLN I 39 1.13 -38.56 31.81
N GLN I 40 0.99 -39.64 32.56
CA GLN I 40 1.41 -39.70 33.96
C GLN I 40 2.32 -40.90 34.16
N HIS I 41 3.60 -40.63 34.44
CA HIS I 41 4.52 -41.68 34.84
C HIS I 41 4.29 -42.04 36.30
N PRO I 42 4.63 -43.26 36.71
CA PRO I 42 4.40 -43.67 38.10
C PRO I 42 5.13 -42.78 39.09
N GLY I 43 4.39 -42.27 40.07
CA GLY I 43 4.96 -41.44 41.10
C GLY I 43 5.19 -39.99 40.72
N LYS I 44 4.60 -39.53 39.63
CA LYS I 44 4.80 -38.16 39.16
C LYS I 44 3.45 -37.54 38.81
N ALA I 45 3.45 -36.22 38.73
CA ALA I 45 2.25 -35.47 38.37
C ALA I 45 1.92 -35.69 36.90
N PRO I 46 0.64 -35.53 36.53
CA PRO I 46 0.27 -35.64 35.12
C PRO I 46 0.93 -34.55 34.28
N LYS I 47 1.24 -34.89 33.04
CA LYS I 47 1.83 -33.96 32.09
C LYS I 47 0.94 -33.87 30.87
N LEU I 48 0.57 -32.65 30.50
CA LEU I 48 -0.25 -32.44 29.32
C LEU I 48 0.57 -32.67 28.06
N ILE I 49 0.09 -33.58 27.20
CA ILE I 49 0.74 -33.90 25.95
C ILE I 49 -0.08 -33.47 24.74
N ILE I 50 -1.40 -33.41 24.89
CA ILE I 50 -2.28 -32.91 23.83
C ILE I 50 -3.29 -31.98 24.49
N TYR I 51 -3.51 -30.79 23.91
CA TYR I 51 -4.36 -29.83 24.60
C TYR I 51 -5.57 -29.38 23.79
N ASP I 52 -5.43 -29.18 22.49
CA ASP I 52 -6.59 -29.14 21.63
C ASP I 52 -6.84 -30.56 21.12
N VAL I 53 -7.75 -30.71 20.16
CA VAL I 53 -7.98 -32.04 19.58
C VAL I 53 -6.72 -32.55 18.91
N THR I 54 -6.00 -31.68 18.20
CA THR I 54 -4.81 -32.06 17.47
C THR I 54 -3.55 -31.35 17.92
N ASN I 55 -3.65 -30.26 18.68
CA ASN I 55 -2.46 -29.47 19.01
C ASN I 55 -1.60 -30.18 20.04
N ARG I 56 -0.35 -29.73 20.14
CA ARG I 56 0.63 -30.32 21.02
C ARG I 56 1.53 -29.24 21.60
N PRO I 57 1.78 -29.25 22.90
CA PRO I 57 2.64 -28.23 23.52
C PRO I 57 4.09 -28.39 23.09
N SER I 58 4.84 -27.30 23.20
CA SER I 58 6.27 -27.34 22.97
C SER I 58 6.96 -28.17 24.05
N GLY I 59 8.03 -28.86 23.66
CA GLY I 59 8.70 -29.78 24.54
C GLY I 59 8.12 -31.18 24.55
N VAL I 60 7.09 -31.43 23.77
CA VAL I 60 6.48 -32.76 23.64
C VAL I 60 6.89 -33.32 22.29
N SER I 61 7.32 -34.59 22.28
CA SER I 61 7.82 -35.23 21.09
C SER I 61 6.77 -35.30 19.99
N ASP I 62 7.19 -35.16 18.74
CA ASP I 62 6.28 -35.19 17.60
C ASP I 62 5.70 -36.57 17.35
N ARG I 63 6.20 -37.61 18.03
CA ARG I 63 5.67 -38.95 17.87
C ARG I 63 4.25 -39.08 18.36
N LEU I 64 3.84 -38.22 19.30
CA LEU I 64 2.48 -38.23 19.83
C LEU I 64 1.59 -37.34 18.98
N SER I 65 0.48 -37.89 18.50
CA SER I 65 -0.47 -37.13 17.69
C SER I 65 -1.88 -37.41 18.19
N GLY I 66 -2.78 -36.47 17.93
CA GLY I 66 -4.16 -36.58 18.35
C GLY I 66 -5.11 -36.37 17.20
N SER I 67 -6.28 -37.01 17.28
CA SER I 67 -7.29 -36.87 16.26
C SER I 67 -8.66 -37.14 16.87
N LYS I 68 -9.70 -36.74 16.15
CA LYS I 68 -11.08 -36.98 16.57
C LYS I 68 -11.89 -37.43 15.37
N SER I 69 -12.85 -38.32 15.63
CA SER I 69 -13.74 -38.82 14.58
C SER I 69 -15.08 -39.14 15.22
N GLY I 70 -16.13 -38.47 14.77
CA GLY I 70 -17.45 -38.70 15.34
C GLY I 70 -17.48 -38.29 16.80
N THR I 71 -17.67 -39.29 17.67
CA THR I 71 -17.66 -39.08 19.11
C THR I 71 -16.52 -39.85 19.77
N THR I 72 -15.44 -40.10 19.03
CA THR I 72 -14.30 -40.86 19.55
C THR I 72 -13.01 -40.13 19.25
N ALA I 73 -12.24 -39.83 20.29
CA ALA I 73 -10.92 -39.27 20.13
C ALA I 73 -9.87 -40.38 20.13
N SER I 74 -8.74 -40.10 19.50
CA SER I 74 -7.68 -41.09 19.36
C SER I 74 -6.32 -40.43 19.55
N LEU I 75 -5.48 -41.09 20.35
CA LEU I 75 -4.09 -40.70 20.55
C LEU I 75 -3.20 -41.73 19.89
N THR I 76 -2.40 -41.30 18.92
CA THR I 76 -1.52 -42.19 18.18
C THR I 76 -0.08 -41.94 18.61
N ILE I 77 0.58 -42.99 19.07
CA ILE I 77 1.99 -42.95 19.46
C ILE I 77 2.75 -43.82 18.47
N SER I 78 3.51 -43.19 17.58
CA SER I 78 4.28 -43.87 16.56
C SER I 78 5.74 -43.91 16.98
N GLY I 79 6.38 -45.06 16.82
CA GLY I 79 7.73 -45.24 17.32
C GLY I 79 7.71 -45.39 18.82
N LEU I 80 7.12 -46.49 19.29
CA LEU I 80 6.85 -46.70 20.71
C LEU I 80 8.16 -46.99 21.43
N GLN I 81 8.74 -45.95 22.03
CA GLN I 81 9.94 -46.11 22.83
C GLN I 81 9.59 -46.56 24.24
N ALA I 82 10.62 -46.99 24.97
CA ALA I 82 10.43 -47.54 26.31
C ALA I 82 10.14 -46.49 27.36
N GLU I 83 10.37 -45.21 27.07
CA GLU I 83 10.02 -44.13 27.98
C GLU I 83 8.59 -43.66 27.79
N ASP I 84 7.82 -44.33 26.95
CA ASP I 84 6.41 -44.03 26.75
C ASP I 84 5.51 -44.91 27.60
N GLU I 85 6.08 -45.68 28.52
CA GLU I 85 5.32 -46.52 29.43
C GLU I 85 4.76 -45.65 30.54
N ALA I 86 3.49 -45.27 30.43
CA ALA I 86 2.86 -44.40 31.41
C ALA I 86 1.35 -44.54 31.28
N ASP I 87 0.65 -43.99 32.27
CA ASP I 87 -0.80 -43.91 32.21
C ASP I 87 -1.22 -42.74 31.32
N TYR I 88 -2.29 -42.91 30.57
CA TYR I 88 -2.77 -41.89 29.65
C TYR I 88 -4.23 -41.59 29.93
N TYR I 89 -4.56 -40.31 30.05
CA TYR I 89 -5.91 -39.88 30.39
C TYR I 89 -6.41 -38.90 29.34
N CYS I 90 -7.72 -38.92 29.11
CA CYS I 90 -8.36 -38.01 28.16
C CYS I 90 -9.42 -37.21 28.91
N SER I 91 -9.32 -35.88 28.85
CA SER I 91 -10.36 -35.03 29.41
C SER I 91 -11.15 -34.36 28.30
N SER I 92 -12.27 -33.73 28.66
CA SER I 92 -13.08 -33.00 27.70
C SER I 92 -13.91 -31.92 28.37
N TYR I 93 -14.53 -31.07 27.56
CA TYR I 93 -15.44 -30.03 28.04
C TYR I 93 -16.85 -30.60 27.93
N GLY I 94 -17.39 -31.08 29.04
CA GLY I 94 -18.63 -31.83 29.06
C GLY I 94 -19.89 -31.03 29.28
N GLY I 95 -19.87 -29.72 29.09
CA GLY I 95 -21.08 -28.93 29.30
C GLY I 95 -20.83 -27.53 29.81
N ASN I 96 -21.43 -27.19 30.94
CA ASN I 96 -21.37 -25.84 31.50
C ASN I 96 -20.26 -25.79 32.54
N TYR I 97 -19.07 -25.36 32.12
CA TYR I 97 -17.92 -25.13 32.98
C TYR I 97 -17.56 -26.38 33.79
N ASN I 98 -17.62 -27.53 33.13
CA ASN I 98 -17.34 -28.81 33.76
C ASN I 98 -16.41 -29.61 32.85
N LEU I 99 -15.45 -30.29 33.46
CA LEU I 99 -14.54 -31.19 32.75
C LEU I 99 -14.85 -32.63 33.12
N VAL I 100 -14.78 -33.51 32.13
CA VAL I 100 -15.05 -34.94 32.30
C VAL I 100 -13.79 -35.70 31.93
N PHE I 101 -13.32 -36.56 32.84
CA PHE I 101 -12.13 -37.33 32.61
C PHE I 101 -12.46 -38.73 32.09
N GLY I 102 -11.44 -39.39 31.56
CA GLY I 102 -11.55 -40.79 31.19
C GLY I 102 -11.15 -41.72 32.32
N GLY I 103 -11.26 -43.02 32.05
CA GLY I 103 -10.93 -44.00 33.05
C GLY I 103 -9.45 -44.17 33.29
N GLY I 104 -8.64 -43.97 32.25
CA GLY I 104 -7.20 -44.14 32.38
C GLY I 104 -6.72 -45.45 31.80
N THR I 105 -5.73 -45.38 30.91
CA THR I 105 -5.18 -46.55 30.26
C THR I 105 -3.70 -46.71 30.61
N LYS I 106 -3.29 -47.94 30.86
CA LYS I 106 -1.90 -48.25 31.17
C LYS I 106 -1.24 -48.85 29.94
N LEU I 107 -0.26 -48.14 29.40
CA LEU I 107 0.47 -48.59 28.21
C LEU I 107 1.75 -49.29 28.65
N THR I 108 2.01 -50.45 28.06
CA THR I 108 3.15 -51.27 28.44
C THR I 108 3.95 -51.62 27.18
N VAL I 109 5.18 -51.12 27.10
CA VAL I 109 6.08 -51.51 26.03
C VAL I 109 6.52 -52.96 26.27
N LEU I 110 6.83 -53.66 25.20
CA LEU I 110 7.14 -55.10 25.20
C LEU I 110 5.94 -55.90 25.70
N LEU J 4 -15.91 -31.56 -39.53
CA LEU J 4 -14.46 -31.60 -39.45
C LEU J 4 -13.92 -32.89 -40.06
N THR J 5 -12.70 -32.83 -40.58
CA THR J 5 -12.07 -33.96 -41.26
C THR J 5 -10.90 -34.48 -40.44
N GLN J 6 -10.84 -35.79 -40.29
CA GLN J 6 -9.80 -36.47 -39.53
C GLN J 6 -9.26 -37.66 -40.32
N PRO J 7 -8.01 -38.05 -40.08
CA PRO J 7 -7.50 -39.29 -40.68
C PRO J 7 -8.29 -40.50 -40.20
N ALA J 8 -8.50 -41.46 -41.11
CA ALA J 8 -9.24 -42.66 -40.77
C ALA J 8 -8.50 -43.50 -39.74
N SER J 9 -7.18 -43.63 -39.89
CA SER J 9 -6.39 -44.43 -38.98
C SER J 9 -4.95 -43.95 -38.99
N LEU J 10 -4.27 -44.18 -37.87
CA LEU J 10 -2.85 -43.90 -37.73
C LEU J 10 -2.16 -45.07 -37.02
N SER J 11 -0.87 -45.20 -37.28
CA SER J 11 -0.05 -46.22 -36.64
C SER J 11 1.25 -45.62 -36.19
N GLY J 12 1.81 -46.17 -35.11
CA GLY J 12 3.05 -45.66 -34.58
C GLY J 12 3.76 -46.73 -33.77
N SER J 13 5.03 -46.46 -33.48
CA SER J 13 5.87 -47.36 -32.72
C SER J 13 5.90 -46.93 -31.25
N PRO J 14 6.12 -47.86 -30.33
CA PRO J 14 6.21 -47.49 -28.92
C PRO J 14 7.44 -46.64 -28.64
N GLY J 15 7.21 -45.51 -27.97
CA GLY J 15 8.28 -44.61 -27.61
C GLY J 15 8.45 -43.39 -28.48
N GLN J 16 7.82 -43.36 -29.65
CA GLN J 16 7.93 -42.21 -30.53
C GLN J 16 6.73 -41.28 -30.34
N SER J 17 6.68 -40.22 -31.14
CA SER J 17 5.62 -39.23 -31.05
C SER J 17 4.78 -39.25 -32.32
N ILE J 18 3.47 -39.14 -32.14
CA ILE J 18 2.52 -39.15 -33.26
C ILE J 18 1.69 -37.86 -33.20
N THR J 19 1.11 -37.50 -34.33
CA THR J 19 0.32 -36.28 -34.44
C THR J 19 -0.93 -36.57 -35.26
N ILE J 20 -2.09 -36.20 -34.69
CA ILE J 20 -3.38 -36.37 -35.32
C ILE J 20 -3.92 -34.99 -35.68
N SER J 21 -4.36 -34.83 -36.92
CA SER J 21 -4.82 -33.55 -37.43
C SER J 21 -6.34 -33.51 -37.52
N CYS J 22 -6.89 -32.31 -37.38
CA CYS J 22 -8.33 -32.08 -37.51
C CYS J 22 -8.52 -30.81 -38.31
N SER J 23 -9.01 -30.94 -39.54
CA SER J 23 -9.16 -29.83 -40.44
C SER J 23 -10.63 -29.43 -40.57
N GLY J 24 -10.86 -28.16 -40.87
CA GLY J 24 -12.21 -27.65 -41.01
C GLY J 24 -12.21 -26.29 -41.68
N SER J 25 -13.40 -25.75 -41.85
CA SER J 25 -13.61 -24.47 -42.51
C SER J 25 -13.42 -23.33 -41.50
N SER J 26 -13.64 -22.11 -41.99
CA SER J 26 -13.49 -20.93 -41.12
C SER J 26 -14.55 -20.90 -40.03
N SER J 27 -15.79 -21.26 -40.36
CA SER J 27 -16.83 -21.37 -39.34
C SER J 27 -16.53 -22.50 -38.36
N ASP J 28 -15.78 -23.50 -38.81
CA ASP J 28 -15.27 -24.57 -37.97
C ASP J 28 -13.94 -24.11 -37.35
N ILE J 29 -13.07 -25.00 -36.87
CA ILE J 29 -11.75 -24.64 -36.34
C ILE J 29 -11.07 -23.64 -37.27
N GLY J 30 -10.65 -22.51 -36.71
CA GLY J 30 -10.02 -21.46 -37.49
C GLY J 30 -10.43 -20.06 -37.07
N ASP J 31 -11.65 -19.91 -36.56
CA ASP J 31 -12.13 -18.63 -36.07
C ASP J 31 -12.33 -18.59 -34.58
N TYR J 32 -12.62 -19.74 -33.95
CA TYR J 32 -12.79 -19.82 -32.51
C TYR J 32 -11.74 -20.74 -31.93
N ASN J 33 -11.33 -20.44 -30.69
CA ASN J 33 -10.31 -21.23 -29.99
C ASN J 33 -10.93 -22.26 -29.06
N TYR J 34 -12.10 -22.79 -29.42
CA TYR J 34 -12.78 -23.82 -28.64
C TYR J 34 -12.66 -25.13 -29.41
N VAL J 35 -11.54 -25.83 -29.21
CA VAL J 35 -11.29 -27.12 -29.85
C VAL J 35 -11.03 -28.13 -28.75
N SER J 36 -11.81 -29.21 -28.74
CA SER J 36 -11.69 -30.24 -27.73
C SER J 36 -11.28 -31.56 -28.38
N TRP J 37 -10.51 -32.33 -27.63
CA TRP J 37 -10.07 -33.66 -28.04
C TRP J 37 -10.50 -34.67 -26.98
N TYR J 38 -11.13 -35.75 -27.46
CA TYR J 38 -11.66 -36.81 -26.63
C TYR J 38 -11.01 -38.14 -27.02
N GLN J 39 -10.82 -39.00 -26.02
CA GLN J 39 -10.22 -40.32 -26.20
C GLN J 39 -11.22 -41.38 -25.76
N GLN J 40 -11.45 -42.37 -26.61
CA GLN J 40 -12.43 -43.42 -26.37
C GLN J 40 -11.78 -44.79 -26.57
N HIS J 41 -11.53 -45.49 -25.47
CA HIS J 41 -11.13 -46.88 -25.54
C HIS J 41 -12.34 -47.75 -25.91
N PRO J 42 -12.13 -48.90 -26.54
CA PRO J 42 -13.27 -49.75 -26.93
C PRO J 42 -14.14 -50.20 -25.77
N GLY J 43 -15.45 -50.09 -25.94
CA GLY J 43 -16.39 -50.47 -24.91
C GLY J 43 -16.49 -49.51 -23.75
N LYS J 44 -15.96 -48.29 -23.87
CA LYS J 44 -15.97 -47.33 -22.78
C LYS J 44 -16.48 -45.99 -23.31
N ALA J 45 -16.91 -45.14 -22.37
CA ALA J 45 -17.41 -43.82 -22.71
C ALA J 45 -16.25 -42.92 -23.15
N PRO J 46 -16.52 -41.91 -23.97
CA PRO J 46 -15.47 -40.94 -24.33
C PRO J 46 -14.97 -40.20 -23.11
N LYS J 47 -13.68 -39.88 -23.14
CA LYS J 47 -13.02 -39.14 -22.07
C LYS J 47 -12.36 -37.91 -22.66
N LEU J 48 -12.63 -36.74 -22.07
CA LEU J 48 -12.00 -35.51 -22.51
C LEU J 48 -10.53 -35.51 -22.13
N ILE J 49 -9.67 -35.27 -23.11
CA ILE J 49 -8.24 -35.16 -22.86
C ILE J 49 -7.71 -33.77 -23.15
N ILE J 50 -8.35 -33.00 -24.03
CA ILE J 50 -7.94 -31.63 -24.32
C ILE J 50 -9.18 -30.76 -24.44
N TYR J 51 -9.16 -29.60 -23.79
CA TYR J 51 -10.19 -28.59 -24.03
C TYR J 51 -9.52 -27.24 -24.22
N ASP J 52 -10.20 -26.36 -24.95
CA ASP J 52 -9.72 -25.01 -25.26
C ASP J 52 -8.36 -25.06 -25.95
N VAL J 53 -8.27 -25.89 -26.99
CA VAL J 53 -7.12 -26.02 -27.88
C VAL J 53 -5.89 -26.55 -27.15
N THR J 54 -5.40 -25.80 -26.16
CA THR J 54 -4.14 -26.17 -25.50
C THR J 54 -4.36 -26.69 -24.08
N ASN J 55 -5.42 -26.27 -23.41
CA ASN J 55 -5.61 -26.61 -22.00
C ASN J 55 -5.88 -28.10 -21.83
N ARG J 56 -5.55 -28.60 -20.64
CA ARG J 56 -5.61 -30.03 -20.36
C ARG J 56 -6.19 -30.28 -18.97
N PRO J 57 -7.15 -31.19 -18.84
CA PRO J 57 -7.74 -31.45 -17.52
C PRO J 57 -6.76 -32.12 -16.59
N SER J 58 -6.98 -31.95 -15.29
CA SER J 58 -6.20 -32.66 -14.29
C SER J 58 -6.49 -34.14 -14.34
N GLY J 59 -5.47 -34.95 -14.05
CA GLY J 59 -5.58 -36.39 -14.17
C GLY J 59 -5.27 -36.93 -15.55
N VAL J 60 -4.99 -36.05 -16.50
CA VAL J 60 -4.62 -36.44 -17.87
C VAL J 60 -3.11 -36.35 -17.98
N SER J 61 -2.51 -37.34 -18.65
CA SER J 61 -1.06 -37.41 -18.76
C SER J 61 -0.50 -36.21 -19.51
N ASP J 62 0.68 -35.76 -19.08
CA ASP J 62 1.29 -34.57 -19.68
C ASP J 62 1.81 -34.86 -21.08
N ARG J 63 1.82 -36.13 -21.49
CA ARG J 63 2.27 -36.49 -22.83
C ARG J 63 1.36 -35.97 -23.93
N LEU J 64 0.10 -35.67 -23.60
CA LEU J 64 -0.83 -35.16 -24.59
C LEU J 64 -0.76 -33.64 -24.65
N SER J 65 -0.56 -33.11 -25.85
CA SER J 65 -0.36 -31.68 -26.06
C SER J 65 -1.15 -31.26 -27.31
N GLY J 66 -2.23 -30.51 -27.10
CA GLY J 66 -3.00 -29.98 -28.20
C GLY J 66 -2.43 -28.70 -28.77
N SER J 67 -2.66 -28.44 -30.05
CA SER J 67 -2.17 -27.23 -30.69
C SER J 67 -3.04 -26.85 -31.88
N LYS J 68 -3.05 -25.58 -32.24
CA LYS J 68 -3.79 -25.08 -33.39
C LYS J 68 -2.89 -24.20 -34.24
N SER J 69 -3.12 -24.26 -35.55
CA SER J 69 -2.34 -23.44 -36.49
C SER J 69 -3.22 -23.20 -37.71
N GLY J 70 -3.72 -21.98 -37.85
CA GLY J 70 -4.61 -21.65 -38.95
C GLY J 70 -5.99 -22.26 -38.78
N THR J 71 -6.39 -23.13 -39.71
CA THR J 71 -7.68 -23.78 -39.67
C THR J 71 -7.56 -25.28 -39.42
N THR J 72 -6.42 -25.72 -38.88
CA THR J 72 -6.18 -27.14 -38.59
C THR J 72 -5.67 -27.25 -37.16
N ALA J 73 -6.38 -28.04 -36.35
CA ALA J 73 -5.90 -28.35 -35.01
C ALA J 73 -5.07 -29.62 -35.02
N SER J 74 -4.18 -29.75 -34.05
CA SER J 74 -3.29 -30.90 -33.99
C SER J 74 -3.18 -31.40 -32.56
N LEU J 75 -3.26 -32.71 -32.39
CA LEU J 75 -3.00 -33.37 -31.12
C LEU J 75 -1.69 -34.14 -31.23
N THR J 76 -0.76 -33.85 -30.34
CA THR J 76 0.55 -34.50 -30.36
C THR J 76 0.68 -35.41 -29.14
N ILE J 77 0.98 -36.67 -29.39
CA ILE J 77 1.19 -37.65 -28.33
C ILE J 77 2.67 -38.03 -28.36
N SER J 78 3.42 -37.58 -27.36
CA SER J 78 4.83 -37.88 -27.25
C SER J 78 5.05 -39.02 -26.26
N GLY J 79 5.88 -39.98 -26.63
CA GLY J 79 6.06 -41.16 -25.82
C GLY J 79 4.87 -42.09 -25.94
N LEU J 80 4.68 -42.63 -27.15
CA LEU J 80 3.51 -43.46 -27.48
C LEU J 80 3.58 -44.76 -26.68
N GLN J 81 2.72 -44.90 -25.68
CA GLN J 81 2.62 -46.13 -24.92
C GLN J 81 1.46 -46.97 -25.44
N ALA J 82 1.31 -48.17 -24.87
CA ALA J 82 0.29 -49.11 -25.30
C ALA J 82 -1.11 -48.79 -24.76
N GLU J 83 -1.21 -47.95 -23.74
CA GLU J 83 -2.51 -47.54 -23.24
C GLU J 83 -3.09 -46.38 -24.04
N ASP J 84 -2.35 -45.86 -25.01
CA ASP J 84 -2.77 -44.76 -25.85
C ASP J 84 -3.49 -45.23 -27.10
N GLU J 85 -3.74 -46.53 -27.23
CA GLU J 85 -4.45 -47.09 -28.36
C GLU J 85 -5.95 -46.93 -28.13
N ALA J 86 -6.55 -45.95 -28.80
CA ALA J 86 -7.97 -45.66 -28.64
C ALA J 86 -8.40 -44.78 -29.80
N ASP J 87 -9.73 -44.60 -29.93
CA ASP J 87 -10.26 -43.65 -30.88
C ASP J 87 -10.07 -42.23 -30.36
N TYR J 88 -9.79 -41.30 -31.27
CA TYR J 88 -9.54 -39.92 -30.91
C TYR J 88 -10.44 -39.02 -31.73
N TYR J 89 -11.18 -38.15 -31.05
CA TYR J 89 -12.20 -37.31 -31.67
C TYR J 89 -11.92 -35.85 -31.42
N CYS J 90 -12.14 -35.02 -32.44
CA CYS J 90 -12.02 -33.58 -32.32
C CYS J 90 -13.38 -32.92 -32.46
N SER J 91 -13.66 -31.96 -31.59
CA SER J 91 -14.91 -31.22 -31.61
C SER J 91 -14.63 -29.73 -31.56
N SER J 92 -15.52 -28.96 -32.18
CA SER J 92 -15.36 -27.52 -32.25
C SER J 92 -16.72 -26.85 -32.10
N TYR J 93 -16.70 -25.57 -31.75
CA TYR J 93 -17.89 -24.75 -31.67
C TYR J 93 -18.24 -24.27 -33.07
N GLY J 94 -19.44 -24.63 -33.53
CA GLY J 94 -19.85 -24.27 -34.88
C GLY J 94 -20.03 -22.77 -35.05
N GLY J 95 -20.58 -22.11 -34.03
CA GLY J 95 -20.77 -20.68 -34.10
C GLY J 95 -22.08 -20.18 -33.52
N ASN J 96 -23.14 -20.99 -33.62
CA ASN J 96 -24.44 -20.62 -33.06
C ASN J 96 -24.94 -21.77 -32.20
N TYR J 97 -24.44 -21.84 -30.95
CA TYR J 97 -24.85 -22.83 -29.95
C TYR J 97 -24.87 -24.26 -30.52
N ASN J 98 -23.86 -24.57 -31.33
CA ASN J 98 -23.79 -25.85 -32.03
C ASN J 98 -22.36 -26.37 -31.96
N LEU J 99 -22.22 -27.68 -31.73
CA LEU J 99 -20.92 -28.34 -31.74
C LEU J 99 -20.83 -29.25 -32.95
N VAL J 100 -19.64 -29.31 -33.55
CA VAL J 100 -19.37 -30.16 -34.71
C VAL J 100 -18.23 -31.11 -34.35
N PHE J 101 -18.42 -32.38 -34.67
CA PHE J 101 -17.45 -33.42 -34.35
C PHE J 101 -16.64 -33.81 -35.58
N GLY J 102 -15.60 -34.59 -35.34
CA GLY J 102 -14.81 -35.19 -36.41
C GLY J 102 -15.29 -36.57 -36.78
N GLY J 103 -14.39 -37.35 -37.33
CA GLY J 103 -14.74 -38.69 -37.76
C GLY J 103 -14.17 -39.78 -36.87
N GLY J 104 -13.03 -39.50 -36.24
CA GLY J 104 -12.40 -40.47 -35.37
C GLY J 104 -11.16 -41.10 -35.97
N THR J 105 -10.08 -41.16 -35.19
CA THR J 105 -8.83 -41.76 -35.63
C THR J 105 -8.53 -42.99 -34.78
N LYS J 106 -8.34 -44.12 -35.45
CA LYS J 106 -8.00 -45.37 -34.80
C LYS J 106 -6.49 -45.44 -34.61
N LEU J 107 -6.01 -44.91 -33.51
CA LEU J 107 -4.59 -45.01 -33.20
C LEU J 107 -4.23 -46.43 -32.82
N THR J 108 -3.15 -46.94 -33.41
CA THR J 108 -2.69 -48.30 -33.15
C THR J 108 -1.19 -48.27 -32.93
N VAL J 109 -0.74 -48.69 -31.76
CA VAL J 109 0.68 -48.80 -31.48
C VAL J 109 1.17 -50.17 -31.92
N LEU J 110 2.45 -50.26 -32.21
CA LEU J 110 3.04 -51.49 -32.74
C LEU J 110 4.10 -52.04 -31.80
N LEU K 4 43.96 12.16 9.54
CA LEU K 4 44.35 12.94 10.71
C LEU K 4 45.85 13.14 10.79
N VAL K 5 46.31 14.31 10.37
CA VAL K 5 47.72 14.66 10.45
C VAL K 5 47.95 15.46 11.71
N GLU K 6 49.18 15.39 12.24
CA GLU K 6 49.54 16.04 13.49
C GLU K 6 50.83 16.82 13.29
N SER K 7 51.21 17.60 14.31
CA SER K 7 52.38 18.44 14.23
C SER K 7 53.65 17.62 14.48
N GLY K 8 54.79 18.32 14.50
CA GLY K 8 56.05 17.66 14.74
C GLY K 8 56.43 17.62 16.22
N ALA K 9 57.51 16.91 16.50
CA ALA K 9 58.03 16.83 17.86
C ALA K 9 58.71 18.14 18.24
N GLU K 10 58.36 18.67 19.40
CA GLU K 10 58.88 19.95 19.88
C GLU K 10 59.40 19.79 21.29
N VAL K 11 60.72 19.99 21.45
CA VAL K 11 61.37 19.91 22.76
C VAL K 11 61.24 21.27 23.45
N LYS K 12 60.98 21.24 24.75
CA LYS K 12 60.73 22.45 25.51
C LYS K 12 61.40 22.34 26.88
N LYS K 13 61.73 23.49 27.43
CA LYS K 13 62.22 23.63 28.80
C LYS K 13 61.06 23.65 29.78
N PRO K 14 61.28 23.28 31.04
CA PRO K 14 60.21 23.36 32.03
C PRO K 14 59.72 24.79 32.22
N GLY K 15 58.41 24.92 32.42
CA GLY K 15 57.80 26.23 32.56
C GLY K 15 57.43 26.91 31.26
N SER K 16 57.68 26.27 30.12
CA SER K 16 57.36 26.85 28.82
C SER K 16 55.96 26.43 28.40
N SER K 17 55.61 26.70 27.14
CA SER K 17 54.30 26.36 26.59
C SER K 17 54.47 25.64 25.27
N VAL K 18 53.61 24.65 25.04
CA VAL K 18 53.65 23.86 23.82
C VAL K 18 52.27 23.88 23.16
N LYS K 19 52.26 23.85 21.83
CA LYS K 19 51.04 23.92 21.02
C LYS K 19 51.07 22.76 20.03
N VAL K 20 50.24 21.76 20.27
CA VAL K 20 50.13 20.62 19.36
C VAL K 20 48.90 20.80 18.47
N SER K 21 49.01 20.37 17.22
CA SER K 21 47.95 20.57 16.25
C SER K 21 47.51 19.21 15.69
N CYS K 22 46.26 19.16 15.24
CA CYS K 22 45.71 17.96 14.63
C CYS K 22 44.72 18.40 13.58
N MET K 23 45.03 18.15 12.31
CA MET K 23 44.20 18.56 11.20
C MET K 23 43.56 17.35 10.55
N ALA K 24 42.23 17.38 10.43
CA ALA K 24 41.46 16.28 9.85
C ALA K 24 41.16 16.60 8.40
N SER K 25 41.59 15.72 7.50
CA SER K 25 41.38 15.89 6.07
C SER K 25 40.57 14.72 5.52
N GLY K 26 39.63 15.03 4.65
CA GLY K 26 38.78 14.01 4.06
C GLY K 26 37.32 14.40 4.02
N GLY K 27 37.01 15.61 4.45
CA GLY K 27 35.65 16.10 4.45
C GLY K 27 35.50 17.22 5.47
N SER K 28 34.26 17.47 5.85
CA SER K 28 33.93 18.49 6.85
C SER K 28 33.65 17.79 8.17
N PHE K 29 34.44 18.11 9.19
CA PHE K 29 34.35 17.47 10.50
C PHE K 29 34.15 18.49 11.60
N GLY K 30 33.41 19.56 11.31
CA GLY K 30 33.11 20.55 12.33
C GLY K 30 32.19 20.01 13.41
N SER K 31 31.21 19.19 13.02
CA SER K 31 30.25 18.63 13.96
C SER K 31 30.76 17.40 14.67
N TYR K 32 31.95 16.91 14.35
CA TYR K 32 32.51 15.71 14.94
C TYR K 32 33.31 16.07 16.20
N GLY K 33 33.40 15.12 17.12
CA GLY K 33 34.12 15.35 18.35
C GLY K 33 35.58 14.97 18.24
N PHE K 34 36.46 15.82 18.76
CA PHE K 34 37.89 15.59 18.75
C PHE K 34 38.40 15.54 20.18
N SER K 35 39.10 14.46 20.52
CA SER K 35 39.59 14.22 21.87
C SER K 35 41.11 14.13 21.88
N TRP K 36 41.70 14.52 23.01
CA TRP K 36 43.14 14.51 23.20
C TRP K 36 43.50 13.52 24.30
N VAL K 37 44.44 12.61 23.99
CA VAL K 37 44.83 11.55 24.91
C VAL K 37 46.33 11.64 25.14
N ARG K 38 46.74 11.47 26.39
CA ARG K 38 48.15 11.55 26.75
C ARG K 38 48.63 10.18 27.23
N GLN K 39 49.74 9.70 26.67
CA GLN K 39 50.34 8.45 27.10
C GLN K 39 51.78 8.71 27.54
N ALA K 40 52.02 8.63 28.84
CA ALA K 40 53.37 8.70 29.36
C ALA K 40 54.16 7.46 28.93
N PRO K 41 55.48 7.58 28.78
CA PRO K 41 56.28 6.43 28.34
C PRO K 41 56.24 5.30 29.36
N GLY K 42 55.62 4.19 28.97
CA GLY K 42 55.45 3.05 29.83
C GLY K 42 54.16 3.04 30.63
N GLN K 43 53.41 4.14 30.62
CA GLN K 43 52.18 4.22 31.37
C GLN K 43 50.97 4.08 30.45
N GLY K 44 49.78 4.26 31.01
CA GLY K 44 48.55 4.08 30.27
C GLY K 44 48.05 5.35 29.61
N LEU K 45 46.91 5.22 28.94
CA LEU K 45 46.30 6.35 28.26
C LEU K 45 45.49 7.19 29.25
N GLU K 46 45.52 8.51 29.03
CA GLU K 46 44.81 9.45 29.88
C GLU K 46 44.09 10.45 28.99
N TRP K 47 42.79 10.64 29.26
CA TRP K 47 41.92 11.49 28.44
C TRP K 47 41.99 12.91 28.96
N MET K 48 42.69 13.77 28.22
CA MET K 48 42.81 15.17 28.60
C MET K 48 41.49 15.92 28.43
N GLY K 49 40.85 15.77 27.27
CA GLY K 49 39.62 16.49 27.02
C GLY K 49 39.24 16.56 25.55
N GLY K 50 38.04 17.04 25.26
CA GLY K 50 37.55 17.05 23.90
C GLY K 50 36.91 18.38 23.53
N ILE K 51 36.59 18.50 22.24
CA ILE K 51 35.97 19.69 21.68
C ILE K 51 35.17 19.29 20.45
N ILE K 52 34.06 19.98 20.24
CA ILE K 52 33.35 19.98 18.97
C ILE K 52 33.68 21.30 18.27
N PRO K 53 34.39 21.27 17.14
CA PRO K 53 34.85 22.54 16.53
C PRO K 53 33.75 23.52 16.19
N LEU K 54 32.57 23.03 15.80
CA LEU K 54 31.45 23.93 15.55
C LEU K 54 31.00 24.65 16.82
N PHE K 55 30.89 23.91 17.93
CA PHE K 55 30.36 24.49 19.16
C PHE K 55 31.38 25.36 19.88
N ASP K 56 32.67 25.04 19.76
CA ASP K 56 33.76 25.78 20.40
C ASP K 56 33.60 25.87 21.92
N THR K 57 33.11 24.79 22.54
CA THR K 57 32.99 24.71 23.99
C THR K 57 33.72 23.46 24.47
N PRO K 58 34.99 23.58 24.86
CA PRO K 58 35.76 22.38 25.25
C PRO K 58 35.31 21.81 26.58
N ASN K 59 35.54 20.51 26.74
CA ASN K 59 35.34 19.80 27.99
C ASN K 59 36.69 19.27 28.46
N TYR K 60 37.00 19.48 29.73
CA TYR K 60 38.28 19.07 30.30
C TYR K 60 38.06 18.06 31.42
N ALA K 61 39.06 17.20 31.61
CA ALA K 61 39.06 16.30 32.76
C ALA K 61 39.32 17.10 34.03
N GLN K 62 38.88 16.54 35.16
CA GLN K 62 39.02 17.25 36.43
C GLN K 62 40.47 17.42 36.84
N LYS K 63 41.36 16.56 36.33
CA LYS K 63 42.77 16.68 36.66
C LYS K 63 43.53 17.55 35.67
N PHE K 64 42.86 18.04 34.62
CA PHE K 64 43.49 18.91 33.65
C PHE K 64 42.83 20.28 33.53
N GLN K 65 41.80 20.58 34.32
CA GLN K 65 41.19 21.90 34.30
C GLN K 65 42.17 22.94 34.82
N GLY K 66 42.24 24.07 34.13
CA GLY K 66 43.16 25.12 34.48
C GLY K 66 44.57 24.95 33.94
N ARG K 67 44.84 23.87 33.22
CA ARG K 67 46.17 23.62 32.66
C ARG K 67 46.15 23.61 31.14
N VAL K 68 45.27 22.82 30.52
CA VAL K 68 45.24 22.69 29.07
C VAL K 68 44.20 23.66 28.50
N THR K 69 44.42 24.10 27.27
CA THR K 69 43.46 24.92 26.55
C THR K 69 43.29 24.34 25.15
N ILE K 70 42.05 23.99 24.80
CA ILE K 70 41.75 23.36 23.52
C ILE K 70 40.97 24.35 22.67
N THR K 71 41.50 24.66 21.48
CA THR K 71 40.85 25.54 20.53
C THR K 71 40.66 24.80 19.23
N ALA K 72 39.80 25.33 18.37
CA ALA K 72 39.49 24.66 17.12
C ALA K 72 39.14 25.66 16.03
N ASP K 73 39.39 25.26 14.79
CA ASP K 73 38.95 25.97 13.60
C ASP K 73 38.09 24.99 12.80
N ALA K 74 36.78 25.25 12.79
CA ALA K 74 35.82 24.35 12.16
C ALA K 74 35.88 24.38 10.63
N SER K 75 36.20 25.53 10.05
CA SER K 75 36.30 25.62 8.59
C SER K 75 37.44 24.77 8.07
N THR K 76 38.58 24.80 8.75
CA THR K 76 39.72 23.96 8.39
C THR K 76 39.74 22.65 9.16
N SER K 77 38.83 22.47 10.13
CA SER K 77 38.74 21.26 10.95
C SER K 77 40.06 20.94 11.63
N THR K 78 40.70 21.96 12.19
CA THR K 78 42.00 21.82 12.85
C THR K 78 41.85 22.11 14.34
N VAL K 79 42.30 21.17 15.17
CA VAL K 79 42.19 21.27 16.61
C VAL K 79 43.56 21.49 17.21
N TYR K 80 43.68 22.51 18.05
CA TYR K 80 44.92 22.89 18.71
C TYR K 80 44.79 22.65 20.20
N MET K 81 45.84 22.11 20.81
CA MET K 81 45.90 21.94 22.25
C MET K 81 47.15 22.65 22.77
N GLU K 82 46.96 23.61 23.66
CA GLU K 82 48.04 24.38 24.26
C GLU K 82 48.21 23.94 25.71
N LEU K 83 49.40 23.46 26.03
CA LEU K 83 49.75 23.04 27.38
C LEU K 83 50.84 23.95 27.92
N SER K 84 50.57 24.59 29.05
CA SER K 84 51.46 25.58 29.63
C SER K 84 51.95 25.11 30.99
N SER K 85 53.14 25.63 31.37
CA SER K 85 53.77 25.34 32.66
C SER K 85 54.01 23.84 32.83
N LEU K 86 54.90 23.31 31.99
CA LEU K 86 55.26 21.90 32.07
C LEU K 86 55.95 21.60 33.39
N ARG K 87 55.55 20.48 34.03
CA ARG K 87 55.96 20.16 35.38
C ARG K 87 56.68 18.82 35.48
N SER K 88 57.57 18.53 34.54
CA SER K 88 58.47 17.37 34.55
C SER K 88 57.76 16.02 34.47
N GLU K 89 56.43 16.01 34.39
CA GLU K 89 55.67 14.78 34.20
C GLU K 89 54.81 14.87 32.94
N ASP K 90 55.05 15.90 32.13
CA ASP K 90 54.33 16.09 30.89
C ASP K 90 55.05 15.51 29.68
N THR K 91 56.21 14.89 29.87
CA THR K 91 56.88 14.19 28.78
C THR K 91 56.09 12.94 28.45
N ALA K 92 55.50 12.90 27.26
CA ALA K 92 54.58 11.84 26.89
C ALA K 92 54.38 11.89 25.37
N VAL K 93 53.40 11.13 24.91
CA VAL K 93 52.97 11.14 23.51
C VAL K 93 51.52 11.58 23.49
N TYR K 94 51.21 12.56 22.64
CA TYR K 94 49.90 13.19 22.60
C TYR K 94 49.17 12.78 21.35
N TYR K 95 47.98 12.20 21.51
CA TYR K 95 47.19 11.63 20.44
C TYR K 95 45.93 12.45 20.25
N CYS K 96 45.55 12.65 18.99
CA CYS K 96 44.30 13.30 18.62
C CYS K 96 43.40 12.25 18.01
N ALA K 97 42.18 12.13 18.53
CA ALA K 97 41.21 11.16 18.05
C ALA K 97 39.94 11.87 17.62
N ARG K 98 39.22 11.28 16.67
CA ARG K 98 38.01 11.87 16.13
C ARG K 98 36.91 10.80 16.07
N ASP K 99 35.69 11.22 16.42
CA ASP K 99 34.53 10.35 16.31
C ASP K 99 34.25 10.01 14.85
N SER K 100 33.62 8.85 14.65
CA SER K 100 33.20 8.42 13.32
C SER K 100 31.79 8.86 12.98
N LEU K 101 31.07 9.46 13.94
CA LEU K 101 29.70 9.89 13.75
C LEU K 101 29.58 11.34 14.19
N PRO K 102 28.72 12.12 13.55
CA PRO K 102 28.55 13.52 13.95
C PRO K 102 27.81 13.63 15.26
N TYR K 103 27.77 14.85 15.79
CA TYR K 103 27.04 15.10 17.02
C TYR K 103 25.55 14.87 16.82
N GLY K 104 24.91 14.26 17.82
CA GLY K 104 23.50 14.03 17.75
C GLY K 104 22.93 13.73 19.12
N ASP K 105 21.62 13.47 19.16
CA ASP K 105 20.95 13.11 20.38
C ASP K 105 21.42 11.78 20.96
N GLN K 106 21.91 10.88 20.12
CA GLN K 106 22.41 9.58 20.57
C GLN K 106 23.92 9.49 20.47
N ASN K 107 24.60 10.58 20.13
CA ASN K 107 26.05 10.60 20.00
C ASN K 107 26.60 11.83 20.72
N TYR K 108 26.13 12.05 21.94
CA TYR K 108 26.60 13.19 22.73
C TYR K 108 27.97 12.95 23.34
N TYR K 109 28.27 11.69 23.67
CA TYR K 109 29.56 11.37 24.25
C TYR K 109 30.66 11.42 23.19
N TYR K 110 31.90 11.62 23.66
CA TYR K 110 33.05 11.74 22.77
C TYR K 110 33.54 10.33 22.41
N GLY K 111 33.14 9.86 21.24
CA GLY K 111 33.70 8.63 20.72
C GLY K 111 35.08 8.85 20.12
N MET K 112 35.90 7.81 20.18
CA MET K 112 37.28 7.85 19.69
C MET K 112 37.44 6.71 18.69
N HIS K 113 37.26 7.01 17.41
CA HIS K 113 37.25 6.01 16.36
C HIS K 113 38.45 6.12 15.43
N VAL K 114 38.78 7.32 14.97
CA VAL K 114 39.91 7.54 14.09
C VAL K 114 41.01 8.21 14.89
N TRP K 115 42.18 7.58 14.94
CA TRP K 115 43.28 8.03 15.78
C TRP K 115 44.40 8.60 14.92
N GLY K 116 45.00 9.70 15.41
CA GLY K 116 46.15 10.28 14.76
C GLY K 116 47.42 9.51 15.08
N GLN K 117 48.49 9.88 14.38
CA GLN K 117 49.77 9.20 14.56
C GLN K 117 50.45 9.59 15.86
N GLY K 118 50.07 10.70 16.47
CA GLY K 118 50.63 11.11 17.75
C GLY K 118 51.92 11.88 17.61
N THR K 119 52.15 12.77 18.57
CA THR K 119 53.37 13.56 18.65
C THR K 119 54.02 13.32 20.01
N THR K 120 55.33 13.08 19.99
CA THR K 120 56.09 12.95 21.23
C THR K 120 56.72 14.29 21.56
N VAL K 121 56.43 14.81 22.75
CA VAL K 121 56.93 16.13 23.11
C VAL K 121 58.41 16.08 23.44
N THR K 122 58.82 15.09 24.24
CA THR K 122 60.18 14.97 24.78
C THR K 122 60.62 16.31 25.40
N VAL K 123 59.89 16.69 26.45
CA VAL K 123 60.04 18.03 27.03
C VAL K 123 60.43 17.91 28.50
N SER K 124 60.51 19.07 29.17
CA SER K 124 60.80 19.17 30.60
C SER K 124 62.19 18.62 30.92
N SER K 125 63.20 19.26 30.34
CA SER K 125 64.59 18.89 30.57
C SER K 125 65.22 19.78 31.63
N SER L 2 42.66 6.22 37.54
CA SER L 2 42.21 5.38 36.45
C SER L 2 40.70 5.25 36.44
N ALA L 3 40.14 4.86 37.59
CA ALA L 3 38.72 4.64 37.87
C ALA L 3 38.17 3.41 37.17
N LEU L 4 38.95 2.73 36.33
CA LEU L 4 38.56 1.44 35.76
C LEU L 4 39.70 0.47 35.99
N THR L 5 39.38 -0.67 36.59
CA THR L 5 40.40 -1.63 37.01
C THR L 5 40.54 -2.70 35.92
N GLN L 6 41.76 -2.91 35.48
CA GLN L 6 42.11 -3.93 34.50
C GLN L 6 43.23 -4.81 35.03
N PRO L 7 43.30 -6.06 34.57
CA PRO L 7 44.45 -6.91 34.92
C PRO L 7 45.74 -6.30 34.40
N ALA L 8 46.81 -6.43 35.19
CA ALA L 8 48.10 -5.90 34.78
C ALA L 8 48.64 -6.62 33.55
N SER L 9 48.48 -7.94 33.50
CA SER L 9 48.96 -8.73 32.38
C SER L 9 48.18 -10.03 32.30
N LEU L 10 48.03 -10.54 31.08
CA LEU L 10 47.45 -11.85 30.84
C LEU L 10 48.32 -12.62 29.86
N SER L 11 48.29 -13.95 29.98
CA SER L 11 49.04 -14.83 29.11
C SER L 11 48.12 -15.92 28.59
N GLY L 12 48.40 -16.38 27.37
CA GLY L 12 47.60 -17.42 26.76
C GLY L 12 48.36 -18.13 25.68
N SER L 13 47.86 -19.30 25.32
CA SER L 13 48.43 -20.15 24.29
C SER L 13 47.64 -20.00 22.99
N PRO L 14 48.29 -20.23 21.84
CA PRO L 14 47.58 -20.13 20.57
C PRO L 14 46.43 -21.14 20.47
N GLY L 15 45.34 -20.70 19.85
CA GLY L 15 44.17 -21.53 19.69
C GLY L 15 43.25 -21.54 20.90
N GLN L 16 43.64 -20.82 21.95
CA GLN L 16 42.89 -20.76 23.19
C GLN L 16 42.27 -19.38 23.39
N SER L 17 40.97 -19.34 23.64
CA SER L 17 40.27 -18.09 23.87
C SER L 17 40.63 -17.51 25.23
N ILE L 18 40.74 -16.18 25.29
CA ILE L 18 41.08 -15.47 26.50
C ILE L 18 40.05 -14.35 26.70
N THR L 19 39.94 -13.88 27.94
CA THR L 19 38.98 -12.85 28.29
C THR L 19 39.65 -11.84 29.22
N ILE L 20 39.57 -10.56 28.84
CA ILE L 20 40.10 -9.46 29.63
C ILE L 20 38.92 -8.73 30.27
N SER L 21 39.06 -8.41 31.55
CA SER L 21 37.99 -7.79 32.33
C SER L 21 38.30 -6.32 32.56
N CYS L 22 37.23 -5.54 32.81
CA CYS L 22 37.37 -4.12 33.09
C CYS L 22 36.24 -3.74 34.05
N SER L 23 36.57 -3.62 35.33
CA SER L 23 35.58 -3.35 36.37
C SER L 23 35.51 -1.86 36.68
N GLY L 24 34.31 -1.40 37.04
CA GLY L 24 34.10 0.00 37.35
C GLY L 24 32.97 0.18 38.34
N SER L 25 32.75 1.43 38.72
CA SER L 25 31.73 1.80 39.68
C SER L 25 30.39 2.02 38.97
N SER L 26 29.43 2.58 39.71
CA SER L 26 28.10 2.82 39.14
C SER L 26 28.14 3.92 38.08
N SER L 27 28.80 5.04 38.39
CA SER L 27 28.93 6.12 37.40
C SER L 27 29.81 5.69 36.22
N ASP L 28 30.68 4.71 36.43
CA ASP L 28 31.46 4.07 35.39
C ASP L 28 30.63 2.97 34.74
N ILE L 29 31.30 2.02 34.07
CA ILE L 29 30.63 0.86 33.46
C ILE L 29 29.62 0.26 34.43
N GLY L 30 28.37 0.15 33.97
CA GLY L 30 27.31 -0.38 34.81
C GLY L 30 25.98 0.34 34.66
N ASP L 31 26.02 1.63 34.32
CA ASP L 31 24.80 2.38 34.09
C ASP L 31 24.66 2.88 32.66
N TYR L 32 25.78 3.05 31.95
CA TYR L 32 25.77 3.45 30.55
C TYR L 32 26.37 2.34 29.70
N ASN L 33 25.86 2.19 28.49
CA ASN L 33 26.31 1.17 27.56
C ASN L 33 27.34 1.70 26.59
N TYR L 34 28.14 2.66 27.02
CA TYR L 34 29.20 3.26 26.19
C TYR L 34 30.53 2.76 26.73
N VAL L 35 30.95 1.58 26.26
CA VAL L 35 32.21 0.98 26.65
C VAL L 35 33.00 0.68 25.38
N SER L 36 34.23 1.15 25.33
CA SER L 36 35.08 0.99 24.16
C SER L 36 36.35 0.25 24.54
N TRP L 37 36.83 -0.57 23.62
CA TRP L 37 38.08 -1.31 23.75
C TRP L 37 39.01 -0.92 22.62
N TYR L 38 40.25 -0.59 22.99
CA TYR L 38 41.30 -0.18 22.07
C TYR L 38 42.48 -1.15 22.18
N GLN L 39 43.18 -1.33 21.07
CA GLN L 39 44.33 -2.21 20.99
C GLN L 39 45.53 -1.41 20.48
N GLN L 40 46.65 -1.51 21.20
CA GLN L 40 47.84 -0.72 20.90
C GLN L 40 49.04 -1.65 20.80
N HIS L 41 49.55 -1.82 19.59
CA HIS L 41 50.81 -2.51 19.39
C HIS L 41 51.97 -1.59 19.78
N PRO L 42 53.10 -2.15 20.21
CA PRO L 42 54.22 -1.32 20.66
C PRO L 42 54.70 -0.36 19.57
N GLY L 43 54.87 0.90 19.95
CA GLY L 43 55.32 1.92 19.03
C GLY L 43 54.30 2.36 18.00
N LYS L 44 53.01 2.17 18.28
CA LYS L 44 51.96 2.52 17.34
C LYS L 44 50.81 3.19 18.09
N ALA L 45 49.98 3.90 17.33
CA ALA L 45 48.82 4.55 17.91
C ALA L 45 47.77 3.53 18.32
N PRO L 46 46.92 3.86 19.30
CA PRO L 46 45.83 2.95 19.66
C PRO L 46 44.84 2.78 18.50
N LYS L 47 44.26 1.58 18.44
CA LYS L 47 43.29 1.24 17.41
C LYS L 47 42.01 0.78 18.09
N LEU L 48 40.89 1.40 17.72
CA LEU L 48 39.60 0.98 18.26
C LEU L 48 39.21 -0.38 17.71
N ILE L 49 38.91 -1.32 18.61
CA ILE L 49 38.47 -2.64 18.22
C ILE L 49 37.03 -2.92 18.66
N ILE L 50 36.57 -2.28 19.73
CA ILE L 50 35.19 -2.43 20.18
C ILE L 50 34.64 -1.07 20.56
N TYR L 51 33.42 -0.76 20.10
CA TYR L 51 32.70 0.40 20.61
C TYR L 51 31.25 -0.01 20.88
N ASP L 52 30.61 0.74 21.78
CA ASP L 52 29.23 0.48 22.21
C ASP L 52 29.08 -0.93 22.75
N VAL L 53 30.01 -1.33 23.61
CA VAL L 53 30.01 -2.59 24.37
C VAL L 53 30.16 -3.80 23.45
N THR L 54 29.27 -3.96 22.49
CA THR L 54 29.25 -5.13 21.62
C THR L 54 29.59 -4.84 20.17
N ASN L 55 29.35 -3.63 19.69
CA ASN L 55 29.56 -3.34 18.28
C ASN L 55 31.03 -3.34 17.92
N ARG L 56 31.32 -3.64 16.66
CA ARG L 56 32.69 -3.80 16.20
C ARG L 56 32.89 -3.10 14.86
N PRO L 57 33.95 -2.30 14.71
CA PRO L 57 34.17 -1.59 13.45
C PRO L 57 34.53 -2.53 12.32
N SER L 58 34.30 -2.06 11.10
CA SER L 58 34.71 -2.80 9.91
C SER L 58 36.23 -2.84 9.82
N GLY L 59 36.75 -3.94 9.30
CA GLY L 59 38.17 -4.17 9.25
C GLY L 59 38.76 -4.79 10.50
N VAL L 60 37.96 -5.01 11.52
CA VAL L 60 38.38 -5.67 12.75
C VAL L 60 37.92 -7.12 12.70
N SER L 61 38.81 -8.05 13.05
CA SER L 61 38.51 -9.46 12.94
C SER L 61 37.35 -9.85 13.86
N ASP L 62 36.54 -10.80 13.39
CA ASP L 62 35.38 -11.27 14.14
C ASP L 62 35.76 -12.06 15.38
N ARG L 63 37.02 -12.41 15.53
CA ARG L 63 37.47 -13.14 16.71
C ARG L 63 37.35 -12.30 17.98
N LEU L 64 37.39 -10.97 17.86
CA LEU L 64 37.25 -10.09 19.01
C LEU L 64 35.77 -9.82 19.26
N SER L 65 35.33 -10.04 20.50
CA SER L 65 33.95 -9.79 20.87
C SER L 65 33.92 -9.08 22.22
N GLY L 66 32.83 -8.36 22.46
CA GLY L 66 32.68 -7.65 23.72
C GLY L 66 31.36 -7.89 24.39
N SER L 67 31.32 -7.82 25.72
CA SER L 67 30.09 -8.06 26.46
C SER L 67 30.12 -7.42 27.83
N LYS L 68 29.04 -6.73 28.21
CA LYS L 68 28.92 -6.16 29.54
C LYS L 68 28.13 -7.11 30.44
N SER L 69 28.43 -7.05 31.74
CA SER L 69 27.71 -7.84 32.72
C SER L 69 27.82 -7.12 34.06
N GLY L 70 26.68 -6.68 34.59
CA GLY L 70 26.67 -5.92 35.82
C GLY L 70 27.42 -4.61 35.68
N THR L 71 28.55 -4.51 36.39
CA THR L 71 29.42 -3.35 36.31
C THR L 71 30.78 -3.70 35.71
N THR L 72 30.90 -4.87 35.09
CA THR L 72 32.17 -5.33 34.53
C THR L 72 31.99 -5.59 33.04
N ALA L 73 32.86 -4.99 32.23
CA ALA L 73 32.91 -5.32 30.82
C ALA L 73 33.98 -6.37 30.55
N SER L 74 33.81 -7.11 29.46
CA SER L 74 34.74 -8.18 29.12
C SER L 74 35.01 -8.16 27.62
N LEU L 75 36.27 -8.40 27.26
CA LEU L 75 36.69 -8.52 25.88
C LEU L 75 37.19 -9.95 25.68
N THR L 76 36.53 -10.69 24.80
CA THR L 76 36.86 -12.09 24.54
C THR L 76 37.54 -12.21 23.19
N ILE L 77 38.72 -12.80 23.18
CA ILE L 77 39.47 -13.08 21.96
C ILE L 77 39.53 -14.58 21.79
N SER L 78 38.87 -15.09 20.75
CA SER L 78 38.88 -16.50 20.43
C SER L 78 39.83 -16.76 19.27
N GLY L 79 40.59 -17.86 19.39
CA GLY L 79 41.62 -18.12 18.40
C GLY L 79 42.77 -17.16 18.56
N LEU L 80 43.53 -17.30 19.65
CA LEU L 80 44.55 -16.35 20.05
C LEU L 80 45.77 -16.50 19.14
N GLN L 81 45.77 -15.77 18.03
CA GLN L 81 46.90 -15.77 17.14
C GLN L 81 48.03 -14.91 17.69
N ALA L 82 49.20 -15.02 17.06
CA ALA L 82 50.39 -14.34 17.55
C ALA L 82 50.38 -12.84 17.29
N GLU L 83 49.55 -12.37 16.35
CA GLU L 83 49.46 -10.94 16.07
C GLU L 83 48.53 -10.22 17.03
N ASP L 84 47.93 -10.93 17.98
CA ASP L 84 47.04 -10.36 18.97
C ASP L 84 47.75 -9.91 20.23
N GLU L 85 49.08 -9.98 20.25
CA GLU L 85 49.87 -9.54 21.39
C GLU L 85 49.99 -8.02 21.35
N ALA L 86 49.29 -7.34 22.24
CA ALA L 86 49.29 -5.89 22.30
C ALA L 86 48.77 -5.44 23.67
N ASP L 87 48.72 -4.13 23.85
CA ASP L 87 48.14 -3.53 25.05
C ASP L 87 46.67 -3.26 24.80
N TYR L 88 45.82 -3.68 25.73
CA TYR L 88 44.38 -3.55 25.56
C TYR L 88 43.82 -2.61 26.61
N TYR L 89 43.09 -1.60 26.16
CA TYR L 89 42.59 -0.53 27.03
C TYR L 89 41.08 -0.48 26.95
N CYS L 90 40.44 -0.26 28.11
CA CYS L 90 39.00 -0.05 28.18
C CYS L 90 38.71 1.38 28.60
N SER L 91 37.74 1.98 27.93
CA SER L 91 37.30 3.33 28.25
C SER L 91 35.78 3.34 28.34
N SER L 92 35.27 4.29 29.12
CA SER L 92 33.83 4.41 29.32
C SER L 92 33.46 5.87 29.55
N TYR L 93 32.18 6.14 29.40
CA TYR L 93 31.61 7.48 29.59
C TYR L 93 31.11 7.58 31.02
N GLY L 94 31.79 8.38 31.82
CA GLY L 94 31.42 8.57 33.21
C GLY L 94 30.34 9.59 33.47
N GLY L 95 29.90 10.32 32.45
CA GLY L 95 28.90 11.34 32.63
C GLY L 95 29.48 12.74 32.63
N ASN L 96 28.65 13.73 32.27
CA ASN L 96 29.05 15.14 32.22
C ASN L 96 30.25 15.36 31.29
N TYR L 97 30.21 14.68 30.14
CA TYR L 97 31.23 14.79 29.09
C TYR L 97 32.62 14.47 29.64
N ASN L 98 32.76 13.26 30.17
CA ASN L 98 34.01 12.79 30.74
C ASN L 98 34.24 11.35 30.33
N LEU L 99 35.44 11.06 29.82
CA LEU L 99 35.83 9.72 29.45
C LEU L 99 36.89 9.21 30.43
N VAL L 100 36.72 7.98 30.91
CA VAL L 100 37.62 7.38 31.88
C VAL L 100 38.21 6.11 31.27
N PHE L 101 39.52 5.96 31.38
CA PHE L 101 40.26 4.84 30.82
C PHE L 101 40.52 3.76 31.85
N GLY L 102 40.99 2.61 31.36
CA GLY L 102 41.45 1.56 32.23
C GLY L 102 42.94 1.65 32.48
N GLY L 103 43.42 0.73 33.34
CA GLY L 103 44.83 0.73 33.67
C GLY L 103 45.72 0.32 32.51
N GLY L 104 45.28 -0.66 31.72
CA GLY L 104 46.08 -1.16 30.63
C GLY L 104 46.53 -2.59 30.84
N THR L 105 46.08 -3.49 29.97
CA THR L 105 46.39 -4.90 30.08
C THR L 105 47.33 -5.31 28.96
N LYS L 106 48.46 -5.90 29.30
CA LYS L 106 49.43 -6.38 28.32
C LYS L 106 49.20 -7.86 28.10
N LEU L 107 48.68 -8.21 26.93
CA LEU L 107 48.40 -9.59 26.59
C LEU L 107 49.61 -10.21 25.90
N THR L 108 50.02 -11.39 26.38
CA THR L 108 51.19 -12.09 25.85
C THR L 108 50.76 -13.46 25.35
N VAL L 109 51.11 -13.78 24.11
CA VAL L 109 50.78 -15.07 23.51
C VAL L 109 52.01 -15.98 23.62
N LEU L 110 51.82 -17.12 24.26
CA LEU L 110 52.90 -18.07 24.47
C LEU L 110 53.11 -18.94 23.23
#